data_7X8A
#
_entry.id   7X8A
#
_cell.length_a   1.00
_cell.length_b   1.00
_cell.length_c   1.00
_cell.angle_alpha   90.00
_cell.angle_beta   90.00
_cell.angle_gamma   90.00
#
_symmetry.space_group_name_H-M   'P 1'
#
loop_
_entity.id
_entity.type
_entity.pdbx_description
1 polymer 'CHAT domain protein'
2 polymer 'RAMP superfamily protein'
3 polymer 'RNA (33-MER)'
4 non-polymer 'ZINC ION'
#
loop_
_entity_poly.entity_id
_entity_poly.type
_entity_poly.pdbx_seq_one_letter_code
_entity_poly.pdbx_strand_id
1 'polypeptide(L)'
;MNNTEENIDRIQEPTREDIDRKEAERLLDEAFNPRTKPVDRKKIINSALKILIGLYKEKKDDLTSASFISIARAYYLVSI
TILPKGTTIPEKKKEALRKGIEFIDRAINKFNGSILDSQRAFRIKSVLSIEFNRIDREKCDNIKLKNLLNEAVDKGCTDF
DTYEWDIQIAIRLCELGVDMEGHFDNLIKSNKANDLQKAKAYYFIKKDDHKAKEHMDKCTASLKYTPCSHRLWDETVGFI
ERLKGDSSTLWRDFAIKTYRSCRVQEKETGTLRLRWYWSRHRVLYDMAFLAVKEQADDEEPDVNVKQAKIKKLAEISDSL
KSRFSLRLSDMEKMPKSDDESNHEFKKFLDKCVTAYQDGYVINRSEDKEGQGENKSTTSKQPEPRPQAKLLELTQVPEGW
VVVHFYLNKLEGMGNAIVFDKCANSWQYKEFQYKELFEVFLTWQANYNLYKENAAEHLVTLCKKIGETMPFLFCDNFIPN
GKDVLFVPHDFLHRLPLHGSIENKTNGKLFLENHSCCYLPAWSFASEKEASTSDEYVLLKNFDQGHFETLQNNQIWGTQS
VKDGASSDDLENIRNNPRLLTILCHGEANMSNPFRSMLKLANGGITYLEILNSVKGLKGSQVILGACETDLVPPLSDVMD
EHYSVATALLLIGAAGVVGTMWKVRSNKTKSLIEWKLENIEYKLNEWQKETGGAAYKDHPPTFYRSIAFRSIGFPL
;
D
2 'polypeptide(L)'
;MKSNDMNITVELTFFEPYRLVEWFDWDARKKSHSAMRGQAFAQWTWKGKGRTAGKSFITGTLVRSAVIKAVEELLSLNNG
KWEGVPCCNGSFQTDESKGKKPSFLRKRHTLQWQANNKNICDKEEACPFCILLGRFDNAGKVHERNKDYDIHFSNFDLDH
KQEKNDLRLVDIASGRILNRVDFDTGKAKDYFRTWEADYETYGTYTGRITLRNEHAKKLLLASLGFVDKLCGALCRIEVI
KKSESPLPSDTKEQSYTKDDTVEVLSEDHNDELRKQAEVIVEAFKQNDKLEKIRILADAIRTLRLHGEGVIEKDELPDGK
EERDKGHHLWDIKVQGTALRTKLKELWQSNKDIGWRKFTEMLGSNLYLIYKKETGGVSTRFRILGDTEYYSKAHDSEGSD
LFIPVTPPEGIETKEWIIVGRLKAATPFYFGVQQPSDSIPGKEKKSEDSLVINEHTSFNILLDKENRYRIPRSALRGALR
RDLRTAFGSGCNVSLGGQILCNCKVCIEMRRITLKDSVSDFSEPPEIRYRIAKNPGTATVEDGSLFDIEVGPEGLTFPFV
LRYRGHKFPEQLSSVIRYWEENDGKNGMAWLGGLDSTGKGRFALKDIKIFEWDLNQKINEYIKERGMRGKEKELLEMGES
SLPDGLIPYKFFEERECLFPYKENLKPQWSEVQYTIEVGSPLLTADTISALTEPGNRDAIAYKKRVYNDGNNAIEPEPRF
AVKSETHRGIFRTAVGRRTGDLGKEDHEDCTCDMCIIFGNEHESSKIRFEDLELINGNEFEKLEKHIDHVAIDRFTGGAL
DKAKFDTYPLAGSPKKPLKLKGRFWIKKGFSGDHKLLITTALSDIRDGLYPLGSKGGVGYGWVAGISIDDNVPDDFKEMI
NKTEMPLPEEVEESNNGPINNDYVHPGHQSPKQDHKNKNIYYPHYFLDSGSKVYREKDIITHEEFTEELLSGKINCKLET
LTPLIIPDTSDENGLKLQGNKPGHKNYKFFNINGELMIPGSELRGMLRTHFEALTKSCFAIFGEDSTLSWRMNADEKDYK
IDSNSIRKMESQRNPKYRIPDELQKELRNSGNGLFNRLYTSERRFWSDVSNKFENSIDYKREILRCAGRPKNYKGGIIRQ
RKDSLMAEELKVHRLPLYDNFDIPDSAYKANDHCRKSATCSTSRGCRERFTCGIKVRDKNRVFLNAANNNRQYLNNIKKS
NHDLYLQYLKGEKKIRFNSKVITGSERSPIDVIAELNERGRQTGFIKLSGLNNSNKSQGNTGTTFNSGWDRFELNILLDD
LETRPSKSDYPRPRLLFTKDQYEYNITKRCERVFEIDKGNKTGYPVDDQIKKNYEDILDSYDGIKDQEVAERFDTFTRGS
KLKVGDLVYFHIDGDNKIDSLIPVRISRKCASKTLGGKLDKALHPCTGLSDGLCPGCHLFGTTDYKGRVKFGFAKYENGP
EWLITRGNNPERSLTLGVLESPRPAFSIPDDESEIPGRKFYLHHNGWRIIRQKQLEIRETVQPERNVTTEVMDKGNVFSF
DVRFENLREWELGLLLQSLDPGKNIAHKLGKGKPYGFGSVKIKIDSLHTFKINSNNDKIKRVPQSDIREYINKGYQKLIE
WSGNNSIQKGNVLPQWHVIPHIDKLYKLLWVPFLNDSKLEPDVRYPVLNEESKGYIEGSDYTYKKLGDKDNLPYKTRVKG
LTTPWSPWNPFQVIAEHEEQEVNVTGSRPSVTDKIERDGKMV
;
A
3 'polyribonucleotide' GACUUAAUGUCACGGUACCCAAUUUUCUGCCCC C
#
loop_
_chem_comp.id
_chem_comp.type
_chem_comp.name
_chem_comp.formula
A RNA linking ADENOSINE-5'-MONOPHOSPHATE 'C10 H14 N5 O7 P'
C RNA linking CYTIDINE-5'-MONOPHOSPHATE 'C9 H14 N3 O8 P'
G RNA linking GUANOSINE-5'-MONOPHOSPHATE 'C10 H14 N5 O8 P'
U RNA linking URIDINE-5'-MONOPHOSPHATE 'C9 H13 N2 O9 P'
ZN non-polymer 'ZINC ION' 'Zn 2'
#
# COMPACT_ATOMS: atom_id res chain seq x y z
N GLU A 13 -45.62 -1.39 -14.17
CA GLU A 13 -45.30 -2.30 -13.07
C GLU A 13 -43.80 -2.47 -12.93
N PRO A 14 -43.12 -1.47 -12.39
CA PRO A 14 -41.66 -1.54 -12.24
C PRO A 14 -41.25 -2.60 -11.23
N THR A 15 -40.07 -3.16 -11.46
CA THR A 15 -39.47 -4.16 -10.58
C THR A 15 -38.26 -3.56 -9.86
N ARG A 16 -37.61 -4.40 -9.04
CA ARG A 16 -36.40 -3.96 -8.38
C ARG A 16 -35.29 -3.65 -9.39
N GLU A 17 -35.16 -4.50 -10.41
CA GLU A 17 -34.18 -4.26 -11.46
C GLU A 17 -34.42 -2.94 -12.18
N ASP A 18 -35.67 -2.63 -12.53
CA ASP A 18 -36.00 -1.39 -13.22
C ASP A 18 -35.74 -0.16 -12.36
N ILE A 19 -36.13 -0.19 -11.09
CA ILE A 19 -35.92 0.98 -10.23
C ILE A 19 -34.43 1.18 -9.95
N ASP A 20 -33.68 0.08 -9.78
CA ASP A 20 -32.23 0.23 -9.60
C ASP A 20 -31.57 0.76 -10.87
N ARG A 21 -32.02 0.31 -12.03
CA ARG A 21 -31.50 0.86 -13.29
C ARG A 21 -31.84 2.34 -13.41
N LYS A 22 -33.04 2.73 -13.00
CA LYS A 22 -33.42 4.14 -13.04
C LYS A 22 -32.54 4.97 -12.12
N GLU A 23 -32.25 4.46 -10.92
CA GLU A 23 -31.36 5.17 -10.01
C GLU A 23 -29.95 5.29 -10.58
N ALA A 24 -29.44 4.21 -11.18
CA ALA A 24 -28.13 4.26 -11.80
C ALA A 24 -28.09 5.25 -12.95
N GLU A 25 -29.16 5.29 -13.76
CA GLU A 25 -29.23 6.25 -14.85
C GLU A 25 -29.29 7.67 -14.34
N ARG A 26 -30.01 7.91 -13.24
CA ARG A 26 -30.03 9.24 -12.65
C ARG A 26 -28.65 9.65 -12.16
N LEU A 27 -27.93 8.73 -11.53
CA LEU A 27 -26.57 9.04 -11.08
C LEU A 27 -25.66 9.32 -12.28
N LEU A 28 -25.81 8.54 -13.35
CA LEU A 28 -25.00 8.77 -14.55
C LEU A 28 -25.31 10.11 -15.19
N ASP A 29 -26.59 10.50 -15.21
CA ASP A 29 -26.97 11.80 -15.74
C ASP A 29 -26.40 12.93 -14.88
N GLU A 30 -26.42 12.75 -13.56
CA GLU A 30 -25.82 13.75 -12.68
C GLU A 30 -24.33 13.88 -12.92
N ALA A 31 -23.64 12.74 -13.13
CA ALA A 31 -22.22 12.78 -13.45
C ALA A 31 -21.97 13.29 -14.86
N PHE A 32 -22.98 13.30 -15.72
CA PHE A 32 -22.90 13.86 -17.06
C PHE A 32 -23.26 15.34 -17.09
N ASN A 33 -23.51 15.95 -15.94
CA ASN A 33 -23.71 17.39 -15.88
C ASN A 33 -22.36 18.09 -15.93
N PRO A 34 -22.12 18.99 -16.90
CA PRO A 34 -20.82 19.65 -16.98
C PRO A 34 -20.47 20.46 -15.75
N ARG A 35 -21.46 20.89 -14.96
CA ARG A 35 -21.19 21.64 -13.74
C ARG A 35 -20.66 20.78 -12.60
N THR A 36 -20.71 19.45 -12.74
CA THR A 36 -20.23 18.58 -11.69
C THR A 36 -18.72 18.66 -11.56
N LYS A 37 -18.23 18.73 -10.33
CA LYS A 37 -16.80 18.75 -10.10
C LYS A 37 -16.19 17.40 -10.45
N PRO A 38 -14.95 17.39 -10.96
CA PRO A 38 -14.30 16.11 -11.28
C PRO A 38 -14.12 15.19 -10.07
N VAL A 39 -13.92 15.75 -8.88
CA VAL A 39 -13.71 14.92 -7.70
C VAL A 39 -15.00 14.23 -7.29
N ASP A 40 -16.13 14.94 -7.37
CA ASP A 40 -17.42 14.32 -7.05
C ASP A 40 -17.87 13.38 -8.15
N ARG A 41 -17.49 13.66 -9.39
CA ARG A 41 -17.90 12.81 -10.50
C ARG A 41 -17.39 11.40 -10.33
N LYS A 42 -16.16 11.24 -9.85
CA LYS A 42 -15.60 9.89 -9.67
C LYS A 42 -16.42 9.09 -8.67
N LYS A 43 -16.78 9.69 -7.54
CA LYS A 43 -17.60 8.99 -6.55
C LYS A 43 -18.98 8.68 -7.09
N ILE A 44 -19.57 9.61 -7.85
CA ILE A 44 -20.90 9.36 -8.42
C ILE A 44 -20.85 8.17 -9.38
N ILE A 45 -19.83 8.12 -10.22
CA ILE A 45 -19.69 7.01 -11.17
C ILE A 45 -19.46 5.71 -10.41
N ASN A 46 -18.66 5.77 -9.33
CA ASN A 46 -18.44 4.56 -8.55
C ASN A 46 -19.74 4.03 -7.97
N SER A 47 -20.58 4.93 -7.45
CA SER A 47 -21.88 4.49 -6.91
C SER A 47 -22.75 3.87 -7.99
N ALA A 48 -22.87 4.56 -9.13
CA ALA A 48 -23.73 4.06 -10.20
C ALA A 48 -23.23 2.72 -10.74
N LEU A 49 -21.91 2.60 -10.93
CA LEU A 49 -21.33 1.37 -11.44
C LEU A 49 -21.44 0.24 -10.43
N LYS A 50 -21.32 0.56 -9.14
CA LYS A 50 -21.55 -0.46 -8.11
C LYS A 50 -22.96 -0.99 -8.16
N ILE A 51 -23.95 -0.10 -8.31
CA ILE A 51 -25.34 -0.54 -8.43
C ILE A 51 -25.49 -1.43 -9.66
N LEU A 52 -24.99 -0.98 -10.80
CA LEU A 52 -25.17 -1.74 -12.04
C LEU A 52 -24.50 -3.10 -11.96
N ILE A 53 -23.30 -3.16 -11.40
CA ILE A 53 -22.61 -4.44 -11.23
C ILE A 53 -23.39 -5.35 -10.29
N GLY A 54 -23.93 -4.79 -9.21
CA GLY A 54 -24.73 -5.59 -8.30
C GLY A 54 -25.93 -6.21 -8.99
N LEU A 55 -26.59 -5.46 -9.87
CA LEU A 55 -27.62 -6.07 -10.70
C LEU A 55 -27.06 -7.14 -11.63
N TYR A 56 -25.89 -6.88 -12.21
CA TYR A 56 -25.32 -7.88 -13.12
C TYR A 56 -24.86 -9.13 -12.40
N LYS A 57 -24.60 -9.06 -11.10
CA LYS A 57 -24.17 -10.24 -10.35
C LYS A 57 -25.25 -11.32 -10.34
N GLU A 58 -26.52 -10.92 -10.42
CA GLU A 58 -27.64 -11.84 -10.33
C GLU A 58 -28.23 -12.20 -11.68
N LYS A 59 -27.89 -11.48 -12.73
CA LYS A 59 -28.52 -11.63 -14.05
C LYS A 59 -27.46 -11.66 -15.14
N LYS A 60 -26.46 -12.53 -14.96
CA LYS A 60 -25.33 -12.60 -15.90
C LYS A 60 -25.81 -12.72 -17.35
N ASP A 61 -26.85 -13.51 -17.59
CA ASP A 61 -27.42 -13.65 -18.93
C ASP A 61 -28.85 -13.15 -19.04
N ASP A 62 -29.56 -12.99 -17.92
CA ASP A 62 -30.95 -12.54 -17.94
C ASP A 62 -31.08 -11.03 -17.78
N LEU A 63 -29.97 -10.30 -17.75
CA LEU A 63 -30.03 -8.86 -17.60
C LEU A 63 -30.70 -8.22 -18.82
N THR A 64 -31.49 -7.18 -18.57
CA THR A 64 -32.12 -6.46 -19.66
C THR A 64 -31.07 -5.65 -20.44
N SER A 65 -31.42 -5.30 -21.68
CA SER A 65 -30.49 -4.58 -22.53
C SER A 65 -30.16 -3.21 -21.97
N ALA A 66 -31.16 -2.51 -21.43
CA ALA A 66 -30.95 -1.15 -20.95
C ALA A 66 -29.93 -1.10 -19.82
N SER A 67 -29.93 -2.11 -18.94
CA SER A 67 -28.92 -2.17 -17.89
C SER A 67 -27.53 -2.31 -18.48
N PHE A 68 -27.39 -3.11 -19.53
CA PHE A 68 -26.10 -3.21 -20.22
C PHE A 68 -25.70 -1.87 -20.84
N ILE A 69 -26.66 -1.14 -21.40
CA ILE A 69 -26.35 0.19 -21.93
C ILE A 69 -25.85 1.10 -20.83
N SER A 70 -26.50 1.06 -19.66
CA SER A 70 -26.07 1.88 -18.54
C SER A 70 -24.67 1.51 -18.08
N ILE A 71 -24.36 0.20 -18.04
CA ILE A 71 -23.03 -0.24 -17.65
C ILE A 71 -21.99 0.27 -18.63
N ALA A 72 -22.28 0.16 -19.93
CA ALA A 72 -21.33 0.64 -20.93
C ALA A 72 -21.14 2.14 -20.83
N ARG A 73 -22.22 2.89 -20.60
CA ARG A 73 -22.10 4.34 -20.41
C ARG A 73 -21.25 4.67 -19.20
N ALA A 74 -21.46 3.95 -18.09
CA ALA A 74 -20.68 4.20 -16.89
C ALA A 74 -19.21 3.89 -17.11
N TYR A 75 -18.91 2.84 -17.87
CA TYR A 75 -17.50 2.53 -18.15
C TYR A 75 -16.88 3.56 -19.07
N TYR A 76 -17.64 4.06 -20.04
CA TYR A 76 -17.17 5.17 -20.87
C TYR A 76 -16.83 6.38 -20.01
N LEU A 77 -17.71 6.71 -19.07
CA LEU A 77 -17.49 7.87 -18.22
C LEU A 77 -16.31 7.64 -17.26
N VAL A 78 -16.12 6.41 -16.81
CA VAL A 78 -14.92 6.05 -16.05
C VAL A 78 -13.68 6.32 -16.88
N SER A 79 -13.69 5.87 -18.15
CA SER A 79 -12.53 6.06 -19.01
C SER A 79 -12.22 7.53 -19.20
N ILE A 80 -13.27 8.36 -19.37
CA ILE A 80 -13.01 9.79 -19.55
C ILE A 80 -12.61 10.47 -18.25
N THR A 81 -12.90 9.87 -17.10
CA THR A 81 -12.47 10.44 -15.83
C THR A 81 -11.08 9.97 -15.40
N ILE A 82 -10.40 9.18 -16.22
CA ILE A 82 -9.04 8.73 -15.95
C ILE A 82 -8.08 9.56 -16.79
N LEU A 83 -7.22 10.30 -16.12
CA LEU A 83 -6.28 11.16 -16.83
C LEU A 83 -4.93 10.46 -16.99
N PRO A 84 -4.18 10.77 -18.05
CA PRO A 84 -2.85 10.18 -18.22
C PRO A 84 -1.90 10.64 -17.12
N LYS A 85 -1.39 9.68 -16.36
CA LYS A 85 -0.44 10.00 -15.29
C LYS A 85 0.83 10.62 -15.86
N GLY A 86 1.32 10.10 -16.98
CA GLY A 86 2.55 10.59 -17.57
C GLY A 86 2.40 10.99 -19.02
N THR A 87 3.38 10.62 -19.85
CA THR A 87 3.39 10.96 -21.26
C THR A 87 2.75 9.88 -22.13
N THR A 88 2.22 8.82 -21.54
CA THR A 88 1.61 7.73 -22.28
C THR A 88 0.19 7.50 -21.78
N ILE A 89 -0.65 6.93 -22.64
CA ILE A 89 -2.04 6.67 -22.27
C ILE A 89 -2.08 5.58 -21.20
N PRO A 90 -2.73 5.80 -20.07
CA PRO A 90 -2.76 4.78 -19.02
C PRO A 90 -3.55 3.55 -19.48
N GLU A 91 -3.11 2.39 -18.98
CA GLU A 91 -3.80 1.15 -19.32
C GLU A 91 -5.16 1.05 -18.67
N LYS A 92 -5.41 1.81 -17.61
CA LYS A 92 -6.73 1.78 -16.97
C LYS A 92 -7.80 2.35 -17.89
N LYS A 93 -7.48 3.41 -18.63
CA LYS A 93 -8.43 3.97 -19.59
C LYS A 93 -8.76 2.96 -20.68
N LYS A 94 -7.73 2.30 -21.22
CA LYS A 94 -7.96 1.27 -22.23
C LYS A 94 -8.80 0.13 -21.67
N GLU A 95 -8.53 -0.28 -20.44
CA GLU A 95 -9.29 -1.36 -19.82
C GLU A 95 -10.74 -0.97 -19.61
N ALA A 96 -10.99 0.28 -19.19
CA ALA A 96 -12.35 0.75 -19.02
C ALA A 96 -13.11 0.75 -20.35
N LEU A 97 -12.45 1.25 -21.40
CA LEU A 97 -13.10 1.25 -22.71
C LEU A 97 -13.36 -0.18 -23.19
N ARG A 98 -12.41 -1.09 -22.96
CA ARG A 98 -12.59 -2.48 -23.36
C ARG A 98 -13.75 -3.13 -22.61
N LYS A 99 -13.84 -2.87 -21.31
CA LYS A 99 -14.94 -3.42 -20.52
C LYS A 99 -16.28 -2.88 -21.00
N GLY A 100 -16.35 -1.58 -21.29
CA GLY A 100 -17.57 -1.03 -21.84
C GLY A 100 -17.92 -1.65 -23.18
N ILE A 101 -16.92 -1.91 -24.00
CA ILE A 101 -17.16 -2.54 -25.30
C ILE A 101 -17.71 -3.95 -25.11
N GLU A 102 -17.15 -4.71 -24.17
CA GLU A 102 -17.66 -6.06 -23.92
C GLU A 102 -19.10 -6.02 -23.41
N PHE A 103 -19.40 -5.11 -22.49
CA PHE A 103 -20.76 -5.01 -21.97
C PHE A 103 -21.74 -4.62 -23.07
N ILE A 104 -21.37 -3.66 -23.92
CA ILE A 104 -22.26 -3.28 -25.00
C ILE A 104 -22.36 -4.39 -26.04
N ASP A 105 -21.32 -5.21 -26.19
CA ASP A 105 -21.41 -6.37 -27.07
C ASP A 105 -22.43 -7.36 -26.56
N ARG A 106 -22.42 -7.62 -25.24
CA ARG A 106 -23.45 -8.49 -24.66
C ARG A 106 -24.83 -7.86 -24.78
N ALA A 107 -24.91 -6.53 -24.74
CA ALA A 107 -26.19 -5.85 -24.98
C ALA A 107 -26.69 -6.11 -26.39
N ILE A 108 -25.80 -5.97 -27.37
CA ILE A 108 -26.20 -6.10 -28.77
C ILE A 108 -26.55 -7.54 -29.11
N ASN A 109 -25.76 -8.49 -28.61
CA ASN A 109 -26.01 -9.90 -28.91
C ASN A 109 -27.37 -10.34 -28.38
N LYS A 110 -27.74 -9.89 -27.19
CA LYS A 110 -29.07 -10.14 -26.63
C LYS A 110 -30.05 -9.21 -27.34
N PHE A 111 -30.60 -9.70 -28.45
CA PHE A 111 -31.46 -8.89 -29.30
C PHE A 111 -32.79 -8.66 -28.61
N ASN A 112 -32.92 -7.53 -27.92
CA ASN A 112 -34.18 -7.18 -27.29
C ASN A 112 -35.27 -6.95 -28.34
N GLY A 113 -34.91 -6.31 -29.45
CA GLY A 113 -35.83 -6.01 -30.53
C GLY A 113 -36.29 -4.57 -30.59
N SER A 114 -36.10 -3.81 -29.52
CA SER A 114 -36.48 -2.40 -29.53
C SER A 114 -35.56 -1.60 -30.45
N ILE A 115 -36.15 -0.80 -31.33
CA ILE A 115 -35.35 -0.02 -32.26
C ILE A 115 -34.61 1.09 -31.52
N LEU A 116 -35.26 1.76 -30.57
CA LEU A 116 -34.61 2.82 -29.81
C LEU A 116 -33.47 2.26 -28.97
N ASP A 117 -33.67 1.11 -28.32
CA ASP A 117 -32.61 0.51 -27.53
C ASP A 117 -31.45 0.08 -28.42
N SER A 118 -31.74 -0.47 -29.61
CA SER A 118 -30.67 -0.83 -30.53
C SER A 118 -29.88 0.39 -30.98
N GLN A 119 -30.58 1.49 -31.28
CA GLN A 119 -29.89 2.71 -31.68
C GLN A 119 -29.01 3.23 -30.55
N ARG A 120 -29.52 3.24 -29.32
CA ARG A 120 -28.73 3.71 -28.20
C ARG A 120 -27.53 2.82 -27.95
N ALA A 121 -27.72 1.50 -28.05
CA ALA A 121 -26.62 0.57 -27.87
C ALA A 121 -25.53 0.79 -28.89
N PHE A 122 -25.91 0.95 -30.16
CA PHE A 122 -24.91 1.16 -31.20
C PHE A 122 -24.24 2.51 -31.06
N ARG A 123 -24.97 3.53 -30.62
CA ARG A 123 -24.35 4.84 -30.37
C ARG A 123 -23.29 4.74 -29.27
N ILE A 124 -23.62 4.07 -28.17
CA ILE A 124 -22.67 3.92 -27.08
C ILE A 124 -21.47 3.09 -27.52
N LYS A 125 -21.71 2.01 -28.26
CA LYS A 125 -20.61 1.18 -28.74
C LYS A 125 -19.70 1.96 -29.66
N SER A 126 -20.29 2.75 -30.57
CA SER A 126 -19.49 3.54 -31.50
C SER A 126 -18.67 4.60 -30.76
N VAL A 127 -19.25 5.23 -29.74
CA VAL A 127 -18.51 6.25 -28.99
C VAL A 127 -17.34 5.60 -28.25
N LEU A 128 -17.60 4.49 -27.57
CA LEU A 128 -16.54 3.76 -26.90
C LEU A 128 -15.45 3.36 -27.89
N SER A 129 -15.84 2.92 -29.09
CA SER A 129 -14.87 2.43 -30.05
C SER A 129 -14.06 3.57 -30.65
N ILE A 130 -14.68 4.73 -30.89
CA ILE A 130 -13.91 5.85 -31.44
C ILE A 130 -12.92 6.36 -30.40
N GLU A 131 -13.32 6.40 -29.12
CA GLU A 131 -12.34 6.78 -28.10
C GLU A 131 -11.22 5.75 -27.97
N PHE A 132 -11.58 4.46 -28.03
CA PHE A 132 -10.57 3.41 -27.93
C PHE A 132 -9.59 3.46 -29.09
N ASN A 133 -10.09 3.71 -30.31
CA ASN A 133 -9.21 3.94 -31.45
C ASN A 133 -8.35 5.19 -31.25
N ARG A 134 -8.93 6.24 -30.68
CA ARG A 134 -8.18 7.47 -30.46
C ARG A 134 -6.99 7.24 -29.54
N ILE A 135 -7.18 6.44 -28.48
CA ILE A 135 -6.09 6.20 -27.54
C ILE A 135 -5.30 4.93 -27.85
N ASP A 136 -5.85 4.01 -28.64
CA ASP A 136 -5.14 2.76 -28.95
C ASP A 136 -5.54 2.35 -30.35
N ARG A 137 -4.61 2.53 -31.30
CA ARG A 137 -4.89 2.19 -32.69
C ARG A 137 -4.87 0.69 -32.93
N GLU A 138 -3.95 -0.03 -32.29
CA GLU A 138 -3.74 -1.44 -32.61
C GLU A 138 -4.95 -2.29 -32.27
N LYS A 139 -5.51 -2.12 -31.07
CA LYS A 139 -6.62 -2.96 -30.64
C LYS A 139 -7.93 -2.61 -31.31
N CYS A 140 -8.10 -1.35 -31.73
CA CYS A 140 -9.30 -0.91 -32.45
C CYS A 140 -8.84 -0.28 -33.75
N ASP A 141 -8.71 -1.11 -34.79
CA ASP A 141 -8.16 -0.66 -36.05
C ASP A 141 -9.14 0.27 -36.77
N ASN A 142 -8.63 0.94 -37.80
CA ASN A 142 -9.47 1.84 -38.58
C ASN A 142 -10.56 1.09 -39.34
N ILE A 143 -10.26 -0.08 -39.88
CA ILE A 143 -11.25 -0.84 -40.64
C ILE A 143 -12.40 -1.28 -39.74
N LYS A 144 -12.07 -1.81 -38.55
CA LYS A 144 -13.10 -2.24 -37.63
C LYS A 144 -13.97 -1.07 -37.18
N LEU A 145 -13.34 0.06 -36.88
CA LEU A 145 -14.10 1.24 -36.48
C LEU A 145 -15.00 1.72 -37.61
N LYS A 146 -14.50 1.71 -38.84
CA LYS A 146 -15.29 2.14 -39.98
C LYS A 146 -16.50 1.24 -40.17
N ASN A 147 -16.30 -0.08 -40.06
CA ASN A 147 -17.41 -1.01 -40.19
C ASN A 147 -18.44 -0.79 -39.07
N LEU A 148 -17.96 -0.59 -37.84
CA LEU A 148 -18.88 -0.38 -36.73
C LEU A 148 -19.67 0.91 -36.89
N LEU A 149 -19.01 1.99 -37.34
CA LEU A 149 -19.69 3.25 -37.54
C LEU A 149 -20.71 3.16 -38.67
N ASN A 150 -20.37 2.42 -39.72
CA ASN A 150 -21.34 2.20 -40.80
C ASN A 150 -22.55 1.43 -40.28
N GLU A 151 -22.32 0.40 -39.46
CA GLU A 151 -23.44 -0.33 -38.88
C GLU A 151 -24.29 0.58 -38.00
N ALA A 152 -23.64 1.45 -37.22
CA ALA A 152 -24.38 2.35 -36.35
C ALA A 152 -25.24 3.34 -37.15
N VAL A 153 -24.67 3.91 -38.21
CA VAL A 153 -25.45 4.87 -39.01
C VAL A 153 -26.52 4.15 -39.80
N ASP A 154 -26.34 2.87 -40.11
CA ASP A 154 -27.42 2.09 -40.69
C ASP A 154 -28.53 1.85 -39.69
N LYS A 155 -28.17 1.65 -38.42
CA LYS A 155 -29.16 1.40 -37.38
C LYS A 155 -30.01 2.64 -37.06
N GLY A 156 -29.60 3.82 -37.50
CA GLY A 156 -30.39 5.01 -37.27
C GLY A 156 -29.64 6.13 -36.57
N CYS A 157 -28.31 6.10 -36.63
CA CYS A 157 -27.49 7.17 -36.06
C CYS A 157 -27.44 8.32 -37.06
N THR A 158 -28.54 9.06 -37.10
CA THR A 158 -28.70 10.18 -38.03
C THR A 158 -29.18 11.46 -37.36
N ASP A 159 -29.81 11.37 -36.19
CA ASP A 159 -30.31 12.53 -35.47
C ASP A 159 -29.14 13.28 -34.86
N PHE A 160 -28.72 14.36 -35.54
CA PHE A 160 -27.68 15.23 -35.04
C PHE A 160 -28.22 16.39 -34.20
N ASP A 161 -29.53 16.56 -34.14
CA ASP A 161 -30.13 17.68 -33.43
C ASP A 161 -30.38 17.41 -31.96
N THR A 162 -30.17 16.17 -31.51
CA THR A 162 -30.43 15.83 -30.11
C THR A 162 -29.22 15.22 -29.43
N TYR A 163 -28.45 14.41 -30.18
CA TYR A 163 -27.30 13.70 -29.64
C TYR A 163 -26.03 14.24 -30.27
N GLU A 164 -25.11 14.73 -29.44
CA GLU A 164 -23.81 15.15 -29.94
C GLU A 164 -22.94 13.96 -30.31
N TRP A 165 -23.20 12.80 -29.69
CA TRP A 165 -22.45 11.60 -30.02
C TRP A 165 -22.68 11.19 -31.47
N ASP A 166 -23.89 11.42 -31.98
CA ASP A 166 -24.17 11.12 -33.39
C ASP A 166 -23.38 12.03 -34.30
N ILE A 167 -23.22 13.31 -33.92
CA ILE A 167 -22.36 14.21 -34.66
C ILE A 167 -20.92 13.71 -34.64
N GLN A 168 -20.48 13.22 -33.48
CA GLN A 168 -19.13 12.64 -33.39
C GLN A 168 -18.98 11.45 -34.33
N ILE A 169 -19.99 10.60 -34.38
CA ILE A 169 -19.95 9.44 -35.28
C ILE A 169 -19.84 9.90 -36.73
N ALA A 170 -20.65 10.89 -37.11
CA ALA A 170 -20.62 11.39 -38.49
C ALA A 170 -19.26 11.98 -38.84
N ILE A 171 -18.69 12.78 -37.92
CA ILE A 171 -17.39 13.39 -38.18
C ILE A 171 -16.30 12.32 -38.28
N ARG A 172 -16.36 11.32 -37.40
CA ARG A 172 -15.38 10.23 -37.45
C ARG A 172 -15.49 9.47 -38.77
N LEU A 173 -16.71 9.26 -39.26
CA LEU A 173 -16.89 8.62 -40.56
C LEU A 173 -16.33 9.49 -41.68
N CYS A 174 -16.54 10.81 -41.59
CA CYS A 174 -15.95 11.72 -42.57
C CYS A 174 -14.44 11.62 -42.58
N GLU A 175 -13.83 11.48 -41.40
CA GLU A 175 -12.38 11.30 -41.30
C GLU A 175 -11.91 10.01 -41.95
N LEU A 176 -12.80 9.02 -42.10
CA LEU A 176 -12.42 7.69 -42.58
C LEU A 176 -12.72 7.50 -44.06
N GLY A 177 -12.99 8.58 -44.80
CA GLY A 177 -13.27 8.47 -46.22
C GLY A 177 -14.55 7.75 -46.55
N VAL A 178 -15.63 8.04 -45.84
CA VAL A 178 -16.93 7.43 -46.08
C VAL A 178 -17.91 8.54 -46.45
N ASP A 179 -18.71 8.30 -47.49
CA ASP A 179 -19.57 9.34 -48.06
C ASP A 179 -20.70 9.67 -47.10
N MET A 180 -20.58 10.81 -46.41
CA MET A 180 -21.64 11.37 -45.57
C MET A 180 -22.39 12.49 -46.29
N GLU A 181 -22.57 12.36 -47.61
CA GLU A 181 -23.20 13.42 -48.38
C GLU A 181 -24.63 13.67 -47.94
N GLY A 182 -25.39 12.61 -47.66
CA GLY A 182 -26.80 12.78 -47.35
C GLY A 182 -27.04 13.52 -46.05
N HIS A 183 -26.18 13.31 -45.06
CA HIS A 183 -26.38 13.88 -43.73
C HIS A 183 -25.70 15.23 -43.54
N PHE A 184 -25.10 15.79 -44.58
CA PHE A 184 -24.33 17.02 -44.42
C PHE A 184 -25.22 18.18 -43.99
N ASP A 185 -26.38 18.33 -44.63
CA ASP A 185 -27.27 19.44 -44.28
C ASP A 185 -27.77 19.32 -42.85
N ASN A 186 -28.14 18.10 -42.43
CA ASN A 186 -28.58 17.91 -41.05
C ASN A 186 -27.46 18.19 -40.07
N LEU A 187 -26.23 17.79 -40.41
CA LEU A 187 -25.10 18.05 -39.52
C LEU A 187 -24.83 19.54 -39.39
N ILE A 188 -24.91 20.28 -40.50
CA ILE A 188 -24.62 21.71 -40.46
C ILE A 188 -25.71 22.45 -39.69
N LYS A 189 -26.97 22.13 -39.97
CA LYS A 189 -28.05 22.86 -39.32
C LYS A 189 -28.21 22.51 -37.84
N SER A 190 -27.52 21.48 -37.37
CA SER A 190 -27.64 21.07 -35.97
C SER A 190 -27.05 22.14 -35.05
N ASN A 191 -27.77 22.41 -33.95
CA ASN A 191 -27.33 23.40 -32.99
C ASN A 191 -26.22 22.88 -32.08
N LYS A 192 -26.05 21.57 -31.99
CA LYS A 192 -25.03 20.98 -31.13
C LYS A 192 -23.71 20.73 -31.86
N ALA A 193 -23.65 21.00 -33.16
CA ALA A 193 -22.42 20.78 -33.92
C ALA A 193 -21.35 21.77 -33.48
N ASN A 194 -20.13 21.27 -33.32
CA ASN A 194 -19.00 22.10 -32.92
C ASN A 194 -18.45 22.85 -34.11
N ASP A 195 -17.74 23.94 -33.83
CA ASP A 195 -17.11 24.72 -34.90
C ASP A 195 -16.08 23.89 -35.64
N LEU A 196 -15.24 23.16 -34.90
CA LEU A 196 -14.27 22.28 -35.53
C LEU A 196 -14.96 21.15 -36.30
N GLN A 197 -16.05 20.61 -35.73
CA GLN A 197 -16.79 19.56 -36.42
C GLN A 197 -17.39 20.07 -37.72
N LYS A 198 -17.95 21.29 -37.70
CA LYS A 198 -18.50 21.86 -38.92
C LYS A 198 -17.40 22.11 -39.95
N ALA A 199 -16.23 22.58 -39.50
CA ALA A 199 -15.11 22.79 -40.41
C ALA A 199 -14.66 21.47 -41.04
N LYS A 200 -14.60 20.41 -40.24
CA LYS A 200 -14.22 19.10 -40.76
C LYS A 200 -15.25 18.59 -41.76
N ALA A 201 -16.53 18.81 -41.47
CA ALA A 201 -17.58 18.42 -42.42
C ALA A 201 -17.44 19.19 -43.72
N TYR A 202 -17.17 20.48 -43.64
CA TYR A 202 -16.98 21.28 -44.85
C TYR A 202 -15.77 20.80 -45.65
N TYR A 203 -14.68 20.47 -44.96
CA TYR A 203 -13.46 20.06 -45.66
C TYR A 203 -13.57 18.66 -46.24
N PHE A 204 -14.33 17.78 -45.61
CA PHE A 204 -14.39 16.38 -46.00
C PHE A 204 -15.58 16.03 -46.87
N ILE A 205 -16.74 16.63 -46.62
CA ILE A 205 -17.95 16.29 -47.36
C ILE A 205 -18.03 17.13 -48.63
N LYS A 206 -18.12 18.46 -48.47
CA LYS A 206 -18.17 19.37 -49.60
C LYS A 206 -16.80 19.74 -50.16
N LYS A 207 -15.73 19.51 -49.38
CA LYS A 207 -14.39 19.95 -49.76
C LYS A 207 -14.36 21.45 -50.05
N ASP A 208 -15.13 22.20 -49.27
CA ASP A 208 -15.22 23.65 -49.41
C ASP A 208 -14.13 24.27 -48.53
N ASP A 209 -12.97 24.53 -49.13
CA ASP A 209 -11.84 25.05 -48.37
C ASP A 209 -12.14 26.44 -47.80
N HIS A 210 -12.80 27.29 -48.58
CA HIS A 210 -13.08 28.65 -48.11
C HIS A 210 -14.00 28.63 -46.90
N LYS A 211 -15.11 27.92 -46.99
CA LYS A 211 -16.06 27.87 -45.87
C LYS A 211 -15.43 27.20 -44.66
N ALA A 212 -14.69 26.11 -44.87
CA ALA A 212 -14.05 25.43 -43.75
C ALA A 212 -13.05 26.33 -43.05
N LYS A 213 -12.25 27.08 -43.83
CA LYS A 213 -11.27 27.97 -43.23
C LYS A 213 -11.94 29.10 -42.45
N GLU A 214 -12.92 29.76 -43.07
CA GLU A 214 -13.57 30.89 -42.40
C GLU A 214 -14.37 30.43 -41.20
N HIS A 215 -14.76 29.16 -41.13
CA HIS A 215 -15.53 28.70 -39.99
C HIS A 215 -14.64 28.12 -38.90
N MET A 216 -13.48 27.57 -39.25
CA MET A 216 -12.52 27.10 -38.27
C MET A 216 -11.71 28.24 -37.67
N ASP A 217 -11.65 29.40 -38.34
CA ASP A 217 -11.09 30.58 -37.69
C ASP A 217 -11.83 30.87 -36.40
N LYS A 218 -13.15 30.64 -36.37
CA LYS A 218 -13.92 30.81 -35.15
C LYS A 218 -13.46 29.85 -34.05
N CYS A 219 -13.20 28.60 -34.42
CA CYS A 219 -12.73 27.62 -33.43
C CYS A 219 -11.36 28.01 -32.90
N THR A 220 -10.46 28.44 -33.77
CA THR A 220 -9.13 28.86 -33.32
C THR A 220 -9.22 30.08 -32.40
N ALA A 221 -10.11 31.02 -32.73
CA ALA A 221 -10.30 32.19 -31.87
C ALA A 221 -10.88 31.77 -30.51
N SER A 222 -11.84 30.85 -30.51
CA SER A 222 -12.44 30.41 -29.26
C SER A 222 -11.50 29.57 -28.42
N LEU A 223 -10.48 28.96 -29.03
CA LEU A 223 -9.53 28.17 -28.27
C LEU A 223 -8.72 29.00 -27.29
N LYS A 224 -8.73 30.32 -27.39
CA LYS A 224 -7.95 31.16 -26.49
C LYS A 224 -8.40 30.99 -25.04
N TYR A 225 -9.70 30.86 -24.82
CA TYR A 225 -10.27 30.83 -23.48
C TYR A 225 -10.39 29.41 -22.91
N THR A 226 -9.95 28.39 -23.66
CA THR A 226 -10.03 27.02 -23.19
C THR A 226 -8.67 26.53 -22.74
N PRO A 227 -8.56 25.90 -21.58
CA PRO A 227 -7.25 25.39 -21.13
C PRO A 227 -6.73 24.32 -22.07
N CYS A 228 -5.40 24.19 -22.10
CA CYS A 228 -4.76 23.26 -23.02
C CYS A 228 -5.12 21.80 -22.72
N SER A 229 -5.66 21.52 -21.53
CA SER A 229 -6.08 20.16 -21.21
C SER A 229 -7.38 19.78 -21.89
N HIS A 230 -8.07 20.72 -22.54
CA HIS A 230 -9.35 20.43 -23.16
C HIS A 230 -9.19 19.48 -24.34
N ARG A 231 -10.26 18.74 -24.64
CA ARG A 231 -10.25 17.84 -25.78
C ARG A 231 -10.12 18.60 -27.09
N LEU A 232 -10.71 19.79 -27.18
CA LEU A 232 -10.73 20.54 -28.44
C LEU A 232 -9.33 20.87 -28.92
N TRP A 233 -8.38 21.04 -28.00
CA TRP A 233 -7.00 21.30 -28.41
C TRP A 233 -6.40 20.10 -29.14
N ASP A 234 -6.56 18.91 -28.56
CA ASP A 234 -6.04 17.70 -29.19
C ASP A 234 -6.70 17.46 -30.53
N GLU A 235 -8.03 17.63 -30.60
CA GLU A 235 -8.74 17.43 -31.85
C GLU A 235 -8.32 18.44 -32.91
N THR A 236 -8.13 19.70 -32.51
CA THR A 236 -7.70 20.72 -33.47
C THR A 236 -6.31 20.40 -34.00
N VAL A 237 -5.39 20.01 -33.12
CA VAL A 237 -4.03 19.71 -33.57
C VAL A 237 -4.04 18.46 -34.46
N GLY A 238 -4.88 17.48 -34.15
CA GLY A 238 -5.01 16.32 -35.02
C GLY A 238 -5.58 16.67 -36.38
N PHE A 239 -6.53 17.61 -36.40
CA PHE A 239 -7.05 18.09 -37.68
C PHE A 239 -5.96 18.78 -38.48
N ILE A 240 -5.11 19.57 -37.83
CA ILE A 240 -4.00 20.21 -38.52
C ILE A 240 -3.05 19.16 -39.07
N GLU A 241 -2.78 18.12 -38.29
CA GLU A 241 -1.91 17.04 -38.76
C GLU A 241 -2.50 16.35 -39.98
N ARG A 242 -3.81 16.08 -39.96
CA ARG A 242 -4.45 15.45 -41.11
C ARG A 242 -4.40 16.36 -42.34
N LEU A 243 -4.63 17.66 -42.14
CA LEU A 243 -4.56 18.60 -43.25
C LEU A 243 -3.16 18.65 -43.85
N LYS A 244 -2.13 18.64 -42.99
CA LYS A 244 -0.76 18.62 -43.48
C LYS A 244 -0.46 17.33 -44.23
N GLY A 245 -0.96 16.20 -43.72
CA GLY A 245 -0.78 14.94 -44.42
C GLY A 245 -1.46 14.90 -45.77
N ASP A 246 -2.60 15.57 -45.89
CA ASP A 246 -3.33 15.64 -47.15
C ASP A 246 -2.78 16.70 -48.09
N SER A 247 -1.72 17.40 -47.69
CA SER A 247 -1.07 18.45 -48.48
C SER A 247 -2.02 19.61 -48.78
N SER A 248 -3.06 19.78 -47.97
CA SER A 248 -3.96 20.90 -48.14
C SER A 248 -3.27 22.20 -47.78
N THR A 249 -3.61 23.27 -48.51
CA THR A 249 -3.03 24.57 -48.27
C THR A 249 -3.57 25.25 -47.02
N LEU A 250 -4.62 24.70 -46.41
CA LEU A 250 -5.24 25.35 -45.26
C LEU A 250 -4.46 25.16 -43.96
N TRP A 251 -3.57 24.17 -43.89
CA TRP A 251 -2.88 23.89 -42.63
C TRP A 251 -1.89 25.00 -42.27
N ARG A 252 -1.33 25.68 -43.27
CA ARG A 252 -0.28 26.65 -43.01
C ARG A 252 -0.75 27.78 -42.11
N ASP A 253 -1.93 28.34 -42.42
CA ASP A 253 -2.47 29.41 -41.58
C ASP A 253 -3.13 28.87 -40.32
N PHE A 254 -3.70 27.66 -40.39
CA PHE A 254 -4.35 27.08 -39.23
C PHE A 254 -3.36 26.85 -38.10
N ALA A 255 -2.17 26.35 -38.43
CA ALA A 255 -1.16 26.12 -37.41
C ALA A 255 -0.77 27.41 -36.72
N ILE A 256 -0.60 28.49 -37.49
CA ILE A 256 -0.22 29.78 -36.91
C ILE A 256 -1.34 30.31 -36.02
N LYS A 257 -2.60 30.19 -36.47
CA LYS A 257 -3.71 30.67 -35.65
C LYS A 257 -3.81 29.90 -34.35
N THR A 258 -3.66 28.58 -34.40
CA THR A 258 -3.70 27.78 -33.18
C THR A 258 -2.52 28.08 -32.27
N TYR A 259 -1.35 28.35 -32.84
CA TYR A 259 -0.20 28.75 -32.03
C TYR A 259 -0.45 30.07 -31.32
N ARG A 260 -1.05 31.04 -32.03
CA ARG A 260 -1.38 32.30 -31.38
C ARG A 260 -2.39 32.11 -30.26
N SER A 261 -3.39 31.25 -30.49
CA SER A 261 -4.34 30.95 -29.44
C SER A 261 -3.66 30.30 -28.24
N CYS A 262 -2.69 29.42 -28.50
CA CYS A 262 -1.95 28.78 -27.40
C CYS A 262 -1.14 29.81 -26.61
N ARG A 263 -0.51 30.76 -27.30
CA ARG A 263 0.19 31.83 -26.60
C ARG A 263 -0.76 32.62 -25.72
N VAL A 264 -1.92 33.00 -26.26
CA VAL A 264 -2.87 33.78 -25.49
C VAL A 264 -3.33 33.00 -24.26
N GLN A 265 -3.62 31.71 -24.43
CA GLN A 265 -4.05 30.89 -23.31
C GLN A 265 -2.95 30.72 -22.28
N GLU A 266 -1.73 30.42 -22.72
CA GLU A 266 -0.64 30.17 -21.78
C GLU A 266 -0.29 31.42 -20.98
N LYS A 267 -0.26 32.58 -21.64
CA LYS A 267 0.10 33.82 -20.96
C LYS A 267 -0.91 34.20 -19.88
N GLU A 268 -2.15 33.72 -19.98
CA GLU A 268 -3.17 34.08 -19.01
C GLU A 268 -2.80 33.61 -17.60
N THR A 269 -2.31 32.38 -17.49
CA THR A 269 -1.98 31.77 -16.20
C THR A 269 -0.49 31.44 -16.16
N GLY A 270 -0.09 30.72 -15.12
CA GLY A 270 1.28 30.27 -14.99
C GLY A 270 2.25 31.33 -14.51
N THR A 271 2.04 31.83 -13.29
CA THR A 271 2.99 32.77 -12.70
C THR A 271 4.32 32.09 -12.38
N LEU A 272 4.29 30.80 -12.06
CA LEU A 272 5.49 30.03 -11.79
C LEU A 272 6.01 29.31 -13.02
N ARG A 273 5.51 29.64 -14.21
CA ARG A 273 6.04 29.16 -15.48
C ARG A 273 5.96 27.64 -15.59
N LEU A 274 4.72 27.14 -15.52
CA LEU A 274 4.45 25.74 -15.79
C LEU A 274 3.23 25.65 -16.72
N ARG A 275 3.24 24.65 -17.58
CA ARG A 275 2.15 24.42 -18.52
C ARG A 275 1.64 22.99 -18.36
N TRP A 276 0.58 22.68 -19.09
CA TRP A 276 -0.05 21.37 -19.06
C TRP A 276 0.49 20.52 -20.20
N TYR A 277 0.81 19.26 -19.91
CA TYR A 277 1.29 18.33 -20.91
C TYR A 277 0.11 17.62 -21.57
N TRP A 278 0.04 17.68 -22.91
CA TRP A 278 -1.04 17.00 -23.61
C TRP A 278 -0.57 16.30 -24.88
N SER A 279 0.74 16.11 -25.05
CA SER A 279 1.35 15.23 -26.05
C SER A 279 1.17 15.72 -27.48
N ARG A 280 0.41 16.79 -27.71
CA ARG A 280 0.30 17.39 -29.04
C ARG A 280 0.72 18.85 -29.03
N HIS A 281 1.11 19.40 -27.87
CA HIS A 281 1.63 20.75 -27.80
C HIS A 281 2.90 20.88 -28.64
N ARG A 282 3.81 19.90 -28.51
CA ARG A 282 5.03 19.93 -29.31
C ARG A 282 4.72 19.81 -30.80
N VAL A 283 3.77 18.95 -31.16
CA VAL A 283 3.40 18.81 -32.57
C VAL A 283 2.80 20.11 -33.10
N LEU A 284 1.96 20.76 -32.29
CA LEU A 284 1.37 22.03 -32.70
C LEU A 284 2.46 23.08 -32.94
N TYR A 285 3.40 23.19 -32.01
CA TYR A 285 4.46 24.18 -32.16
C TYR A 285 5.37 23.85 -33.35
N ASP A 286 5.62 22.56 -33.58
CA ASP A 286 6.42 22.17 -34.73
C ASP A 286 5.73 22.53 -36.04
N MET A 287 4.42 22.29 -36.13
CA MET A 287 3.70 22.65 -37.35
C MET A 287 3.65 24.16 -37.53
N ALA A 288 3.47 24.92 -36.45
CA ALA A 288 3.49 26.37 -36.57
C ALA A 288 4.84 26.87 -37.05
N PHE A 289 5.92 26.32 -36.49
CA PHE A 289 7.26 26.70 -36.91
C PHE A 289 7.48 26.36 -38.38
N LEU A 290 7.07 25.16 -38.81
CA LEU A 290 7.26 24.76 -40.19
C LEU A 290 6.45 25.63 -41.13
N ALA A 291 5.21 25.98 -40.74
CA ALA A 291 4.38 26.84 -41.57
C ALA A 291 5.00 28.22 -41.73
N VAL A 292 5.49 28.80 -40.63
CA VAL A 292 6.09 30.13 -40.73
C VAL A 292 7.38 30.07 -41.55
N LYS A 293 8.16 28.99 -41.39
CA LYS A 293 9.38 28.85 -42.16
C LYS A 293 9.09 28.72 -43.65
N GLU A 294 8.04 27.96 -44.00
CA GLU A 294 7.67 27.83 -45.41
C GLU A 294 7.14 29.15 -45.96
N GLN A 295 6.39 29.91 -45.15
CA GLN A 295 5.97 31.23 -45.57
C GLN A 295 7.15 32.17 -45.73
N ALA A 296 8.24 31.93 -45.00
CA ALA A 296 9.45 32.74 -45.11
C ALA A 296 10.32 32.35 -46.29
N ASP A 297 9.98 31.27 -47.00
CA ASP A 297 10.75 30.80 -48.15
C ASP A 297 10.09 31.17 -49.47
N ASP A 298 9.42 32.31 -49.51
CA ASP A 298 8.79 32.82 -50.73
C ASP A 298 9.63 33.96 -51.31
N GLU A 299 9.33 34.30 -52.55
CA GLU A 299 10.05 35.35 -53.26
C GLU A 299 9.29 36.67 -53.07
N GLU A 300 9.80 37.52 -52.18
CA GLU A 300 9.25 38.83 -51.94
C GLU A 300 10.32 39.89 -52.18
N PRO A 301 10.05 40.90 -53.02
CA PRO A 301 11.06 41.95 -53.23
C PRO A 301 11.43 42.68 -51.96
N ASP A 302 10.49 42.87 -51.05
CA ASP A 302 10.77 43.54 -49.79
C ASP A 302 11.31 42.55 -48.78
N VAL A 303 12.37 42.94 -48.07
CA VAL A 303 12.95 42.08 -47.04
C VAL A 303 12.29 42.26 -45.69
N ASN A 304 11.43 43.28 -45.53
CA ASN A 304 10.77 43.50 -44.25
C ASN A 304 9.87 42.32 -43.87
N VAL A 305 9.14 41.78 -44.86
CA VAL A 305 8.27 40.64 -44.58
C VAL A 305 9.09 39.41 -44.20
N LYS A 306 10.23 39.21 -44.85
CA LYS A 306 11.09 38.08 -44.48
C LYS A 306 11.65 38.25 -43.08
N GLN A 307 12.07 39.47 -42.72
CA GLN A 307 12.55 39.71 -41.36
C GLN A 307 11.45 39.47 -40.34
N ALA A 308 10.23 39.90 -40.65
CA ALA A 308 9.11 39.65 -39.75
C ALA A 308 8.83 38.17 -39.60
N LYS A 309 8.95 37.41 -40.69
CA LYS A 309 8.74 35.97 -40.63
C LYS A 309 9.79 35.29 -39.77
N ILE A 310 11.06 35.68 -39.91
CA ILE A 310 12.11 35.08 -39.10
C ILE A 310 11.95 35.47 -37.64
N LYS A 311 11.54 36.71 -37.38
CA LYS A 311 11.25 37.11 -35.99
C LYS A 311 10.08 36.31 -35.43
N LYS A 312 9.08 36.00 -36.26
CA LYS A 312 8.00 35.13 -35.83
C LYS A 312 8.51 33.73 -35.52
N LEU A 313 9.46 33.23 -36.32
CA LEU A 313 10.07 31.93 -36.03
C LEU A 313 10.75 31.96 -34.66
N ALA A 314 11.49 33.03 -34.37
CA ALA A 314 12.14 33.15 -33.08
C ALA A 314 11.12 33.26 -31.95
N GLU A 315 9.99 33.95 -32.20
CA GLU A 315 8.92 34.02 -31.21
C GLU A 315 8.34 32.63 -30.94
N ILE A 316 8.14 31.84 -31.99
CA ILE A 316 7.63 30.48 -31.83
C ILE A 316 8.60 29.66 -31.00
N SER A 317 9.90 29.75 -31.30
CA SER A 317 10.89 29.00 -30.55
C SER A 317 10.92 29.42 -29.09
N ASP A 318 10.85 30.73 -28.83
CA ASP A 318 10.94 31.22 -27.46
C ASP A 318 9.70 30.90 -26.64
N SER A 319 8.52 30.93 -27.25
CA SER A 319 7.29 30.69 -26.50
C SER A 319 7.23 29.26 -25.97
N LEU A 320 7.83 28.31 -26.69
CA LEU A 320 7.82 26.92 -26.25
C LEU A 320 8.79 26.66 -25.11
N LYS A 321 9.88 27.43 -25.03
CA LYS A 321 11.02 27.10 -24.19
C LYS A 321 10.91 27.71 -22.79
N SER A 322 9.72 27.97 -22.28
CA SER A 322 9.60 28.62 -20.97
C SER A 322 8.48 28.01 -20.13
N ARG A 323 8.34 26.68 -20.16
CA ARG A 323 7.30 26.02 -19.38
C ARG A 323 7.77 24.62 -19.00
N PHE A 324 6.86 23.83 -18.42
CA PHE A 324 7.19 22.59 -17.69
C PHE A 324 6.23 21.47 -18.09
N SER A 325 6.18 20.44 -17.24
CA SER A 325 5.89 19.07 -17.63
C SER A 325 4.74 18.39 -16.88
N LEU A 326 4.73 17.05 -16.97
CA LEU A 326 3.60 16.16 -16.72
C LEU A 326 2.99 16.33 -15.32
N ARG A 327 1.85 15.66 -15.13
CA ARG A 327 0.91 15.95 -14.05
C ARG A 327 1.14 15.15 -12.77
N LEU A 328 1.67 13.93 -12.85
CA LEU A 328 1.92 13.20 -11.61
C LEU A 328 2.82 14.00 -10.68
N SER A 329 3.77 14.74 -11.25
CA SER A 329 4.54 15.69 -10.46
C SER A 329 3.65 16.79 -9.90
N ASP A 330 2.66 17.25 -10.67
CA ASP A 330 1.75 18.25 -10.14
C ASP A 330 0.95 17.73 -8.96
N MET A 331 0.50 16.47 -9.02
CA MET A 331 -0.24 15.91 -7.90
C MET A 331 0.66 15.76 -6.68
N GLU A 332 1.84 15.16 -6.87
CA GLU A 332 2.74 14.95 -5.73
C GLU A 332 3.17 16.29 -5.13
N LYS A 333 3.96 17.05 -5.89
CA LYS A 333 4.39 18.40 -5.55
C LYS A 333 4.85 18.50 -4.09
N MET A 334 4.50 19.58 -3.41
CA MET A 334 4.93 19.88 -2.06
C MET A 334 3.73 20.30 -1.22
N PRO A 335 3.86 20.26 0.11
CA PRO A 335 2.75 20.71 0.97
C PRO A 335 2.50 22.20 0.88
N LYS A 336 1.61 22.70 1.73
CA LYS A 336 1.13 24.09 1.68
C LYS A 336 2.26 25.09 1.44
N SER A 337 3.24 25.14 2.36
CA SER A 337 4.39 26.03 2.24
C SER A 337 3.94 27.47 2.03
N ASP A 338 4.37 28.09 0.93
CA ASP A 338 3.94 29.43 0.61
C ASP A 338 2.47 29.45 0.21
N ASP A 339 1.72 30.40 0.76
CA ASP A 339 0.30 30.50 0.43
C ASP A 339 0.11 30.93 -1.02
N GLU A 340 1.00 31.77 -1.54
CA GLU A 340 0.87 32.23 -2.92
C GLU A 340 1.26 31.12 -3.91
N SER A 341 2.30 30.36 -3.59
CA SER A 341 2.79 29.35 -4.52
C SER A 341 1.81 28.19 -4.64
N ASN A 342 1.32 27.67 -3.52
CA ASN A 342 0.44 26.50 -3.56
C ASN A 342 -0.90 26.84 -4.19
N HIS A 343 -1.38 28.07 -3.97
CA HIS A 343 -2.66 28.47 -4.53
C HIS A 343 -2.63 28.44 -6.06
N GLU A 344 -1.54 28.90 -6.66
CA GLU A 344 -1.43 28.87 -8.11
C GLU A 344 -1.45 27.45 -8.65
N PHE A 345 -0.70 26.54 -8.03
CA PHE A 345 -0.72 25.14 -8.45
C PHE A 345 -2.11 24.53 -8.30
N LYS A 346 -2.77 24.80 -7.17
CA LYS A 346 -4.10 24.24 -6.96
C LYS A 346 -5.07 24.74 -8.01
N LYS A 347 -5.06 26.04 -8.27
CA LYS A 347 -5.97 26.61 -9.26
C LYS A 347 -5.69 26.06 -10.65
N PHE A 348 -4.41 26.00 -11.04
CA PHE A 348 -4.04 25.52 -12.36
C PHE A 348 -4.44 24.06 -12.55
N LEU A 349 -4.10 23.21 -11.58
CA LEU A 349 -4.44 21.80 -11.70
C LEU A 349 -5.95 21.58 -11.71
N ASP A 350 -6.68 22.29 -10.84
CA ASP A 350 -8.12 22.13 -10.80
C ASP A 350 -8.76 22.54 -12.12
N LYS A 351 -8.36 23.70 -12.65
CA LYS A 351 -8.97 24.16 -13.90
C LYS A 351 -8.59 23.24 -15.07
N CYS A 352 -7.37 22.71 -15.08
CA CYS A 352 -6.96 21.84 -16.17
C CYS A 352 -7.71 20.52 -16.13
N VAL A 353 -7.82 19.91 -14.94
CA VAL A 353 -8.55 18.65 -14.83
C VAL A 353 -10.03 18.87 -15.14
N THR A 354 -10.60 19.99 -14.69
CA THR A 354 -11.99 20.28 -14.97
C THR A 354 -12.23 20.44 -16.47
N ALA A 355 -11.33 21.14 -17.16
CA ALA A 355 -11.47 21.28 -18.60
C ALA A 355 -11.33 19.95 -19.31
N TYR A 356 -10.38 19.13 -18.87
CA TYR A 356 -10.18 17.82 -19.49
C TYR A 356 -11.44 16.97 -19.37
N GLN A 357 -12.06 16.95 -18.20
CA GLN A 357 -13.27 16.16 -18.02
C GLN A 357 -14.47 16.80 -18.72
N ASP A 358 -14.51 18.13 -18.79
CA ASP A 358 -15.63 18.82 -19.42
C ASP A 358 -15.61 18.63 -20.93
N GLY A 359 -14.43 18.41 -21.52
CA GLY A 359 -14.36 18.20 -22.95
C GLY A 359 -15.22 17.04 -23.43
N TYR A 360 -15.25 15.96 -22.65
CA TYR A 360 -16.04 14.79 -23.01
C TYR A 360 -17.46 14.84 -22.48
N VAL A 361 -17.71 15.61 -21.41
CA VAL A 361 -19.03 15.61 -20.76
C VAL A 361 -19.87 16.67 -21.47
N ILE A 362 -20.47 16.25 -22.59
CA ILE A 362 -21.40 17.05 -23.38
C ILE A 362 -20.87 18.47 -23.58
N ASN A 363 -21.55 19.44 -22.97
CA ASN A 363 -21.23 20.86 -23.10
C ASN A 363 -21.08 21.29 -24.56
N ALA A 388 8.03 39.97 -13.92
CA ALA A 388 8.50 41.27 -14.35
C ALA A 388 8.17 41.52 -15.82
N LYS A 389 8.74 42.57 -16.39
CA LYS A 389 8.48 42.90 -17.79
C LYS A 389 9.19 41.91 -18.71
N LEU A 390 8.47 41.41 -19.69
CA LEU A 390 9.02 40.47 -20.67
C LEU A 390 9.61 41.27 -21.82
N LEU A 391 10.94 41.23 -21.96
CA LEU A 391 11.61 41.98 -23.01
C LEU A 391 11.25 41.43 -24.38
N GLU A 392 11.12 42.33 -25.36
CA GLU A 392 10.87 41.91 -26.72
C GLU A 392 12.15 41.35 -27.34
N LEU A 393 11.98 40.59 -28.42
CA LEU A 393 13.10 39.91 -29.03
C LEU A 393 14.15 40.88 -29.56
N THR A 394 13.74 42.09 -29.92
CA THR A 394 14.64 43.08 -30.50
C THR A 394 15.25 44.01 -29.45
N GLN A 395 14.98 43.80 -28.17
CA GLN A 395 15.52 44.65 -27.11
C GLN A 395 16.84 44.06 -26.64
N VAL A 396 17.86 44.25 -27.47
CA VAL A 396 19.21 43.75 -27.21
C VAL A 396 20.17 44.94 -27.23
N PRO A 397 21.05 45.09 -26.24
CA PRO A 397 21.99 46.20 -26.26
C PRO A 397 22.95 46.10 -27.45
N GLU A 398 23.50 47.25 -27.82
CA GLU A 398 24.40 47.32 -28.98
C GLU A 398 25.62 46.46 -28.76
N GLY A 399 26.12 45.86 -29.84
CA GLY A 399 27.29 45.00 -29.77
C GLY A 399 27.00 43.59 -29.32
N TRP A 400 25.73 43.21 -29.20
CA TRP A 400 25.34 41.88 -28.77
C TRP A 400 24.54 41.20 -29.87
N VAL A 401 24.80 39.91 -30.07
CA VAL A 401 24.09 39.10 -31.04
C VAL A 401 23.54 37.87 -30.31
N VAL A 402 22.28 37.54 -30.56
CA VAL A 402 21.62 36.43 -29.88
C VAL A 402 21.30 35.35 -30.90
N VAL A 403 21.35 34.10 -30.43
CA VAL A 403 21.08 32.93 -31.26
C VAL A 403 19.94 32.14 -30.60
N HIS A 404 18.88 31.90 -31.36
CA HIS A 404 17.75 31.11 -30.90
C HIS A 404 17.78 29.75 -31.57
N PHE A 405 17.68 28.70 -30.76
CA PHE A 405 17.72 27.33 -31.25
C PHE A 405 16.34 26.70 -31.17
N TYR A 406 15.98 25.94 -32.19
CA TYR A 406 14.73 25.21 -32.21
C TYR A 406 14.92 23.90 -32.97
N LEU A 407 14.47 22.81 -32.37
CA LEU A 407 14.50 21.49 -33.00
C LEU A 407 13.06 20.97 -33.06
N ASN A 408 12.56 20.79 -34.27
CA ASN A 408 11.21 20.25 -34.46
C ASN A 408 11.31 18.80 -34.90
N LYS A 409 10.55 17.93 -34.23
CA LYS A 409 10.62 16.50 -34.52
C LYS A 409 9.93 16.15 -35.83
N LEU A 410 8.88 16.89 -36.20
CA LEU A 410 8.18 16.60 -37.46
C LEU A 410 9.11 16.78 -38.64
N GLU A 411 9.87 17.89 -38.66
CA GLU A 411 10.89 18.05 -39.67
C GLU A 411 12.11 17.17 -39.39
N GLY A 412 12.40 16.93 -38.12
CA GLY A 412 13.51 16.08 -37.75
C GLY A 412 14.86 16.73 -37.85
N MET A 413 14.92 18.03 -38.11
CA MET A 413 16.18 18.73 -38.32
C MET A 413 16.14 20.07 -37.61
N GLY A 414 17.31 20.53 -37.16
CA GLY A 414 17.38 21.67 -36.28
C GLY A 414 17.38 23.02 -36.99
N ASN A 415 17.06 24.05 -36.22
CA ASN A 415 17.02 25.42 -36.69
C ASN A 415 17.77 26.32 -35.74
N ALA A 416 18.48 27.31 -36.27
CA ALA A 416 19.21 28.29 -35.48
C ALA A 416 18.90 29.67 -36.00
N ILE A 417 18.25 30.48 -35.17
CA ILE A 417 17.80 31.83 -35.54
C ILE A 417 18.70 32.83 -34.82
N VAL A 418 19.34 33.71 -35.58
CA VAL A 418 20.30 34.65 -35.05
C VAL A 418 19.81 36.07 -35.31
N PHE A 419 20.03 36.96 -34.35
CA PHE A 419 19.60 38.35 -34.43
C PHE A 419 20.77 39.25 -34.10
N ASP A 420 21.25 40.00 -35.10
CA ASP A 420 22.35 40.94 -34.93
C ASP A 420 21.75 42.34 -34.76
N LYS A 421 21.85 42.88 -33.53
CA LYS A 421 21.25 44.18 -33.26
C LYS A 421 21.93 45.28 -34.06
N CYS A 422 23.26 45.23 -34.18
CA CYS A 422 23.97 46.28 -34.91
C CYS A 422 23.52 46.36 -36.36
N ALA A 423 23.36 45.20 -37.01
CA ALA A 423 22.80 45.19 -38.36
C ALA A 423 21.28 45.18 -38.37
N ASN A 424 20.64 44.93 -37.24
CA ASN A 424 19.18 44.87 -37.12
C ASN A 424 18.59 43.94 -38.17
N SER A 425 19.14 42.74 -38.26
CA SER A 425 18.74 41.76 -39.26
C SER A 425 18.51 40.40 -38.61
N TRP A 426 17.66 39.61 -39.25
CA TRP A 426 17.36 38.24 -38.81
C TRP A 426 17.68 37.27 -39.93
N GLN A 427 18.30 36.16 -39.57
CA GLN A 427 18.53 35.07 -40.51
C GLN A 427 18.57 33.76 -39.75
N TYR A 428 18.31 32.67 -40.45
CA TYR A 428 18.25 31.35 -39.85
C TYR A 428 18.98 30.35 -40.73
N LYS A 429 19.50 29.30 -40.11
CA LYS A 429 20.18 28.23 -40.82
C LYS A 429 19.73 26.89 -40.25
N GLU A 430 19.88 25.86 -41.07
CA GLU A 430 19.45 24.51 -40.74
C GLU A 430 20.62 23.62 -40.39
N PHE A 431 20.36 22.61 -39.54
CA PHE A 431 21.36 21.61 -39.20
C PHE A 431 20.64 20.34 -38.75
N GLN A 432 21.37 19.24 -38.78
CA GLN A 432 20.86 17.94 -38.37
C GLN A 432 21.44 17.56 -37.01
N TYR A 433 20.60 17.05 -36.12
CA TYR A 433 20.99 16.80 -34.75
C TYR A 433 21.00 15.32 -34.37
N LYS A 434 20.71 14.41 -35.30
CA LYS A 434 20.66 12.99 -34.94
C LYS A 434 22.04 12.47 -34.56
N GLU A 435 23.04 12.72 -35.41
CA GLU A 435 24.40 12.30 -35.08
C GLU A 435 24.96 13.10 -33.92
N LEU A 436 24.60 14.39 -33.84
CA LEU A 436 24.98 15.19 -32.69
C LEU A 436 24.39 14.63 -31.41
N PHE A 437 23.11 14.21 -31.46
CA PHE A 437 22.49 13.60 -30.28
C PHE A 437 23.19 12.30 -29.91
N GLU A 438 23.56 11.50 -30.91
CA GLU A 438 24.26 10.25 -30.62
C GLU A 438 25.61 10.50 -29.95
N VAL A 439 26.36 11.50 -30.45
CA VAL A 439 27.66 11.81 -29.86
C VAL A 439 27.47 12.36 -28.45
N PHE A 440 26.45 13.18 -28.24
CA PHE A 440 26.19 13.70 -26.89
C PHE A 440 25.82 12.57 -25.94
N LEU A 441 25.02 11.60 -26.40
CA LEU A 441 24.68 10.47 -25.55
C LEU A 441 25.91 9.63 -25.24
N THR A 442 26.80 9.47 -26.22
CA THR A 442 28.05 8.77 -25.94
C THR A 442 28.85 9.47 -24.86
N TRP A 443 28.99 10.80 -24.97
CA TRP A 443 29.74 11.52 -23.96
C TRP A 443 29.06 11.45 -22.60
N GLN A 444 27.73 11.53 -22.58
CA GLN A 444 27.00 11.48 -21.32
C GLN A 444 27.16 10.12 -20.64
N ALA A 445 27.09 9.04 -21.43
CA ALA A 445 27.27 7.70 -20.86
C ALA A 445 28.70 7.53 -20.34
N ASN A 446 29.69 8.01 -21.08
CA ASN A 446 31.07 7.87 -20.62
C ASN A 446 31.34 8.74 -19.40
N TYR A 447 30.75 9.92 -19.34
CA TYR A 447 30.98 10.82 -18.21
C TYR A 447 30.39 10.27 -16.93
N ASN A 448 29.21 9.67 -17.00
CA ASN A 448 28.56 9.15 -15.80
C ASN A 448 29.30 7.97 -15.17
N LEU A 449 30.41 7.53 -15.77
CA LEU A 449 31.23 6.47 -15.22
C LEU A 449 32.67 6.89 -14.96
N TYR A 450 33.23 7.72 -15.82
CA TYR A 450 34.64 8.10 -15.81
C TYR A 450 34.78 9.62 -15.91
N LYS A 451 34.06 10.32 -15.02
CA LYS A 451 33.82 11.76 -15.11
C LYS A 451 35.02 12.55 -15.60
N GLU A 452 36.14 12.49 -14.86
CA GLU A 452 37.32 13.23 -15.28
C GLU A 452 37.99 12.61 -16.50
N ASN A 453 37.93 11.29 -16.63
CA ASN A 453 38.61 10.57 -17.70
C ASN A 453 37.82 10.52 -18.99
N ALA A 454 36.61 11.11 -19.02
CA ALA A 454 35.80 11.17 -20.23
C ALA A 454 36.03 12.46 -21.01
N ALA A 455 37.23 13.03 -20.92
CA ALA A 455 37.51 14.29 -21.62
C ALA A 455 37.65 14.09 -23.12
N GLU A 456 38.11 12.92 -23.56
CA GLU A 456 38.22 12.65 -24.98
C GLU A 456 36.84 12.65 -25.65
N HIS A 457 35.85 12.06 -24.98
CA HIS A 457 34.49 12.12 -25.49
C HIS A 457 33.93 13.54 -25.49
N LEU A 458 34.34 14.36 -24.52
CA LEU A 458 33.94 15.76 -24.55
C LEU A 458 34.55 16.49 -25.74
N VAL A 459 35.82 16.21 -26.04
CA VAL A 459 36.45 16.83 -27.21
C VAL A 459 35.75 16.37 -28.49
N THR A 460 35.40 15.09 -28.56
CA THR A 460 34.66 14.58 -29.70
C THR A 460 33.31 15.27 -29.84
N LEU A 461 32.61 15.48 -28.72
CA LEU A 461 31.33 16.16 -28.75
C LEU A 461 31.48 17.61 -29.21
N CYS A 462 32.52 18.31 -28.74
CA CYS A 462 32.74 19.67 -29.17
C CYS A 462 33.06 19.74 -30.67
N LYS A 463 33.88 18.81 -31.16
CA LYS A 463 34.16 18.77 -32.59
C LYS A 463 32.90 18.46 -33.38
N LYS A 464 32.04 17.60 -32.86
CA LYS A 464 30.78 17.30 -33.53
C LYS A 464 29.87 18.52 -33.57
N ILE A 465 29.83 19.29 -32.48
CA ILE A 465 29.03 20.52 -32.47
C ILE A 465 29.55 21.49 -33.51
N GLY A 466 30.87 21.65 -33.59
CA GLY A 466 31.44 22.54 -34.59
C GLY A 466 31.19 22.07 -36.01
N GLU A 467 31.19 20.76 -36.22
CA GLU A 467 30.99 20.22 -37.56
C GLU A 467 29.52 20.32 -37.99
N THR A 468 28.59 20.00 -37.09
CA THR A 468 27.17 20.01 -37.41
C THR A 468 26.58 21.41 -37.40
N MET A 469 27.28 22.39 -36.85
CA MET A 469 26.82 23.78 -36.81
C MET A 469 27.93 24.68 -37.34
N PRO A 470 28.24 24.60 -38.63
CA PRO A 470 29.31 25.45 -39.18
C PRO A 470 28.96 26.93 -39.17
N PHE A 471 27.69 27.28 -39.04
CA PHE A 471 27.29 28.68 -39.05
C PHE A 471 27.78 29.43 -37.82
N LEU A 472 28.08 28.73 -36.73
CA LEU A 472 28.62 29.40 -35.55
C LEU A 472 29.96 30.05 -35.84
N PHE A 473 30.72 29.50 -36.78
CA PHE A 473 32.02 30.02 -37.16
C PHE A 473 31.99 30.74 -38.51
N CYS A 474 30.81 31.20 -38.92
CA CYS A 474 30.65 31.97 -40.14
C CYS A 474 30.53 33.45 -39.80
N ASP A 475 31.29 34.29 -40.50
CA ASP A 475 31.27 35.71 -40.23
C ASP A 475 29.90 36.31 -40.52
N ASN A 476 29.25 35.86 -41.60
CA ASN A 476 27.94 36.40 -41.95
C ASN A 476 26.89 36.07 -40.89
N PHE A 477 26.89 34.83 -40.40
CA PHE A 477 25.92 34.44 -39.39
C PHE A 477 26.19 35.11 -38.05
N ILE A 478 27.44 35.06 -37.60
CA ILE A 478 27.83 35.67 -36.33
C ILE A 478 29.03 36.59 -36.58
N PRO A 479 28.86 37.90 -36.48
CA PRO A 479 29.99 38.80 -36.71
C PRO A 479 31.11 38.58 -35.70
N ASN A 480 32.35 38.73 -36.17
CA ASN A 480 33.51 38.52 -35.32
C ASN A 480 33.58 39.58 -34.22
N GLY A 481 33.96 39.15 -33.03
CA GLY A 481 34.07 40.06 -31.90
C GLY A 481 32.78 40.39 -31.21
N LYS A 482 31.66 39.81 -31.62
CA LYS A 482 30.37 40.07 -31.02
C LYS A 482 30.14 39.16 -29.82
N ASP A 483 29.44 39.70 -28.82
CA ASP A 483 29.06 38.92 -27.65
C ASP A 483 27.82 38.11 -27.98
N VAL A 484 27.94 36.79 -27.95
CA VAL A 484 26.91 35.88 -28.42
C VAL A 484 26.11 35.36 -27.23
N LEU A 485 24.79 35.43 -27.34
CA LEU A 485 23.88 34.78 -26.40
C LEU A 485 23.27 33.55 -27.06
N PHE A 486 23.14 32.48 -26.29
CA PHE A 486 22.56 31.24 -26.77
C PHE A 486 21.25 30.97 -26.03
N VAL A 487 20.20 30.68 -26.78
CA VAL A 487 18.94 30.19 -26.21
C VAL A 487 18.77 28.75 -26.69
N PRO A 488 19.48 27.79 -26.12
CA PRO A 488 19.43 26.43 -26.66
C PRO A 488 18.07 25.78 -26.45
N HIS A 489 17.75 24.84 -27.32
CA HIS A 489 16.54 24.04 -27.18
C HIS A 489 16.89 22.83 -26.30
N ASP A 490 16.04 21.80 -26.32
CA ASP A 490 16.00 20.81 -25.25
C ASP A 490 17.34 20.16 -24.94
N PHE A 491 17.90 19.34 -25.83
CA PHE A 491 19.15 18.69 -25.43
C PHE A 491 20.38 19.55 -25.77
N LEU A 492 20.19 20.66 -26.47
CA LEU A 492 21.28 21.60 -26.67
C LEU A 492 21.60 22.39 -25.41
N HIS A 493 20.74 22.36 -24.41
CA HIS A 493 21.05 22.98 -23.12
C HIS A 493 22.25 22.32 -22.47
N ARG A 494 22.46 21.02 -22.75
CA ARG A 494 23.56 20.27 -22.17
C ARG A 494 24.84 20.37 -22.98
N LEU A 495 24.79 20.98 -24.16
CA LEU A 495 25.98 21.06 -25.00
C LEU A 495 26.81 22.28 -24.64
N PRO A 496 28.12 22.14 -24.56
CA PRO A 496 29.02 23.31 -24.38
C PRO A 496 29.21 24.07 -25.69
N LEU A 497 28.18 24.84 -26.06
CA LEU A 497 28.23 25.58 -27.32
C LEU A 497 29.35 26.61 -27.32
N HIS A 498 29.77 27.08 -26.15
CA HIS A 498 30.92 27.96 -26.08
C HIS A 498 32.22 27.22 -26.33
N GLY A 499 32.25 25.91 -26.08
CA GLY A 499 33.41 25.09 -26.29
C GLY A 499 33.45 24.34 -27.60
N SER A 500 32.56 24.66 -28.54
CA SER A 500 32.57 24.00 -29.84
C SER A 500 33.84 24.33 -30.60
N ILE A 501 34.33 23.35 -31.35
CA ILE A 501 35.59 23.46 -32.10
C ILE A 501 35.26 23.50 -33.58
N GLU A 502 35.82 24.49 -34.28
CA GLU A 502 35.56 24.65 -35.71
C GLU A 502 36.07 23.45 -36.48
N ASN A 503 35.34 23.10 -37.54
CA ASN A 503 35.66 21.93 -38.37
C ASN A 503 36.78 22.29 -39.36
N LYS A 504 37.98 22.47 -38.79
CA LYS A 504 39.17 22.74 -39.59
C LYS A 504 40.33 21.92 -39.04
N THR A 505 41.35 21.73 -39.87
CA THR A 505 42.53 20.97 -39.44
C THR A 505 43.20 21.64 -38.25
N ASN A 506 43.09 22.96 -38.13
CA ASN A 506 43.58 23.68 -36.96
C ASN A 506 42.44 24.52 -36.40
N GLY A 507 41.28 23.90 -36.22
CA GLY A 507 40.08 24.59 -35.82
C GLY A 507 40.20 25.36 -34.53
N LYS A 508 39.76 26.62 -34.56
CA LYS A 508 39.82 27.48 -33.39
C LYS A 508 38.59 27.28 -32.51
N LEU A 509 38.80 27.39 -31.20
CA LEU A 509 37.72 27.24 -30.24
C LEU A 509 36.76 28.42 -30.36
N PHE A 510 35.46 28.13 -30.24
CA PHE A 510 34.46 29.20 -30.30
C PHE A 510 34.62 30.18 -29.14
N LEU A 511 35.12 29.70 -28.01
CA LEU A 511 35.30 30.56 -26.85
C LEU A 511 36.36 31.64 -27.10
N GLU A 512 37.30 31.38 -28.00
CA GLU A 512 38.42 32.29 -28.20
C GLU A 512 38.01 33.60 -28.88
N ASN A 513 36.85 33.62 -29.55
CA ASN A 513 36.46 34.78 -30.34
C ASN A 513 35.23 35.51 -29.82
N HIS A 514 34.34 34.85 -29.08
CA HIS A 514 33.10 35.46 -28.63
C HIS A 514 32.89 35.19 -27.14
N SER A 515 32.24 36.15 -26.49
CA SER A 515 31.84 36.00 -25.09
C SER A 515 30.42 35.43 -25.07
N CYS A 516 30.28 34.24 -24.49
CA CYS A 516 29.03 33.49 -24.54
C CYS A 516 28.34 33.56 -23.19
N CYS A 517 27.04 33.90 -23.20
CA CYS A 517 26.19 33.79 -22.03
C CYS A 517 24.93 33.03 -22.44
N TYR A 518 24.56 32.03 -21.64
CA TYR A 518 23.43 31.18 -21.96
C TYR A 518 22.18 31.68 -21.26
N LEU A 519 21.05 31.14 -21.69
CA LEU A 519 19.75 31.52 -21.14
C LEU A 519 18.72 30.47 -21.52
N PRO A 520 17.94 29.96 -20.56
CA PRO A 520 16.93 28.94 -20.92
C PRO A 520 15.94 29.41 -21.95
N ALA A 521 15.51 30.68 -21.86
CA ALA A 521 14.61 31.27 -22.83
C ALA A 521 14.81 32.78 -22.80
N TRP A 522 14.43 33.44 -23.89
CA TRP A 522 14.57 34.88 -23.94
C TRP A 522 13.68 35.58 -22.91
N SER A 523 12.56 34.94 -22.54
CA SER A 523 11.67 35.53 -21.57
C SER A 523 12.27 35.60 -20.17
N PHE A 524 13.37 34.88 -19.92
CA PHE A 524 14.05 34.94 -18.64
C PHE A 524 14.96 36.16 -18.51
N ALA A 525 15.27 36.83 -19.61
CA ALA A 525 16.12 38.01 -19.56
C ALA A 525 15.38 39.17 -18.91
N SER A 526 16.14 40.02 -18.21
CA SER A 526 15.58 41.17 -17.51
C SER A 526 16.50 42.35 -17.72
N GLU A 527 16.25 43.44 -16.99
CA GLU A 527 17.03 44.66 -17.06
C GLU A 527 17.81 44.84 -15.76
N LYS A 528 19.09 45.16 -15.87
CA LYS A 528 19.97 45.31 -14.71
C LYS A 528 19.78 46.69 -14.06
N GLU A 529 18.55 46.93 -13.62
CA GLU A 529 18.21 48.18 -12.93
C GLU A 529 18.29 48.05 -11.41
N ALA A 530 18.66 46.88 -10.90
CA ALA A 530 18.74 46.69 -9.46
C ALA A 530 19.97 47.38 -8.88
N SER A 531 19.88 47.70 -7.59
CA SER A 531 20.99 48.33 -6.88
C SER A 531 21.92 47.26 -6.34
N THR A 532 23.20 47.38 -6.66
CA THR A 532 24.21 46.41 -6.25
C THR A 532 24.95 46.94 -5.03
N SER A 533 25.07 46.10 -4.01
CA SER A 533 25.73 46.49 -2.76
C SER A 533 27.25 46.41 -2.93
N ASP A 534 27.98 46.50 -1.83
CA ASP A 534 29.44 46.43 -1.86
C ASP A 534 29.97 45.16 -1.20
N GLU A 535 29.11 44.32 -0.64
CA GLU A 535 29.54 43.15 0.10
C GLU A 535 29.55 41.91 -0.80
N TYR A 536 30.35 40.94 -0.40
CA TYR A 536 30.39 39.63 -1.03
C TYR A 536 30.00 38.59 0.02
N VAL A 537 29.17 37.62 -0.39
CA VAL A 537 28.67 36.59 0.50
C VAL A 537 29.13 35.24 -0.03
N LEU A 538 29.70 34.42 0.86
CA LEU A 538 30.24 33.11 0.49
C LEU A 538 29.58 32.05 1.35
N LEU A 539 28.41 31.56 0.93
CA LEU A 539 27.79 30.43 1.59
C LEU A 539 28.58 29.15 1.30
N LYS A 540 28.44 28.18 2.20
CA LYS A 540 29.16 26.92 2.03
C LYS A 540 28.51 25.84 2.87
N ASN A 541 28.25 24.68 2.24
CA ASN A 541 27.86 23.48 2.96
C ASN A 541 28.55 22.25 2.37
N PHE A 542 29.60 22.44 1.58
CA PHE A 542 30.27 21.33 0.94
C PHE A 542 31.04 20.52 1.98
N ASP A 543 31.40 19.29 1.60
CA ASP A 543 32.06 18.39 2.51
C ASP A 543 33.42 18.96 2.95
N GLN A 544 33.83 18.60 4.16
CA GLN A 544 35.06 19.12 4.73
C GLN A 544 36.27 18.65 3.93
N GLY A 545 37.33 19.45 3.96
CA GLY A 545 38.53 19.18 3.22
C GLY A 545 38.70 20.00 1.96
N HIS A 546 37.67 20.72 1.54
CA HIS A 546 37.74 21.56 0.35
C HIS A 546 37.25 22.96 0.70
N PHE A 547 37.74 23.94 -0.05
CA PHE A 547 37.39 25.35 0.13
C PHE A 547 37.78 25.87 1.52
N GLU A 548 38.72 25.18 2.19
CA GLU A 548 39.14 25.63 3.51
C GLU A 548 39.83 26.98 3.44
N THR A 549 40.58 27.23 2.37
CA THR A 549 41.25 28.53 2.22
C THR A 549 40.25 29.66 2.07
N LEU A 550 39.16 29.43 1.31
CA LEU A 550 38.18 30.49 1.10
C LEU A 550 37.48 30.89 2.39
N GLN A 551 37.08 29.91 3.20
CA GLN A 551 36.28 30.22 4.39
C GLN A 551 37.12 30.92 5.44
N ASN A 552 38.16 30.24 5.95
CA ASN A 552 38.97 30.83 7.02
C ASN A 552 39.76 32.03 6.51
N ASN A 553 40.47 31.86 5.41
CA ASN A 553 41.28 32.94 4.84
C ASN A 553 40.49 33.63 3.73
N GLN A 554 39.47 34.37 4.14
CA GLN A 554 38.60 35.06 3.21
C GLN A 554 39.39 36.06 2.38
N ILE A 555 39.50 35.79 1.08
CA ILE A 555 40.26 36.68 0.21
C ILE A 555 39.60 38.05 0.12
N TRP A 556 38.29 38.08 -0.04
CA TRP A 556 37.53 39.32 -0.08
C TRP A 556 36.88 39.67 1.24
N GLY A 557 37.21 38.95 2.31
CA GLY A 557 36.64 39.22 3.62
C GLY A 557 35.28 38.62 3.89
N THR A 558 34.31 38.88 3.01
CA THR A 558 32.93 38.41 3.13
C THR A 558 32.23 39.06 4.33
N GLN A 559 30.92 39.19 4.26
CA GLN A 559 30.14 39.85 5.32
C GLN A 559 29.15 38.92 5.98
N SER A 560 28.30 38.26 5.22
CA SER A 560 27.27 37.38 5.74
C SER A 560 27.52 35.94 5.32
N VAL A 561 28.79 35.57 5.21
CA VAL A 561 29.18 34.22 4.79
C VAL A 561 28.85 33.23 5.89
N LYS A 562 28.92 31.95 5.59
CA LYS A 562 28.64 30.91 6.57
C LYS A 562 29.37 29.63 6.17
N ASP A 563 29.50 28.73 7.14
CA ASP A 563 30.03 27.39 6.92
C ASP A 563 29.00 26.40 7.47
N GLY A 564 28.69 25.39 6.67
CA GLY A 564 27.57 24.51 7.01
C GLY A 564 26.24 25.23 6.97
N ALA A 565 26.05 26.10 5.98
CA ALA A 565 24.86 26.92 5.91
C ALA A 565 23.64 26.08 5.57
N SER A 566 22.47 26.60 5.96
CA SER A 566 21.19 25.97 5.71
C SER A 566 20.38 26.82 4.73
N SER A 567 19.17 26.35 4.43
CA SER A 567 18.28 27.12 3.56
C SER A 567 17.90 28.45 4.20
N ASP A 568 17.83 28.50 5.53
CA ASP A 568 17.49 29.75 6.20
C ASP A 568 18.54 30.82 5.95
N ASP A 569 19.82 30.43 5.94
CA ASP A 569 20.88 31.40 5.67
C ASP A 569 20.73 32.01 4.28
N LEU A 570 20.39 31.19 3.29
CA LEU A 570 20.12 31.72 1.96
C LEU A 570 18.89 32.62 1.96
N GLU A 571 17.86 32.25 2.70
CA GLU A 571 16.64 33.07 2.76
C GLU A 571 16.84 34.35 3.55
N ASN A 572 17.89 34.43 4.38
CA ASN A 572 18.12 35.59 5.23
C ASN A 572 18.93 36.69 4.55
N ILE A 573 19.36 36.49 3.31
CA ILE A 573 20.08 37.52 2.59
C ILE A 573 19.11 38.68 2.32
N ARG A 574 19.36 39.83 2.93
CA ARG A 574 18.45 40.96 2.86
C ARG A 574 18.87 41.98 1.81
N ASN A 575 20.09 42.49 1.90
CA ASN A 575 20.63 43.42 0.91
C ASN A 575 21.28 42.62 -0.22
N ASN A 576 20.87 42.90 -1.44
CA ASN A 576 21.39 42.17 -2.59
C ASN A 576 22.85 42.53 -2.83
N PRO A 577 23.78 41.58 -2.76
CA PRO A 577 25.20 41.91 -2.95
C PRO A 577 25.64 41.84 -4.39
N ARG A 578 26.90 42.18 -4.67
CA ARG A 578 27.44 41.97 -6.00
C ARG A 578 27.90 40.53 -6.22
N LEU A 579 27.96 39.72 -5.19
CA LEU A 579 28.44 38.34 -5.35
C LEU A 579 27.90 37.48 -4.22
N LEU A 580 27.13 36.46 -4.58
CA LEU A 580 26.74 35.40 -3.65
C LEU A 580 27.29 34.09 -4.17
N THR A 581 28.05 33.39 -3.33
CA THR A 581 28.67 32.13 -3.70
C THR A 581 28.05 31.02 -2.86
N ILE A 582 27.48 30.02 -3.53
CA ILE A 582 26.87 28.87 -2.87
C ILE A 582 27.69 27.64 -3.23
N LEU A 583 28.18 26.93 -2.22
CA LEU A 583 29.05 25.78 -2.40
C LEU A 583 28.40 24.58 -1.71
N CYS A 584 27.56 23.86 -2.44
CA CYS A 584 26.89 22.68 -1.89
C CYS A 584 26.40 21.83 -3.06
N HIS A 585 26.89 20.59 -3.14
CA HIS A 585 26.47 19.71 -4.22
C HIS A 585 25.00 19.39 -4.11
N GLY A 586 24.22 19.77 -5.13
CA GLY A 586 22.78 19.62 -5.11
C GLY A 586 22.33 18.26 -5.61
N GLU A 587 21.00 18.12 -5.71
CA GLU A 587 20.38 16.88 -6.14
C GLU A 587 19.31 17.18 -7.19
N ALA A 588 18.88 16.13 -7.88
CA ALA A 588 17.92 16.25 -8.96
C ALA A 588 16.69 15.41 -8.67
N ASN A 589 15.57 15.82 -9.24
CA ASN A 589 14.36 15.00 -9.32
C ASN A 589 14.12 14.68 -10.77
N MET A 590 14.02 13.39 -11.09
CA MET A 590 13.92 12.97 -12.48
C MET A 590 12.60 13.36 -13.14
N SER A 591 11.61 13.80 -12.36
CA SER A 591 10.31 14.16 -12.91
C SER A 591 9.96 15.62 -12.72
N ASN A 592 10.12 16.15 -11.50
CA ASN A 592 9.66 17.50 -11.18
C ASN A 592 10.84 18.44 -11.11
N PRO A 593 10.97 19.40 -12.03
CA PRO A 593 12.04 20.40 -11.90
C PRO A 593 11.89 21.29 -10.67
N PHE A 594 10.68 21.40 -10.13
CA PHE A 594 10.48 22.22 -8.93
C PHE A 594 11.11 21.61 -7.70
N ARG A 595 11.46 20.33 -7.73
CA ARG A 595 12.01 19.64 -6.57
C ARG A 595 13.52 19.49 -6.63
N SER A 596 14.16 19.98 -7.68
CA SER A 596 15.63 20.02 -7.69
C SER A 596 16.10 20.99 -6.62
N MET A 597 17.08 20.57 -5.83
CA MET A 597 17.46 21.30 -4.64
C MET A 597 18.97 21.41 -4.53
N LEU A 598 19.41 22.43 -3.80
CA LEU A 598 20.80 22.54 -3.38
C LEU A 598 20.92 21.96 -1.97
N LYS A 599 21.83 21.00 -1.80
CA LYS A 599 21.93 20.27 -0.54
C LYS A 599 22.59 21.17 0.50
N LEU A 600 21.81 22.12 1.00
CA LEU A 600 22.19 22.91 2.16
C LEU A 600 21.72 22.20 3.42
N ALA A 601 22.03 22.76 4.57
CA ALA A 601 21.63 22.15 5.83
C ALA A 601 20.13 22.31 6.05
N ASN A 602 19.61 21.56 7.02
CA ASN A 602 18.18 21.55 7.34
C ASN A 602 17.35 21.15 6.12
N GLY A 603 17.82 20.15 5.38
CA GLY A 603 17.09 19.63 4.25
C GLY A 603 17.37 20.30 2.92
N GLY A 604 18.13 21.38 2.90
CA GLY A 604 18.45 22.06 1.66
C GLY A 604 17.30 22.85 1.10
N ILE A 605 17.60 23.79 0.21
CA ILE A 605 16.59 24.65 -0.40
C ILE A 605 16.31 24.13 -1.80
N THR A 606 15.02 24.00 -2.14
CA THR A 606 14.62 23.41 -3.41
C THR A 606 14.39 24.50 -4.44
N TYR A 607 14.07 24.07 -5.67
CA TYR A 607 13.86 25.02 -6.76
C TYR A 607 12.68 25.95 -6.47
N LEU A 608 11.59 25.40 -5.92
CA LEU A 608 10.42 26.23 -5.64
C LEU A 608 10.66 27.14 -4.45
N GLU A 609 11.37 26.65 -3.43
CA GLU A 609 11.63 27.45 -2.25
C GLU A 609 12.48 28.67 -2.58
N ILE A 610 13.31 28.58 -3.62
CA ILE A 610 14.06 29.74 -4.06
C ILE A 610 13.12 30.83 -4.59
N LEU A 611 12.12 30.43 -5.37
CA LEU A 611 11.19 31.41 -5.93
C LEU A 611 10.40 32.11 -4.84
N ASN A 612 9.94 31.38 -3.83
CA ASN A 612 9.05 31.94 -2.83
C ASN A 612 9.81 32.68 -1.73
N SER A 613 10.82 32.03 -1.16
CA SER A 613 11.45 32.55 0.06
C SER A 613 12.58 33.53 -0.22
N VAL A 614 13.43 33.24 -1.20
CA VAL A 614 14.60 34.07 -1.47
C VAL A 614 14.16 35.36 -2.14
N LYS A 615 14.61 36.49 -1.60
CA LYS A 615 14.20 37.80 -2.12
C LYS A 615 15.37 38.73 -2.32
N GLY A 616 16.46 38.55 -1.57
CA GLY A 616 17.54 39.51 -1.57
C GLY A 616 18.69 39.23 -2.51
N LEU A 617 18.40 38.97 -3.79
CA LEU A 617 19.41 38.73 -4.80
C LEU A 617 19.13 39.49 -6.08
N LYS A 618 18.43 40.62 -5.99
CA LYS A 618 18.13 41.42 -7.17
C LYS A 618 19.43 41.98 -7.75
N GLY A 619 19.74 41.57 -8.99
CA GLY A 619 20.96 42.05 -9.64
C GLY A 619 22.24 41.60 -8.99
N SER A 620 22.29 40.35 -8.52
CA SER A 620 23.46 39.82 -7.82
C SER A 620 24.13 38.76 -8.69
N GLN A 621 25.42 38.96 -8.97
CA GLN A 621 26.19 37.94 -9.66
C GLN A 621 26.37 36.73 -8.74
N VAL A 622 26.23 35.54 -9.30
CA VAL A 622 26.30 34.30 -8.54
C VAL A 622 27.35 33.40 -9.16
N ILE A 623 28.19 32.80 -8.32
CA ILE A 623 29.24 31.89 -8.76
C ILE A 623 28.90 30.52 -8.18
N LEU A 624 27.61 30.21 -8.16
CA LEU A 624 27.09 28.92 -7.68
C LEU A 624 27.96 27.76 -8.15
N GLY A 625 28.53 27.03 -7.20
CA GLY A 625 29.45 25.96 -7.47
C GLY A 625 28.94 24.62 -7.00
N ALA A 626 27.67 24.34 -7.29
CA ALA A 626 27.00 23.17 -6.74
C ALA A 626 27.44 21.89 -7.43
N CYS A 627 28.75 21.65 -7.46
CA CYS A 627 29.35 20.42 -8.00
C CYS A 627 28.71 20.05 -9.35
N GLU A 628 28.94 20.92 -10.32
CA GLU A 628 28.47 20.75 -11.70
C GLU A 628 26.97 20.98 -11.82
N THR A 629 26.51 21.24 -13.04
CA THR A 629 25.09 21.24 -13.30
C THR A 629 24.51 19.85 -13.05
N ASP A 630 25.10 18.82 -13.69
CA ASP A 630 24.50 17.50 -13.84
C ASP A 630 23.83 16.97 -12.58
N LEU A 631 24.28 17.45 -11.42
CA LEU A 631 23.64 17.06 -10.17
C LEU A 631 22.20 17.57 -10.10
N VAL A 632 21.94 18.79 -10.57
CA VAL A 632 20.62 19.38 -10.41
C VAL A 632 19.60 18.93 -11.46
N PRO A 633 19.92 18.71 -12.74
CA PRO A 633 18.92 18.16 -13.65
C PRO A 633 19.08 16.66 -13.82
N PRO A 634 18.07 15.99 -14.39
CA PRO A 634 18.22 14.57 -14.73
C PRO A 634 19.08 14.37 -15.96
N LEU A 635 19.12 13.13 -16.46
CA LEU A 635 19.87 12.80 -17.65
C LEU A 635 18.92 12.79 -18.85
N SER A 636 19.35 13.38 -19.96
CA SER A 636 18.42 13.74 -21.03
C SER A 636 18.21 12.59 -22.01
N ASP A 637 17.04 12.61 -22.66
CA ASP A 637 16.64 11.68 -23.70
C ASP A 637 15.98 12.43 -24.85
N VAL A 638 16.68 13.45 -25.36
CA VAL A 638 16.28 14.42 -26.40
C VAL A 638 14.98 15.12 -25.98
N MET A 639 14.74 15.17 -24.67
CA MET A 639 13.70 16.00 -24.08
C MET A 639 14.23 16.53 -22.76
N ASP A 640 14.52 17.83 -22.70
CA ASP A 640 15.14 18.44 -21.53
C ASP A 640 14.41 19.72 -21.15
N GLU A 641 13.09 19.64 -21.03
CA GLU A 641 12.33 20.76 -20.47
C GLU A 641 12.72 21.04 -19.03
N HIS A 642 13.37 20.09 -18.36
CA HIS A 642 13.83 20.30 -16.99
C HIS A 642 14.81 21.46 -16.93
N TYR A 643 14.59 22.37 -15.99
CA TYR A 643 15.41 23.56 -15.82
C TYR A 643 16.13 23.49 -14.48
N SER A 644 17.42 23.81 -14.49
CA SER A 644 18.23 23.74 -13.29
C SER A 644 17.82 24.83 -12.30
N VAL A 645 18.40 24.77 -11.11
CA VAL A 645 18.11 25.79 -10.09
C VAL A 645 18.66 27.15 -10.44
N ALA A 646 19.56 27.23 -11.44
CA ALA A 646 20.10 28.52 -11.85
C ALA A 646 19.01 29.43 -12.41
N THR A 647 18.09 28.86 -13.20
CA THR A 647 17.02 29.68 -13.76
C THR A 647 16.08 30.19 -12.67
N ALA A 648 15.99 29.49 -11.54
CA ALA A 648 15.25 30.02 -10.41
C ALA A 648 15.93 31.28 -9.87
N LEU A 649 17.26 31.27 -9.80
CA LEU A 649 18.00 32.47 -9.40
C LEU A 649 17.80 33.60 -10.40
N LEU A 650 17.76 33.27 -11.70
CA LEU A 650 17.43 34.28 -12.69
C LEU A 650 16.03 34.85 -12.46
N LEU A 651 15.07 33.99 -12.13
CA LEU A 651 13.71 34.45 -11.91
C LEU A 651 13.61 35.36 -10.70
N ILE A 652 14.33 35.05 -9.62
CA ILE A 652 14.28 35.88 -8.41
C ILE A 652 15.10 37.15 -8.54
N GLY A 653 15.72 37.39 -9.70
CA GLY A 653 16.34 38.67 -9.98
C GLY A 653 17.86 38.69 -10.02
N ALA A 654 18.52 37.53 -9.98
CA ALA A 654 19.98 37.51 -10.05
C ALA A 654 20.44 37.97 -11.42
N ALA A 655 21.53 38.75 -11.44
CA ALA A 655 22.04 39.29 -12.68
C ALA A 655 22.76 38.24 -13.52
N GLY A 656 23.14 37.12 -12.92
CA GLY A 656 23.83 36.08 -13.65
C GLY A 656 24.33 34.96 -12.75
N VAL A 657 24.37 33.74 -13.28
CA VAL A 657 24.82 32.57 -12.53
C VAL A 657 25.99 31.96 -13.28
N VAL A 658 27.17 31.96 -12.67
CA VAL A 658 28.35 31.36 -13.25
C VAL A 658 28.52 29.99 -12.59
N GLY A 659 27.94 28.97 -13.21
CA GLY A 659 27.98 27.62 -12.68
C GLY A 659 28.97 26.74 -13.41
N THR A 660 28.88 25.45 -13.12
CA THR A 660 29.72 24.44 -13.74
C THR A 660 28.83 23.42 -14.44
N MET A 661 29.24 22.98 -15.62
CA MET A 661 28.41 22.07 -16.39
C MET A 661 28.63 20.62 -15.96
N TRP A 662 29.89 20.19 -15.89
CA TRP A 662 30.24 18.85 -15.45
C TRP A 662 31.23 18.92 -14.29
N LYS A 663 31.27 17.87 -13.49
CA LYS A 663 31.99 17.88 -12.24
C LYS A 663 33.48 18.09 -12.48
N VAL A 664 34.07 19.02 -11.72
CA VAL A 664 35.49 19.32 -11.81
C VAL A 664 36.08 19.28 -10.40
N ARG A 665 37.39 19.14 -10.34
CA ARG A 665 38.07 19.18 -9.05
C ARG A 665 37.87 20.54 -8.39
N SER A 666 37.81 20.52 -7.06
CA SER A 666 37.32 21.68 -6.33
C SER A 666 38.23 22.90 -6.46
N ASN A 667 39.54 22.70 -6.67
CA ASN A 667 40.40 23.87 -6.75
C ASN A 667 40.12 24.70 -8.00
N LYS A 668 39.51 24.11 -9.03
CA LYS A 668 39.17 24.88 -10.21
C LYS A 668 38.09 25.92 -9.91
N THR A 669 36.98 25.49 -9.29
CA THR A 669 35.96 26.45 -8.90
C THR A 669 36.44 27.35 -7.78
N LYS A 670 37.35 26.87 -6.94
CA LYS A 670 37.96 27.75 -5.94
C LYS A 670 38.74 28.87 -6.60
N SER A 671 39.51 28.56 -7.64
CA SER A 671 40.24 29.60 -8.36
C SER A 671 39.27 30.53 -9.10
N LEU A 672 38.18 29.98 -9.64
CA LEU A 672 37.18 30.83 -10.27
C LEU A 672 36.59 31.82 -9.28
N ILE A 673 36.30 31.37 -8.07
CA ILE A 673 35.79 32.27 -7.04
C ILE A 673 36.85 33.29 -6.66
N GLU A 674 38.10 32.84 -6.49
CA GLU A 674 39.19 33.75 -6.16
C GLU A 674 39.44 34.77 -7.26
N TRP A 675 38.95 34.50 -8.48
CA TRP A 675 38.99 35.47 -9.57
C TRP A 675 37.94 36.54 -9.29
N LYS A 676 38.31 37.48 -8.41
CA LYS A 676 37.38 38.46 -7.87
C LYS A 676 37.24 39.71 -8.73
N LEU A 677 38.08 39.89 -9.75
CA LEU A 677 37.93 41.04 -10.63
C LEU A 677 36.67 40.90 -11.47
N GLU A 678 35.96 42.01 -11.64
CA GLU A 678 34.72 42.00 -12.40
C GLU A 678 34.69 43.11 -13.44
N LEU A 684 33.92 36.10 -18.57
CA LEU A 684 34.29 34.76 -18.15
C LEU A 684 35.21 34.09 -19.16
N ASN A 685 34.93 34.30 -20.46
CA ASN A 685 35.74 33.68 -21.50
C ASN A 685 37.18 34.18 -21.47
N GLU A 686 37.42 35.38 -20.95
CA GLU A 686 38.80 35.86 -20.81
C GLU A 686 39.56 34.99 -19.81
N TRP A 687 38.89 34.53 -18.76
CA TRP A 687 39.52 33.62 -17.82
C TRP A 687 39.77 32.25 -18.45
N GLN A 688 38.75 31.70 -19.12
CA GLN A 688 38.89 30.38 -19.72
C GLN A 688 39.90 30.38 -20.86
N LYS A 689 40.05 31.50 -21.55
CA LYS A 689 40.96 31.54 -22.71
C LYS A 689 42.41 31.32 -22.28
N GLU A 690 42.80 31.90 -21.14
CA GLU A 690 44.18 31.80 -20.67
C GLU A 690 44.39 30.74 -19.61
N THR A 691 43.33 30.27 -18.96
CA THR A 691 43.48 29.23 -17.94
C THR A 691 43.85 27.89 -18.55
N GLY A 692 43.50 27.67 -19.81
CA GLY A 692 43.78 26.41 -20.45
C GLY A 692 42.61 25.84 -21.23
N GLY A 693 41.57 26.65 -21.43
CA GLY A 693 40.40 26.20 -22.15
C GLY A 693 40.64 25.95 -23.63
N ALA A 694 41.71 26.52 -24.18
CA ALA A 694 42.05 26.34 -25.59
C ALA A 694 43.15 25.32 -25.80
N ALA A 695 43.18 24.28 -24.96
CA ALA A 695 44.23 23.25 -25.00
C ALA A 695 43.62 21.87 -25.11
N TYR A 696 42.67 21.71 -26.03
CA TYR A 696 42.06 20.40 -26.24
C TYR A 696 42.98 19.45 -27.00
N LYS A 697 43.96 19.97 -27.72
CA LYS A 697 44.81 19.12 -28.55
C LYS A 697 45.80 18.32 -27.71
N ASP A 698 46.38 18.96 -26.68
CA ASP A 698 47.44 18.34 -25.90
C ASP A 698 46.94 17.75 -24.58
N HIS A 699 46.11 18.48 -23.84
CA HIS A 699 45.61 18.04 -22.54
C HIS A 699 44.10 18.13 -22.50
N PRO A 700 43.40 17.08 -22.93
CA PRO A 700 41.94 17.06 -22.84
C PRO A 700 41.43 17.26 -21.42
N PRO A 701 42.10 16.71 -20.39
CA PRO A 701 41.62 17.01 -19.02
C PRO A 701 41.61 18.49 -18.67
N THR A 702 42.60 19.26 -19.13
CA THR A 702 42.59 20.69 -18.90
C THR A 702 41.43 21.34 -19.64
N PHE A 703 41.18 20.92 -20.88
CA PHE A 703 40.02 21.39 -21.62
C PHE A 703 38.72 20.96 -20.93
N TYR A 704 38.72 19.80 -20.28
CA TYR A 704 37.50 19.30 -19.65
C TYR A 704 37.05 20.19 -18.51
N ARG A 705 37.97 20.64 -17.68
CA ARG A 705 37.61 21.38 -16.47
C ARG A 705 37.58 22.89 -16.66
N SER A 706 37.93 23.38 -17.86
CA SER A 706 37.85 24.80 -18.16
C SER A 706 36.57 25.17 -18.89
N ILE A 707 36.17 24.36 -19.88
CA ILE A 707 34.91 24.59 -20.60
C ILE A 707 33.69 24.31 -19.74
N ALA A 708 33.88 23.67 -18.59
CA ALA A 708 32.76 23.29 -17.74
C ALA A 708 31.99 24.48 -17.19
N PHE A 709 32.56 25.68 -17.25
CA PHE A 709 31.94 26.87 -16.68
C PHE A 709 31.26 27.68 -17.78
N ARG A 710 29.98 27.98 -17.58
CA ARG A 710 29.23 28.85 -18.46
C ARG A 710 28.48 29.87 -17.63
N SER A 711 28.23 31.03 -18.24
CA SER A 711 27.51 32.11 -17.58
C SER A 711 26.05 32.08 -18.02
N ILE A 712 25.14 31.93 -17.07
CA ILE A 712 23.71 31.92 -17.32
C ILE A 712 23.15 33.29 -16.96
N GLY A 713 22.44 33.90 -17.89
CA GLY A 713 21.89 35.23 -17.66
C GLY A 713 22.30 36.21 -18.73
N PHE A 714 21.56 37.30 -18.86
CA PHE A 714 21.84 38.31 -19.89
C PHE A 714 21.90 39.70 -19.27
N PRO A 715 23.05 40.38 -19.33
CA PRO A 715 23.26 41.75 -18.85
C PRO A 715 22.17 42.71 -19.33
N ASP B 5 38.18 -27.21 -37.38
CA ASP B 5 36.77 -27.57 -37.31
C ASP B 5 36.50 -28.43 -36.08
N MET B 6 36.69 -27.84 -34.91
CA MET B 6 36.46 -28.54 -33.64
C MET B 6 35.01 -28.35 -33.22
N ASN B 7 34.26 -29.44 -33.19
CA ASN B 7 32.86 -29.42 -32.75
C ASN B 7 32.84 -29.51 -31.23
N ILE B 8 32.58 -28.40 -30.57
CA ILE B 8 32.59 -28.32 -29.12
C ILE B 8 31.18 -28.58 -28.61
N THR B 9 31.02 -29.62 -27.81
CA THR B 9 29.74 -29.88 -27.14
C THR B 9 29.73 -29.16 -25.79
N VAL B 10 28.65 -28.43 -25.53
CA VAL B 10 28.59 -27.50 -24.41
C VAL B 10 27.45 -27.90 -23.49
N GLU B 11 27.74 -28.00 -22.20
CA GLU B 11 26.76 -28.34 -21.18
C GLU B 11 26.48 -27.09 -20.36
N LEU B 12 25.22 -26.68 -20.31
CA LEU B 12 24.81 -25.47 -19.61
C LEU B 12 23.89 -25.86 -18.45
N THR B 13 24.25 -25.43 -17.25
CA THR B 13 23.49 -25.76 -16.04
C THR B 13 23.12 -24.48 -15.31
N PHE B 14 21.91 -24.45 -14.76
CA PHE B 14 21.38 -23.31 -14.05
C PHE B 14 21.45 -23.53 -12.54
N PHE B 15 21.54 -22.43 -11.80
CA PHE B 15 21.59 -22.47 -10.35
C PHE B 15 20.51 -21.61 -9.69
N GLU B 16 19.63 -20.99 -10.48
CA GLU B 16 18.47 -20.27 -10.01
C GLU B 16 17.29 -20.67 -10.89
N PRO B 17 16.06 -20.44 -10.43
CA PRO B 17 14.92 -20.74 -11.29
C PRO B 17 14.86 -19.82 -12.49
N TYR B 18 15.24 -20.34 -13.66
CA TYR B 18 15.29 -19.53 -14.85
C TYR B 18 13.89 -19.38 -15.45
N ARG B 19 13.79 -18.50 -16.44
CA ARG B 19 12.52 -18.15 -17.04
C ARG B 19 12.46 -18.64 -18.48
N LEU B 20 11.29 -19.13 -18.89
CA LEU B 20 11.08 -19.57 -20.25
C LEU B 20 9.73 -19.08 -20.73
N VAL B 21 9.59 -18.93 -22.06
CA VAL B 21 8.39 -18.40 -22.67
C VAL B 21 8.15 -19.15 -23.97
N GLU B 22 6.91 -19.08 -24.46
CA GLU B 22 6.55 -19.72 -25.72
C GLU B 22 7.31 -19.07 -26.87
N TRP B 23 7.62 -19.88 -27.89
CA TRP B 23 8.53 -19.44 -28.94
C TRP B 23 7.88 -18.39 -29.85
N PHE B 24 6.78 -18.76 -30.52
CA PHE B 24 6.05 -17.86 -31.41
C PHE B 24 6.90 -17.31 -32.54
N ASP B 25 7.87 -18.10 -33.03
CA ASP B 25 8.60 -17.79 -34.26
C ASP B 25 9.26 -16.41 -34.13
N TRP B 26 9.42 -15.71 -35.25
CA TRP B 26 9.89 -14.33 -35.24
C TRP B 26 8.86 -13.36 -35.80
N ASP B 27 8.26 -13.68 -36.94
CA ASP B 27 7.17 -12.85 -37.47
C ASP B 27 5.97 -12.86 -36.54
N ALA B 28 5.61 -14.03 -36.02
CA ALA B 28 4.50 -14.14 -35.08
C ALA B 28 4.88 -13.71 -33.67
N ARG B 29 6.16 -13.50 -33.40
CA ARG B 29 6.58 -13.08 -32.06
C ARG B 29 6.05 -11.69 -31.74
N LYS B 30 6.06 -10.78 -32.72
CA LYS B 30 5.65 -9.41 -32.48
C LYS B 30 4.17 -9.29 -32.13
N LYS B 31 3.38 -10.31 -32.41
CA LYS B 31 1.95 -10.24 -32.11
C LYS B 31 1.70 -10.32 -30.60
N SER B 32 2.48 -11.11 -29.89
CA SER B 32 2.28 -11.33 -28.46
C SER B 32 3.31 -10.53 -27.66
N HIS B 33 2.84 -9.83 -26.63
CA HIS B 33 3.74 -9.04 -25.80
C HIS B 33 4.62 -9.90 -24.92
N SER B 34 4.09 -11.02 -24.43
CA SER B 34 4.86 -11.86 -23.51
C SER B 34 6.09 -12.44 -24.19
N ALA B 35 5.95 -12.91 -25.42
CA ALA B 35 7.10 -13.49 -26.12
C ALA B 35 8.10 -12.40 -26.50
N MET B 36 7.62 -11.22 -26.89
CA MET B 36 8.53 -10.12 -27.21
C MET B 36 9.32 -9.69 -25.99
N ARG B 37 8.67 -9.61 -24.83
CA ARG B 37 9.38 -9.29 -23.60
C ARG B 37 10.40 -10.37 -23.24
N GLY B 38 10.00 -11.63 -23.37
CA GLY B 38 10.87 -12.72 -22.99
C GLY B 38 11.74 -13.26 -24.12
N GLN B 39 12.34 -12.36 -24.90
CA GLN B 39 13.22 -12.80 -25.97
C GLN B 39 14.54 -13.36 -25.44
N ALA B 40 14.95 -12.95 -24.24
CA ALA B 40 16.18 -13.41 -23.64
C ALA B 40 15.98 -14.63 -22.74
N PHE B 41 14.79 -15.21 -22.73
CA PHE B 41 14.49 -16.37 -21.92
C PHE B 41 14.70 -17.66 -22.70
N ALA B 42 14.58 -18.77 -22.01
CA ALA B 42 14.48 -20.05 -22.69
C ALA B 42 13.16 -20.12 -23.45
N GLN B 43 13.12 -20.95 -24.49
CA GLN B 43 11.98 -21.02 -25.37
C GLN B 43 11.29 -22.37 -25.22
N TRP B 44 9.96 -22.34 -25.18
CA TRP B 44 9.14 -23.53 -25.05
C TRP B 44 8.28 -23.68 -26.29
N THR B 45 8.31 -24.86 -26.90
CA THR B 45 7.48 -25.18 -28.05
C THR B 45 6.72 -26.47 -27.78
N TRP B 46 5.45 -26.49 -28.17
CA TRP B 46 4.62 -27.66 -27.94
C TRP B 46 4.93 -28.75 -28.97
N LYS B 47 4.54 -29.98 -28.63
CA LYS B 47 4.70 -31.12 -29.52
C LYS B 47 3.37 -31.69 -29.97
N GLY B 48 2.48 -32.04 -29.04
CA GLY B 48 1.18 -32.55 -29.40
C GLY B 48 0.20 -31.43 -29.72
N LYS B 49 -0.98 -31.84 -30.19
CA LYS B 49 -2.02 -30.88 -30.52
C LYS B 49 -2.84 -30.46 -29.31
N GLY B 50 -2.67 -31.11 -28.17
CA GLY B 50 -3.43 -30.77 -26.98
C GLY B 50 -2.90 -29.59 -26.19
N ARG B 51 -1.73 -29.07 -26.58
CA ARG B 51 -1.10 -27.95 -25.87
C ARG B 51 -0.92 -28.27 -24.39
N THR B 52 -0.36 -29.44 -24.12
CA THR B 52 -0.05 -29.87 -22.76
C THR B 52 1.40 -30.29 -22.59
N ALA B 53 1.99 -30.93 -23.59
CA ALA B 53 3.37 -31.39 -23.52
C ALA B 53 4.18 -30.75 -24.64
N GLY B 54 5.46 -30.55 -24.37
CA GLY B 54 6.33 -29.95 -25.35
C GLY B 54 7.78 -30.09 -24.96
N LYS B 55 8.63 -29.41 -25.72
CA LYS B 55 10.07 -29.45 -25.51
C LYS B 55 10.59 -28.05 -25.23
N SER B 56 11.49 -27.95 -24.26
CA SER B 56 12.11 -26.68 -23.89
C SER B 56 13.50 -26.60 -24.50
N PHE B 57 13.92 -25.39 -24.85
CA PHE B 57 15.22 -25.18 -25.46
C PHE B 57 15.65 -23.74 -25.28
N ILE B 58 16.94 -23.50 -25.50
CA ILE B 58 17.52 -22.16 -25.48
C ILE B 58 18.13 -21.92 -26.85
N THR B 59 17.72 -20.84 -27.50
CA THR B 59 18.18 -20.58 -28.85
C THR B 59 19.68 -20.28 -28.85
N GLY B 60 20.38 -20.85 -29.83
CA GLY B 60 21.80 -20.60 -29.97
C GLY B 60 22.14 -19.15 -30.21
N THR B 61 21.18 -18.37 -30.72
CA THR B 61 21.41 -16.94 -30.88
C THR B 61 21.53 -16.24 -29.53
N LEU B 62 20.71 -16.64 -28.56
CA LEU B 62 20.80 -16.04 -27.23
C LEU B 62 22.10 -16.41 -26.53
N VAL B 63 22.50 -17.67 -26.61
CA VAL B 63 23.77 -18.08 -26.05
C VAL B 63 24.92 -17.36 -26.75
N ARG B 64 24.81 -17.18 -28.06
CA ARG B 64 25.82 -16.44 -28.80
C ARG B 64 25.90 -15.00 -28.34
N SER B 65 24.74 -14.38 -28.08
CA SER B 65 24.73 -13.01 -27.59
C SER B 65 25.39 -12.91 -26.23
N ALA B 66 25.09 -13.84 -25.33
CA ALA B 66 25.73 -13.84 -24.02
C ALA B 66 27.23 -14.04 -24.13
N VAL B 67 27.66 -14.95 -25.01
CA VAL B 67 29.09 -15.20 -25.18
C VAL B 67 29.77 -13.98 -25.80
N ILE B 68 29.08 -13.28 -26.71
CA ILE B 68 29.66 -12.09 -27.33
C ILE B 68 29.82 -10.99 -26.29
N LYS B 69 28.83 -10.82 -25.42
CA LYS B 69 28.96 -9.86 -24.33
C LYS B 69 30.11 -10.25 -23.40
N ALA B 70 30.27 -11.55 -23.14
CA ALA B 70 31.38 -12.02 -22.32
C ALA B 70 32.73 -11.71 -22.96
N VAL B 71 32.84 -11.92 -24.28
CA VAL B 71 34.08 -11.60 -24.98
C VAL B 71 34.35 -10.10 -24.91
N GLU B 72 33.31 -9.30 -25.10
CA GLU B 72 33.45 -7.85 -25.01
C GLU B 72 33.99 -7.44 -23.65
N GLU B 73 33.36 -7.93 -22.58
CA GLU B 73 33.81 -7.59 -21.23
C GLU B 73 35.22 -8.09 -20.97
N LEU B 74 35.51 -9.30 -21.43
CA LEU B 74 36.81 -9.91 -21.18
C LEU B 74 37.93 -9.13 -21.87
N LEU B 75 37.67 -8.66 -23.09
CA LEU B 75 38.66 -7.86 -23.79
C LEU B 75 38.77 -6.46 -23.19
N SER B 76 37.66 -5.89 -22.76
CA SER B 76 37.69 -4.56 -22.15
C SER B 76 38.48 -4.58 -20.85
N LEU B 77 38.30 -5.63 -20.04
CA LEU B 77 39.04 -5.74 -18.78
C LEU B 77 40.53 -5.90 -19.03
N ASN B 78 40.92 -6.52 -20.14
CA ASN B 78 42.32 -6.75 -20.48
C ASN B 78 42.84 -5.75 -21.49
N ASN B 79 42.18 -4.59 -21.62
CA ASN B 79 42.61 -3.52 -22.53
C ASN B 79 42.64 -3.97 -23.98
N GLY B 80 41.63 -4.73 -24.39
CA GLY B 80 41.46 -5.05 -25.79
C GLY B 80 42.39 -6.10 -26.34
N LYS B 81 42.98 -6.94 -25.49
CA LYS B 81 43.82 -8.03 -25.95
C LYS B 81 43.64 -9.22 -25.03
N TRP B 82 43.64 -10.42 -25.61
CA TRP B 82 43.50 -11.64 -24.84
C TRP B 82 44.67 -12.56 -25.15
N GLU B 83 45.40 -12.95 -24.11
CA GLU B 83 46.54 -13.86 -24.23
C GLU B 83 47.60 -13.33 -25.18
N GLY B 84 47.75 -12.00 -25.26
CA GLY B 84 48.83 -11.38 -25.99
C GLY B 84 48.48 -10.92 -27.39
N VAL B 85 47.42 -11.46 -27.98
CA VAL B 85 47.01 -11.09 -29.33
C VAL B 85 46.04 -9.92 -29.24
N PRO B 86 46.30 -8.80 -29.90
CA PRO B 86 45.37 -7.67 -29.82
C PRO B 86 44.12 -7.92 -30.64
N CYS B 87 43.01 -7.34 -30.18
CA CYS B 87 41.73 -7.43 -30.86
C CYS B 87 41.18 -6.03 -31.09
N CYS B 88 40.63 -5.80 -32.28
CA CYS B 88 40.06 -4.50 -32.61
C CYS B 88 38.72 -4.33 -31.92
N ASN B 89 38.05 -3.21 -32.18
CA ASN B 89 36.80 -2.87 -31.52
C ASN B 89 35.61 -3.66 -32.07
N GLY B 90 35.77 -4.38 -33.16
CA GLY B 90 34.67 -5.08 -33.77
C GLY B 90 33.71 -4.14 -34.46
N SER B 91 32.57 -4.65 -34.93
CA SER B 91 31.56 -3.83 -35.57
C SER B 91 30.19 -4.20 -34.99
N PHE B 92 29.41 -3.18 -34.64
CA PHE B 92 28.07 -3.38 -34.10
C PHE B 92 27.05 -2.46 -34.77
N GLN B 93 27.35 -1.95 -35.96
CA GLN B 93 26.41 -1.18 -36.74
C GLN B 93 26.04 -1.93 -38.00
N THR B 94 24.75 -1.95 -38.33
CA THR B 94 24.25 -2.54 -39.56
C THR B 94 23.53 -1.47 -40.35
N ASP B 95 24.06 -1.13 -41.52
CA ASP B 95 23.47 -0.11 -42.36
C ASP B 95 22.18 -0.65 -43.00
N GLU B 96 21.11 0.15 -42.92
CA GLU B 96 19.83 -0.28 -43.46
C GLU B 96 19.89 -0.49 -44.96
N SER B 97 20.51 0.44 -45.69
CA SER B 97 20.52 0.37 -47.14
C SER B 97 21.34 -0.81 -47.65
N LYS B 98 22.49 -1.07 -47.02
CA LYS B 98 23.37 -2.13 -47.50
C LYS B 98 22.74 -3.51 -47.32
N GLY B 99 22.06 -3.75 -46.21
CA GLY B 99 21.49 -5.07 -46.00
C GLY B 99 20.49 -5.08 -44.87
N LYS B 100 19.99 -6.28 -44.59
CA LYS B 100 19.00 -6.47 -43.54
C LYS B 100 19.63 -6.23 -42.17
N LYS B 101 18.80 -5.78 -41.23
CA LYS B 101 19.23 -5.56 -39.86
C LYS B 101 19.20 -6.88 -39.07
N PRO B 102 19.98 -6.96 -37.99
CA PRO B 102 19.89 -8.15 -37.13
C PRO B 102 18.51 -8.25 -36.49
N SER B 103 18.11 -9.49 -36.21
CA SER B 103 16.80 -9.70 -35.60
C SER B 103 16.70 -9.10 -34.20
N PHE B 104 17.83 -8.85 -33.56
CA PHE B 104 17.87 -8.20 -32.25
C PHE B 104 18.79 -7.00 -32.32
N LEU B 105 18.31 -5.86 -31.85
CA LEU B 105 19.07 -4.61 -31.86
C LEU B 105 19.65 -4.38 -30.47
N ARG B 106 20.85 -3.79 -30.41
CA ARG B 106 21.59 -3.76 -29.16
C ARG B 106 20.90 -2.90 -28.12
N LYS B 107 20.77 -1.60 -28.38
CA LYS B 107 20.10 -0.69 -27.43
C LYS B 107 20.81 -0.71 -26.07
N ARG B 108 22.15 -0.73 -26.11
CA ARG B 108 22.94 -0.89 -24.90
C ARG B 108 24.32 -0.29 -25.13
N HIS B 109 24.96 0.15 -24.04
CA HIS B 109 26.31 0.67 -24.13
C HIS B 109 27.28 -0.44 -24.53
N THR B 110 28.26 -0.10 -25.34
CA THR B 110 29.21 -1.05 -25.90
C THR B 110 30.61 -0.74 -25.37
N LEU B 111 31.23 -1.72 -24.73
CA LEU B 111 32.59 -1.54 -24.25
C LEU B 111 33.56 -1.47 -25.42
N GLN B 112 34.47 -0.50 -25.36
CA GLN B 112 35.45 -0.30 -26.43
C GLN B 112 36.81 0.01 -25.82
N TRP B 113 37.84 -0.15 -26.64
CA TRP B 113 39.22 0.09 -26.21
C TRP B 113 39.92 0.89 -27.30
N GLN B 114 41.24 1.02 -27.17
CA GLN B 114 42.03 1.88 -28.06
C GLN B 114 42.63 1.06 -29.20
N ALA B 115 41.75 0.38 -29.94
CA ALA B 115 42.12 -0.32 -31.16
C ALA B 115 43.31 -1.25 -30.99
N ASN B 116 44.50 -0.77 -31.33
CA ASN B 116 45.80 -1.43 -31.21
C ASN B 116 46.00 -2.54 -32.24
N ASN B 117 45.02 -2.81 -33.11
CA ASN B 117 45.21 -3.79 -34.17
C ASN B 117 46.14 -3.24 -35.23
N LYS B 118 47.02 -4.10 -35.75
CA LYS B 118 48.00 -3.67 -36.74
C LYS B 118 47.32 -3.23 -38.03
N ASN B 119 46.33 -3.99 -38.48
CA ASN B 119 45.65 -3.71 -39.74
C ASN B 119 44.15 -3.91 -39.58
N ILE B 120 43.39 -3.29 -40.49
CA ILE B 120 41.94 -3.41 -40.46
C ILE B 120 41.55 -4.86 -40.71
N CYS B 121 40.65 -5.38 -39.89
CA CYS B 121 40.21 -6.76 -40.02
C CYS B 121 39.45 -6.96 -41.32
N ASP B 122 39.89 -7.93 -42.12
CA ASP B 122 39.22 -8.25 -43.37
C ASP B 122 38.98 -9.76 -43.47
N LYS B 123 38.51 -10.22 -44.63
CA LYS B 123 38.20 -11.63 -44.79
C LYS B 123 39.45 -12.50 -44.69
N GLU B 124 40.55 -12.04 -45.28
CA GLU B 124 41.78 -12.85 -45.26
C GLU B 124 42.32 -13.01 -43.84
N GLU B 125 42.31 -11.95 -43.05
CA GLU B 125 42.84 -11.98 -41.70
C GLU B 125 41.92 -11.20 -40.79
N ALA B 126 41.41 -11.84 -39.74
CA ALA B 126 40.51 -11.21 -38.79
C ALA B 126 40.95 -11.51 -37.37
N CYS B 127 40.74 -10.55 -36.48
CA CYS B 127 41.07 -10.72 -35.08
C CYS B 127 40.14 -11.74 -34.44
N PRO B 128 40.56 -12.34 -33.32
CA PRO B 128 39.68 -13.33 -32.66
C PRO B 128 38.32 -12.77 -32.28
N PHE B 129 38.23 -11.48 -31.93
CA PHE B 129 36.93 -10.89 -31.65
C PHE B 129 36.06 -10.85 -32.90
N CYS B 130 36.66 -10.52 -34.05
CA CYS B 130 35.92 -10.53 -35.31
C CYS B 130 35.56 -11.95 -35.74
N ILE B 131 36.43 -12.92 -35.45
CA ILE B 131 36.12 -14.31 -35.76
C ILE B 131 34.93 -14.78 -34.93
N LEU B 132 34.93 -14.46 -33.63
CA LEU B 132 33.83 -14.87 -32.77
C LEU B 132 32.53 -14.15 -33.15
N LEU B 133 32.63 -12.90 -33.58
CA LEU B 133 31.45 -12.20 -34.07
C LEU B 133 30.92 -12.80 -35.36
N GLY B 134 31.73 -13.57 -36.07
CA GLY B 134 31.32 -14.13 -37.34
C GLY B 134 31.10 -13.10 -38.42
N ARG B 135 31.98 -12.10 -38.52
CA ARG B 135 31.79 -11.04 -39.49
C ARG B 135 32.12 -11.51 -40.91
N PHE B 136 33.37 -11.91 -41.14
CA PHE B 136 33.84 -12.26 -42.47
C PHE B 136 33.74 -13.77 -42.74
N ASP B 137 32.55 -14.32 -42.54
CA ASP B 137 32.26 -15.71 -42.86
C ASP B 137 31.40 -15.77 -44.11
N ASN B 138 31.03 -16.98 -44.50
CA ASN B 138 30.16 -17.19 -45.65
C ASN B 138 28.69 -17.13 -45.29
N ALA B 139 28.35 -16.96 -44.02
CA ALA B 139 26.97 -16.96 -43.56
C ALA B 139 26.57 -15.56 -43.10
N GLY B 140 25.34 -15.18 -43.43
CA GLY B 140 24.81 -13.88 -43.09
C GLY B 140 23.43 -14.01 -42.44
N LYS B 141 22.65 -12.94 -42.56
CA LYS B 141 21.31 -12.90 -41.99
C LYS B 141 20.22 -13.23 -43.00
N VAL B 142 20.47 -13.06 -44.30
CA VAL B 142 19.42 -13.15 -45.29
C VAL B 142 18.84 -14.56 -45.35
N HIS B 143 19.71 -15.57 -45.20
CA HIS B 143 19.25 -16.95 -45.26
C HIS B 143 20.12 -17.80 -44.35
N GLU B 144 19.54 -18.88 -43.83
CA GLU B 144 20.31 -19.85 -43.09
C GLU B 144 21.15 -20.72 -44.01
N ARG B 145 20.57 -21.16 -45.14
CA ARG B 145 21.24 -21.99 -46.13
C ARG B 145 21.77 -23.26 -45.47
N ASN B 146 22.97 -23.21 -44.93
CA ASN B 146 23.59 -24.37 -44.28
C ASN B 146 24.68 -23.87 -43.34
N LYS B 147 25.51 -24.79 -42.86
CA LYS B 147 26.57 -24.46 -41.91
C LYS B 147 27.80 -23.95 -42.66
N ASP B 148 27.67 -22.74 -43.20
CA ASP B 148 28.80 -21.98 -43.70
C ASP B 148 29.44 -21.11 -42.62
N TYR B 149 28.90 -21.15 -41.40
CA TYR B 149 29.36 -20.29 -40.33
C TYR B 149 30.78 -20.62 -39.94
N ASP B 150 31.61 -19.57 -39.81
CA ASP B 150 32.94 -19.77 -39.24
C ASP B 150 32.84 -20.24 -37.81
N ILE B 151 31.92 -19.64 -37.03
CA ILE B 151 31.56 -20.11 -35.71
C ILE B 151 30.05 -20.23 -35.64
N HIS B 152 29.57 -21.38 -35.16
CA HIS B 152 28.15 -21.67 -35.15
C HIS B 152 27.74 -22.11 -33.75
N PHE B 153 26.83 -21.34 -33.13
CA PHE B 153 26.26 -21.70 -31.84
C PHE B 153 24.96 -22.43 -32.09
N SER B 154 24.98 -23.75 -31.95
CA SER B 154 23.78 -24.54 -32.23
C SER B 154 22.73 -24.32 -31.14
N ASN B 155 21.53 -24.83 -31.40
CA ASN B 155 20.42 -24.68 -30.47
C ASN B 155 20.65 -25.55 -29.24
N PHE B 156 20.38 -24.98 -28.07
CA PHE B 156 20.65 -25.67 -26.80
C PHE B 156 19.39 -26.38 -26.33
N ASP B 157 19.49 -27.69 -26.14
CA ASP B 157 18.35 -28.54 -25.82
C ASP B 157 18.36 -28.92 -24.35
N LEU B 158 17.16 -29.07 -23.78
CA LEU B 158 17.02 -29.45 -22.39
C LEU B 158 17.51 -30.88 -22.20
N ASP B 159 18.68 -31.03 -21.58
CA ASP B 159 19.27 -32.35 -21.36
C ASP B 159 18.58 -33.13 -20.26
N HIS B 160 17.88 -32.45 -19.35
CA HIS B 160 17.28 -33.13 -18.20
C HIS B 160 16.23 -34.14 -18.66
N LYS B 161 15.41 -33.78 -19.64
CA LYS B 161 14.38 -34.67 -20.17
C LYS B 161 15.05 -35.71 -21.06
N GLN B 162 15.85 -36.57 -20.42
CA GLN B 162 16.57 -37.65 -21.11
C GLN B 162 15.71 -38.92 -21.12
N GLU B 163 14.49 -38.77 -21.61
CA GLU B 163 13.55 -39.88 -21.68
C GLU B 163 12.49 -39.55 -22.72
N LYS B 164 11.75 -40.58 -23.13
CA LYS B 164 10.65 -40.44 -24.07
C LYS B 164 9.31 -40.18 -23.39
N ASN B 165 9.34 -39.59 -22.20
CA ASN B 165 8.12 -39.36 -21.43
C ASN B 165 7.30 -38.17 -21.93
N ASP B 166 7.85 -37.33 -22.80
CA ASP B 166 7.16 -36.17 -23.35
C ASP B 166 6.67 -35.26 -22.23
N LEU B 167 7.65 -34.64 -21.56
CA LEU B 167 7.38 -33.88 -20.35
C LEU B 167 6.36 -32.77 -20.60
N ARG B 168 5.48 -32.57 -19.64
CA ARG B 168 4.47 -31.53 -19.71
C ARG B 168 5.05 -30.21 -19.22
N LEU B 169 4.40 -29.11 -19.64
CA LEU B 169 4.85 -27.79 -19.23
C LEU B 169 4.67 -27.57 -17.73
N VAL B 170 3.62 -28.15 -17.15
CA VAL B 170 3.37 -27.96 -15.72
C VAL B 170 4.49 -28.57 -14.90
N ASP B 171 5.06 -29.68 -15.37
CA ASP B 171 6.12 -30.35 -14.62
C ASP B 171 7.38 -29.50 -14.52
N ILE B 172 7.67 -28.70 -15.54
CA ILE B 172 8.92 -27.95 -15.59
C ILE B 172 8.75 -26.53 -15.07
N ALA B 173 7.67 -25.85 -15.45
CA ALA B 173 7.52 -24.42 -15.17
C ALA B 173 6.40 -24.17 -14.18
N SER B 174 6.43 -22.97 -13.61
CA SER B 174 5.38 -22.50 -12.71
C SER B 174 5.21 -21.00 -12.93
N GLY B 175 3.98 -20.58 -13.16
CA GLY B 175 3.72 -19.18 -13.44
C GLY B 175 3.87 -18.31 -12.21
N ARG B 176 4.41 -17.12 -12.40
CA ARG B 176 4.58 -16.15 -11.33
C ARG B 176 4.30 -14.75 -11.87
N ILE B 177 3.92 -13.86 -10.95
CA ILE B 177 3.61 -12.48 -11.28
C ILE B 177 4.60 -11.58 -10.55
N LEU B 178 5.08 -10.55 -11.25
CA LEU B 178 6.08 -9.63 -10.72
C LEU B 178 5.59 -8.21 -10.89
N ASN B 179 5.75 -7.38 -9.86
CA ASN B 179 5.31 -6.00 -9.94
C ASN B 179 6.40 -5.07 -10.46
N ARG B 180 6.00 -3.82 -10.68
CA ARG B 180 6.88 -2.66 -10.73
C ARG B 180 6.30 -1.68 -9.70
N VAL B 181 6.95 -1.58 -8.54
CA VAL B 181 6.41 -0.84 -7.41
C VAL B 181 6.84 0.61 -7.50
N ASP B 182 5.88 1.52 -7.34
CA ASP B 182 6.17 2.95 -7.35
C ASP B 182 6.88 3.35 -6.05
N PHE B 183 8.05 3.98 -6.20
CA PHE B 183 8.85 4.33 -5.03
C PHE B 183 8.13 5.33 -4.13
N ASP B 184 7.50 6.34 -4.73
CA ASP B 184 6.92 7.42 -3.94
C ASP B 184 5.70 6.96 -3.16
N THR B 185 4.84 6.14 -3.77
CA THR B 185 3.61 5.71 -3.11
C THR B 185 3.70 4.33 -2.50
N GLY B 186 4.64 3.49 -2.93
CA GLY B 186 4.76 2.15 -2.41
C GLY B 186 3.79 1.14 -2.99
N LYS B 187 2.91 1.57 -3.90
CA LYS B 187 1.96 0.68 -4.54
C LYS B 187 2.43 0.34 -5.95
N ALA B 188 2.17 -0.89 -6.37
CA ALA B 188 2.62 -1.35 -7.68
C ALA B 188 1.87 -0.62 -8.78
N LYS B 189 2.63 -0.12 -9.77
CA LYS B 189 2.01 0.55 -10.91
C LYS B 189 1.38 -0.46 -11.85
N ASP B 190 2.03 -1.60 -12.07
CA ASP B 190 1.57 -2.61 -13.00
C ASP B 190 2.29 -3.92 -12.66
N TYR B 191 2.10 -4.93 -13.50
CA TYR B 191 2.76 -6.20 -13.29
C TYR B 191 2.91 -6.92 -14.63
N PHE B 192 3.58 -8.07 -14.58
CA PHE B 192 3.70 -8.94 -15.74
C PHE B 192 3.88 -10.37 -15.25
N ARG B 193 3.58 -11.31 -16.13
CA ARG B 193 3.65 -12.73 -15.81
C ARG B 193 4.88 -13.35 -16.46
N THR B 194 5.37 -14.42 -15.83
CA THR B 194 6.50 -15.17 -16.38
C THR B 194 6.41 -16.60 -15.88
N TRP B 195 7.12 -17.49 -16.58
CA TRP B 195 7.22 -18.89 -16.22
C TRP B 195 8.61 -19.15 -15.65
N GLU B 196 8.66 -19.78 -14.48
CA GLU B 196 9.92 -20.09 -13.80
C GLU B 196 10.14 -21.59 -13.84
N ALA B 197 11.08 -22.04 -14.67
CA ALA B 197 11.44 -23.45 -14.71
C ALA B 197 12.41 -23.78 -13.60
N ASP B 198 12.12 -24.85 -12.86
CA ASP B 198 12.95 -25.19 -11.72
C ASP B 198 14.31 -25.71 -12.18
N TYR B 199 15.37 -25.21 -11.56
CA TYR B 199 16.73 -25.60 -11.88
C TYR B 199 17.13 -26.92 -11.23
N GLU B 200 16.36 -27.42 -10.26
CA GLU B 200 16.75 -28.62 -9.55
C GLU B 200 16.72 -29.83 -10.47
N THR B 201 15.62 -30.03 -11.19
CA THR B 201 15.48 -31.16 -12.10
C THR B 201 15.75 -30.76 -13.55
N TYR B 202 14.97 -29.82 -14.08
CA TYR B 202 15.12 -29.39 -15.46
C TYR B 202 15.95 -28.10 -15.51
N GLY B 203 17.22 -28.24 -15.14
CA GLY B 203 18.09 -27.09 -15.06
C GLY B 203 19.38 -27.23 -15.81
N THR B 204 19.47 -28.21 -16.70
CA THR B 204 20.66 -28.41 -17.51
C THR B 204 20.29 -28.42 -18.98
N TYR B 205 21.15 -27.84 -19.81
CA TYR B 205 20.91 -27.70 -21.24
C TYR B 205 22.18 -28.06 -21.99
N THR B 206 22.02 -28.83 -23.07
CA THR B 206 23.15 -29.29 -23.88
C THR B 206 23.05 -28.69 -25.26
N GLY B 207 24.18 -28.19 -25.77
CA GLY B 207 24.24 -27.65 -27.11
C GLY B 207 25.64 -27.79 -27.67
N ARG B 208 25.77 -27.55 -28.96
CA ARG B 208 27.04 -27.65 -29.66
C ARG B 208 27.47 -26.29 -30.17
N ILE B 209 28.77 -26.03 -30.12
CA ILE B 209 29.36 -24.83 -30.70
C ILE B 209 30.46 -25.27 -31.65
N THR B 210 30.27 -24.99 -32.94
CA THR B 210 31.22 -25.39 -33.98
C THR B 210 32.02 -24.17 -34.40
N LEU B 211 33.34 -24.24 -34.20
CA LEU B 211 34.24 -23.16 -34.56
C LEU B 211 35.27 -23.68 -35.57
N ARG B 212 35.38 -22.99 -36.70
CA ARG B 212 36.27 -23.42 -37.77
C ARG B 212 37.66 -22.79 -37.68
N ASN B 213 37.77 -21.59 -37.10
CA ASN B 213 39.05 -20.90 -37.00
C ASN B 213 39.68 -21.20 -35.65
N GLU B 214 40.88 -21.77 -35.67
CA GLU B 214 41.57 -22.13 -34.44
C GLU B 214 42.15 -20.93 -33.72
N HIS B 215 42.14 -19.75 -34.34
CA HIS B 215 42.70 -18.55 -33.73
C HIS B 215 41.85 -18.01 -32.59
N ALA B 216 40.63 -18.51 -32.40
CA ALA B 216 39.72 -17.99 -31.38
C ALA B 216 39.37 -19.02 -30.32
N LYS B 217 40.07 -20.15 -30.26
CA LYS B 217 39.75 -21.19 -29.28
C LYS B 217 39.84 -20.66 -27.87
N LYS B 218 40.97 -20.05 -27.51
CA LYS B 218 41.18 -19.62 -26.14
C LYS B 218 40.18 -18.55 -25.73
N LEU B 219 39.92 -17.58 -26.62
CA LEU B 219 38.95 -16.54 -26.31
C LEU B 219 37.55 -17.11 -26.15
N LEU B 220 37.17 -18.05 -27.02
CA LEU B 220 35.83 -18.63 -26.92
C LEU B 220 35.67 -19.42 -25.62
N LEU B 221 36.67 -20.22 -25.26
CA LEU B 221 36.57 -21.00 -24.03
C LEU B 221 36.55 -20.10 -22.80
N ALA B 222 37.38 -19.06 -22.78
CA ALA B 222 37.38 -18.13 -21.66
C ALA B 222 36.05 -17.41 -21.54
N SER B 223 35.47 -17.00 -22.66
CA SER B 223 34.17 -16.34 -22.62
C SER B 223 33.07 -17.29 -22.15
N LEU B 224 33.16 -18.57 -22.54
CA LEU B 224 32.22 -19.56 -22.03
C LEU B 224 32.35 -19.67 -20.52
N GLY B 225 33.59 -19.64 -20.01
CA GLY B 225 33.79 -19.65 -18.58
C GLY B 225 33.48 -18.35 -17.87
N PHE B 226 33.30 -17.26 -18.62
CA PHE B 226 33.09 -15.93 -18.03
C PHE B 226 31.63 -15.50 -18.03
N VAL B 227 30.80 -16.02 -18.93
CA VAL B 227 29.39 -15.67 -18.94
C VAL B 227 28.73 -16.23 -17.69
N ASP B 228 28.00 -15.37 -16.98
CA ASP B 228 27.51 -15.68 -15.65
C ASP B 228 26.00 -15.87 -15.58
N LYS B 229 25.22 -15.02 -16.21
CA LYS B 229 23.77 -15.09 -16.16
C LYS B 229 23.21 -15.40 -17.54
N LEU B 230 22.11 -16.15 -17.56
CA LEU B 230 21.40 -16.45 -18.79
C LEU B 230 19.97 -16.84 -18.43
N CYS B 231 19.02 -16.34 -19.22
CA CYS B 231 17.60 -16.66 -19.05
C CYS B 231 17.08 -16.28 -17.67
N GLY B 232 17.66 -15.25 -17.06
CA GLY B 232 17.21 -14.79 -15.77
C GLY B 232 17.76 -15.54 -14.57
N ALA B 233 18.81 -16.33 -14.74
CA ALA B 233 19.36 -17.13 -13.66
C ALA B 233 20.87 -17.21 -13.79
N LEU B 234 21.54 -17.37 -12.65
CA LEU B 234 22.97 -17.63 -12.66
C LEU B 234 23.23 -19.00 -13.27
N CYS B 235 24.34 -19.12 -13.99
CA CYS B 235 24.63 -20.36 -14.69
C CYS B 235 26.14 -20.48 -14.87
N ARG B 236 26.58 -21.72 -15.11
CA ARG B 236 27.95 -21.98 -15.53
C ARG B 236 27.91 -22.86 -16.77
N ILE B 237 28.80 -22.60 -17.71
CA ILE B 237 28.85 -23.29 -18.98
C ILE B 237 30.13 -24.12 -19.03
N GLU B 238 29.97 -25.43 -19.23
CA GLU B 238 31.08 -26.36 -19.22
C GLU B 238 31.21 -27.03 -20.58
N VAL B 239 32.45 -27.24 -21.00
CA VAL B 239 32.75 -27.92 -22.24
C VAL B 239 33.03 -29.38 -21.92
N ILE B 240 32.21 -30.28 -22.44
CA ILE B 240 32.32 -31.70 -22.12
C ILE B 240 32.72 -32.49 -23.36
N HIS B 269 -6.12 -37.39 -5.95
CA HIS B 269 -6.18 -36.68 -7.22
C HIS B 269 -7.03 -35.41 -7.07
N ASN B 270 -6.74 -34.41 -7.90
CA ASN B 270 -7.38 -33.10 -7.73
C ASN B 270 -8.85 -33.14 -8.09
N ASP B 271 -9.23 -33.90 -9.12
CA ASP B 271 -10.62 -33.92 -9.56
C ASP B 271 -11.52 -34.55 -8.51
N GLU B 272 -11.10 -35.67 -7.92
CA GLU B 272 -11.89 -36.30 -6.87
C GLU B 272 -12.00 -35.40 -5.65
N LEU B 273 -10.91 -34.73 -5.29
CA LEU B 273 -10.95 -33.80 -4.17
C LEU B 273 -11.92 -32.65 -4.44
N ARG B 274 -11.92 -32.13 -5.68
CA ARG B 274 -12.84 -31.06 -6.02
C ARG B 274 -14.29 -31.53 -5.96
N LYS B 275 -14.55 -32.74 -6.44
CA LYS B 275 -15.92 -33.28 -6.37
C LYS B 275 -16.36 -33.45 -4.93
N GLN B 276 -15.49 -33.98 -4.07
CA GLN B 276 -15.84 -34.14 -2.66
C GLN B 276 -16.03 -32.81 -1.96
N ALA B 277 -15.22 -31.81 -2.32
CA ALA B 277 -15.38 -30.48 -1.77
C ALA B 277 -16.71 -29.87 -2.19
N GLU B 278 -17.10 -30.09 -3.45
CA GLU B 278 -18.41 -29.64 -3.91
C GLU B 278 -19.53 -30.32 -3.14
N VAL B 279 -19.37 -31.62 -2.87
CA VAL B 279 -20.37 -32.34 -2.08
C VAL B 279 -20.47 -31.76 -0.68
N ILE B 280 -19.32 -31.46 -0.06
CA ILE B 280 -19.31 -30.88 1.28
C ILE B 280 -20.00 -29.51 1.28
N VAL B 281 -19.69 -28.70 0.26
CA VAL B 281 -20.30 -27.37 0.18
C VAL B 281 -21.80 -27.49 0.00
N GLU B 282 -22.25 -28.42 -0.83
CA GLU B 282 -23.69 -28.62 -1.01
C GLU B 282 -24.35 -29.08 0.28
N ALA B 283 -23.69 -29.97 1.02
CA ALA B 283 -24.24 -30.40 2.32
C ALA B 283 -24.36 -29.21 3.27
N PHE B 284 -23.35 -28.35 3.29
CA PHE B 284 -23.42 -27.14 4.11
C PHE B 284 -24.55 -26.24 3.65
N LYS B 285 -24.79 -26.16 2.34
CA LYS B 285 -25.87 -25.33 1.82
C LYS B 285 -27.23 -25.85 2.28
N GLN B 286 -27.48 -27.16 2.14
CA GLN B 286 -28.71 -27.71 2.68
C GLN B 286 -28.79 -27.60 4.20
N ASN B 287 -27.65 -27.53 4.89
CA ASN B 287 -27.68 -27.21 6.32
C ASN B 287 -27.74 -25.72 6.59
N ASP B 288 -27.76 -24.89 5.55
CA ASP B 288 -27.86 -23.43 5.69
C ASP B 288 -26.70 -22.87 6.51
N LYS B 289 -25.49 -23.36 6.24
CA LYS B 289 -24.30 -22.93 6.94
C LYS B 289 -23.16 -22.71 5.94
N LEU B 290 -23.48 -22.05 4.82
CA LEU B 290 -22.48 -21.84 3.78
C LEU B 290 -21.36 -20.94 4.26
N GLU B 291 -21.66 -19.98 5.12
CA GLU B 291 -20.63 -19.07 5.62
C GLU B 291 -19.57 -19.79 6.42
N LYS B 292 -19.86 -20.98 6.93
CA LYS B 292 -18.88 -21.77 7.66
C LYS B 292 -17.87 -22.46 6.75
N ILE B 293 -18.11 -22.46 5.44
CA ILE B 293 -17.20 -23.14 4.51
C ILE B 293 -15.84 -22.46 4.50
N ARG B 294 -15.82 -21.13 4.64
CA ARG B 294 -14.55 -20.41 4.67
C ARG B 294 -13.68 -20.88 5.84
N ILE B 295 -14.26 -20.89 7.05
CA ILE B 295 -13.49 -21.33 8.20
C ILE B 295 -13.20 -22.83 8.14
N LEU B 296 -14.08 -23.60 7.49
CA LEU B 296 -13.79 -25.02 7.32
C LEU B 296 -12.59 -25.25 6.43
N ALA B 297 -12.50 -24.54 5.32
CA ALA B 297 -11.34 -24.64 4.44
C ALA B 297 -10.09 -24.17 5.16
N ASP B 298 -10.20 -23.07 5.91
CA ASP B 298 -9.06 -22.58 6.66
C ASP B 298 -8.57 -23.60 7.68
N ALA B 299 -9.50 -24.22 8.43
CA ALA B 299 -9.12 -25.21 9.42
C ALA B 299 -8.52 -26.45 8.76
N ILE B 300 -9.10 -26.89 7.64
CA ILE B 300 -8.57 -28.07 6.97
C ILE B 300 -7.16 -27.82 6.48
N ARG B 301 -6.91 -26.64 5.91
CA ARG B 301 -5.55 -26.32 5.50
C ARG B 301 -4.65 -26.13 6.72
N THR B 302 -5.23 -25.81 7.88
CA THR B 302 -4.44 -25.69 9.11
C THR B 302 -4.03 -27.03 9.67
N LEU B 303 -4.83 -28.08 9.42
CA LEU B 303 -4.45 -29.41 9.90
C LEU B 303 -3.14 -29.90 9.32
N ARG B 304 -2.66 -29.28 8.23
CA ARG B 304 -1.36 -29.69 7.68
C ARG B 304 -0.23 -29.46 8.66
N LEU B 305 -0.38 -28.51 9.60
CA LEU B 305 0.65 -28.29 10.61
C LEU B 305 0.77 -29.48 11.54
N HIS B 306 -0.36 -30.08 11.92
CA HIS B 306 -0.35 -31.27 12.75
C HIS B 306 0.02 -32.49 11.89
N GLY B 307 -0.05 -33.67 12.51
CA GLY B 307 0.20 -34.91 11.82
C GLY B 307 -1.07 -35.50 11.25
N GLU B 308 -0.95 -36.76 10.81
CA GLU B 308 -2.10 -37.51 10.34
C GLU B 308 -3.02 -37.94 11.47
N GLY B 309 -2.56 -37.84 12.72
CA GLY B 309 -3.31 -38.36 13.85
C GLY B 309 -4.58 -37.59 14.16
N VAL B 310 -4.66 -36.33 13.73
CA VAL B 310 -5.88 -35.56 13.97
C VAL B 310 -7.07 -36.16 13.25
N ILE B 311 -6.82 -36.93 12.20
CA ILE B 311 -7.87 -37.61 11.45
C ILE B 311 -7.86 -39.11 11.72
N GLU B 312 -6.68 -39.73 11.67
CA GLU B 312 -6.59 -41.17 11.87
C GLU B 312 -6.98 -41.56 13.30
N LYS B 313 -6.51 -40.80 14.29
CA LYS B 313 -6.78 -41.10 15.69
C LYS B 313 -7.95 -40.33 16.26
N ASP B 314 -8.65 -39.55 15.43
CA ASP B 314 -9.83 -38.77 15.84
C ASP B 314 -9.47 -37.84 17.00
N GLU B 315 -8.51 -36.95 16.74
CA GLU B 315 -8.07 -35.97 17.72
C GLU B 315 -8.76 -34.63 17.58
N LEU B 316 -9.73 -34.52 16.68
CA LEU B 316 -10.45 -33.26 16.51
C LEU B 316 -11.32 -32.97 17.72
N PRO B 317 -11.60 -31.69 17.99
CA PRO B 317 -12.44 -31.37 19.16
C PRO B 317 -13.82 -32.01 19.06
N ASP B 318 -14.32 -32.46 20.21
CA ASP B 318 -15.62 -33.11 20.29
C ASP B 318 -16.74 -32.15 20.68
N GLY B 319 -16.42 -30.88 20.92
CA GLY B 319 -17.43 -29.92 21.33
C GLY B 319 -17.79 -30.07 22.79
N LYS B 320 -18.72 -29.22 23.23
CA LYS B 320 -19.17 -29.25 24.60
C LYS B 320 -20.02 -30.51 24.85
N GLU B 321 -19.83 -31.10 26.04
CA GLU B 321 -20.61 -32.27 26.40
C GLU B 321 -22.09 -31.93 26.54
N GLU B 322 -22.40 -30.74 27.06
CA GLU B 322 -23.78 -30.30 27.24
C GLU B 322 -24.37 -29.69 25.98
N ARG B 323 -23.60 -29.60 24.89
CA ARG B 323 -24.13 -29.04 23.65
C ARG B 323 -25.24 -29.91 23.07
N ASP B 324 -25.16 -31.23 23.26
CA ASP B 324 -26.15 -32.20 22.80
C ASP B 324 -26.31 -32.21 21.29
N LYS B 325 -25.40 -31.58 20.56
CA LYS B 325 -25.46 -31.58 19.10
C LYS B 325 -24.09 -31.76 18.46
N GLY B 326 -23.06 -32.07 19.25
CA GLY B 326 -21.72 -32.23 18.71
C GLY B 326 -21.06 -30.90 18.41
N HIS B 327 -19.90 -30.99 17.77
CA HIS B 327 -19.16 -29.81 17.39
C HIS B 327 -19.92 -29.00 16.36
N HIS B 328 -19.77 -27.67 16.42
CA HIS B 328 -20.48 -26.81 15.51
C HIS B 328 -19.93 -26.87 14.08
N LEU B 329 -18.72 -27.38 13.91
CA LEU B 329 -18.09 -27.45 12.59
C LEU B 329 -17.76 -28.88 12.18
N TRP B 330 -17.15 -29.66 13.05
CA TRP B 330 -16.68 -31.00 12.69
C TRP B 330 -17.77 -32.06 12.76
N ASP B 331 -18.98 -31.70 13.19
CA ASP B 331 -20.07 -32.67 13.27
C ASP B 331 -21.23 -32.31 12.34
N ILE B 332 -20.96 -31.54 11.29
CA ILE B 332 -21.98 -31.25 10.30
C ILE B 332 -22.21 -32.50 9.45
N LYS B 333 -23.48 -32.87 9.29
CA LYS B 333 -23.83 -34.09 8.56
C LYS B 333 -23.62 -33.86 7.07
N VAL B 334 -22.59 -34.49 6.51
CA VAL B 334 -22.35 -34.46 5.07
C VAL B 334 -22.99 -35.69 4.47
N GLN B 335 -24.10 -35.48 3.76
CA GLN B 335 -24.95 -36.53 3.19
C GLN B 335 -25.08 -37.73 4.14
N GLY B 336 -25.55 -37.43 5.35
CA GLY B 336 -25.80 -38.45 6.34
C GLY B 336 -24.60 -38.94 7.10
N THR B 337 -23.44 -38.32 6.92
CA THR B 337 -22.21 -38.73 7.58
C THR B 337 -21.58 -37.52 8.25
N ALA B 338 -21.08 -37.72 9.47
CA ALA B 338 -20.42 -36.63 10.19
C ALA B 338 -19.19 -36.16 9.43
N LEU B 339 -18.92 -34.85 9.55
CA LEU B 339 -17.84 -34.25 8.77
C LEU B 339 -16.49 -34.84 9.15
N ARG B 340 -16.30 -35.18 10.42
CA ARG B 340 -15.05 -35.83 10.82
C ARG B 340 -14.90 -37.19 10.17
N THR B 341 -15.98 -37.98 10.13
CA THR B 341 -15.93 -39.27 9.47
C THR B 341 -15.75 -39.13 7.97
N LYS B 342 -16.38 -38.11 7.37
CA LYS B 342 -16.17 -37.85 5.95
C LYS B 342 -14.72 -37.50 5.66
N LEU B 343 -14.10 -36.70 6.52
CA LEU B 343 -12.68 -36.38 6.35
C LEU B 343 -11.83 -37.62 6.51
N LYS B 344 -12.18 -38.49 7.46
CA LYS B 344 -11.43 -39.74 7.61
C LYS B 344 -11.53 -40.60 6.36
N GLU B 345 -12.72 -40.70 5.78
CA GLU B 345 -12.88 -41.46 4.54
C GLU B 345 -12.08 -40.85 3.40
N LEU B 346 -12.11 -39.52 3.29
CA LEU B 346 -11.35 -38.84 2.24
C LEU B 346 -9.86 -39.07 2.41
N TRP B 347 -9.36 -39.04 3.65
CA TRP B 347 -7.95 -39.31 3.90
C TRP B 347 -7.61 -40.76 3.57
N GLN B 348 -8.48 -41.70 3.93
CA GLN B 348 -8.23 -43.09 3.58
C GLN B 348 -8.20 -43.28 2.07
N SER B 349 -8.99 -42.51 1.33
CA SER B 349 -8.99 -42.61 -0.12
C SER B 349 -7.77 -41.96 -0.75
N ASN B 350 -7.31 -40.84 -0.17
CA ASN B 350 -6.29 -40.01 -0.81
C ASN B 350 -4.97 -39.98 -0.04
N LYS B 351 -4.69 -41.01 0.76
CA LYS B 351 -3.42 -41.04 1.47
C LYS B 351 -2.21 -41.15 0.56
N ASP B 352 -2.41 -41.48 -0.73
CA ASP B 352 -1.27 -41.60 -1.64
C ASP B 352 -0.54 -40.27 -1.82
N ILE B 353 -1.30 -39.18 -1.97
CA ILE B 353 -0.70 -37.88 -2.27
C ILE B 353 0.01 -37.28 -1.06
N GLY B 354 -0.29 -37.74 0.14
CA GLY B 354 0.34 -37.22 1.34
C GLY B 354 -0.62 -36.37 2.15
N TRP B 355 -0.26 -36.20 3.43
CA TRP B 355 -1.13 -35.45 4.33
C TRP B 355 -1.13 -33.97 4.01
N ARG B 356 0.06 -33.39 3.79
CA ARG B 356 0.13 -31.95 3.52
C ARG B 356 -0.58 -31.60 2.22
N LYS B 357 -0.31 -32.36 1.16
CA LYS B 357 -0.94 -32.08 -0.13
C LYS B 357 -2.45 -32.27 -0.06
N PHE B 358 -2.90 -33.32 0.63
CA PHE B 358 -4.34 -33.58 0.72
C PHE B 358 -5.05 -32.44 1.43
N THR B 359 -4.55 -32.04 2.60
CA THR B 359 -5.18 -30.95 3.34
C THR B 359 -5.11 -29.66 2.55
N GLU B 360 -3.97 -29.37 1.94
CA GLU B 360 -3.83 -28.13 1.18
C GLU B 360 -4.82 -28.06 0.02
N MET B 361 -4.93 -29.14 -0.76
CA MET B 361 -5.83 -29.10 -1.90
C MET B 361 -7.30 -29.17 -1.48
N LEU B 362 -7.62 -29.88 -0.40
CA LEU B 362 -9.01 -29.87 0.08
C LEU B 362 -9.41 -28.48 0.53
N GLY B 363 -8.54 -27.82 1.31
CA GLY B 363 -8.84 -26.45 1.72
C GLY B 363 -8.90 -25.50 0.54
N SER B 364 -8.00 -25.65 -0.43
CA SER B 364 -8.01 -24.78 -1.60
C SER B 364 -9.29 -24.96 -2.41
N ASN B 365 -9.72 -26.21 -2.62
CA ASN B 365 -10.93 -26.46 -3.37
C ASN B 365 -12.16 -25.91 -2.63
N LEU B 366 -12.22 -26.11 -1.32
CA LEU B 366 -13.34 -25.58 -0.55
C LEU B 366 -13.38 -24.06 -0.63
N TYR B 367 -12.22 -23.42 -0.49
CA TYR B 367 -12.17 -21.96 -0.58
C TYR B 367 -12.57 -21.47 -1.96
N LEU B 368 -12.11 -22.15 -3.01
CA LEU B 368 -12.45 -21.73 -4.37
C LEU B 368 -13.94 -21.88 -4.63
N ILE B 369 -14.55 -22.97 -4.15
CA ILE B 369 -16.00 -23.14 -4.32
C ILE B 369 -16.75 -22.07 -3.55
N TYR B 370 -16.32 -21.78 -2.32
CA TYR B 370 -16.97 -20.74 -1.53
C TYR B 370 -16.86 -19.38 -2.23
N LYS B 371 -15.68 -19.07 -2.78
CA LYS B 371 -15.51 -17.82 -3.50
C LYS B 371 -16.38 -17.77 -4.75
N LYS B 372 -16.49 -18.89 -5.47
CA LYS B 372 -17.32 -18.92 -6.66
C LYS B 372 -18.78 -18.68 -6.33
N GLU B 373 -19.29 -19.31 -5.26
CA GLU B 373 -20.69 -19.14 -4.91
C GLU B 373 -20.95 -17.78 -4.28
N THR B 374 -20.05 -17.32 -3.40
CA THR B 374 -20.19 -16.02 -2.76
C THR B 374 -18.90 -15.24 -2.91
N GLY B 375 -19.01 -14.00 -3.42
CA GLY B 375 -17.85 -13.16 -3.57
C GLY B 375 -18.26 -11.70 -3.66
N GLY B 376 -17.31 -10.83 -3.32
CA GLY B 376 -17.54 -9.40 -3.39
C GLY B 376 -17.98 -8.79 -2.07
N VAL B 377 -17.13 -7.96 -1.48
CA VAL B 377 -17.46 -7.32 -0.21
C VAL B 377 -17.32 -5.80 -0.34
N SER B 378 -16.12 -5.34 -0.71
CA SER B 378 -15.83 -3.91 -0.77
C SER B 378 -16.10 -3.29 -2.14
N THR B 379 -16.38 -4.10 -3.15
CA THR B 379 -16.65 -3.62 -4.51
C THR B 379 -15.51 -2.71 -4.99
N ARG B 380 -14.28 -3.16 -4.76
CA ARG B 380 -13.12 -2.47 -5.31
C ARG B 380 -12.85 -3.02 -6.70
N PHE B 381 -13.87 -3.04 -7.55
CA PHE B 381 -13.79 -3.72 -8.83
C PHE B 381 -14.46 -2.94 -9.96
N ARG B 382 -14.54 -1.62 -9.86
CA ARG B 382 -15.01 -0.83 -10.98
C ARG B 382 -14.09 -1.01 -12.17
N ILE B 383 -12.79 -0.81 -11.97
CA ILE B 383 -11.76 -1.15 -12.92
C ILE B 383 -10.74 -2.02 -12.21
N LEU B 384 -10.38 -3.14 -12.83
CA LEU B 384 -9.37 -4.01 -12.23
C LEU B 384 -8.05 -3.28 -12.12
N GLY B 385 -7.58 -3.10 -10.88
CA GLY B 385 -6.29 -2.46 -10.67
C GLY B 385 -5.14 -3.24 -11.27
N ASP B 386 -5.36 -4.50 -11.63
CA ASP B 386 -4.35 -5.28 -12.32
C ASP B 386 -4.05 -4.68 -13.68
N THR B 387 -2.77 -4.57 -14.01
CA THR B 387 -2.33 -4.05 -15.30
C THR B 387 -1.23 -4.96 -15.84
N GLU B 388 -1.42 -5.43 -17.07
CA GLU B 388 -0.54 -6.42 -17.69
C GLU B 388 0.50 -5.76 -18.59
N TYR B 389 1.03 -4.61 -18.20
CA TYR B 389 2.00 -3.90 -19.01
C TYR B 389 3.24 -4.76 -19.22
N TYR B 390 3.69 -4.84 -20.47
CA TYR B 390 4.81 -5.68 -20.87
C TYR B 390 5.86 -4.87 -21.61
N SER B 391 6.07 -3.62 -21.18
CA SER B 391 7.07 -2.71 -21.75
C SER B 391 6.82 -2.42 -23.22
N LYS B 392 5.59 -2.61 -23.69
CA LYS B 392 5.19 -2.30 -25.06
C LYS B 392 6.09 -3.00 -26.09
N ALA B 393 6.60 -4.18 -25.73
CA ALA B 393 7.44 -5.03 -26.57
C ALA B 393 8.75 -4.34 -26.98
N HIS B 394 9.10 -3.22 -26.34
CA HIS B 394 10.30 -2.45 -26.70
C HIS B 394 10.30 -2.10 -28.19
N ASP B 395 9.13 -1.69 -28.68
CA ASP B 395 8.96 -1.42 -30.11
C ASP B 395 9.44 -0.02 -30.45
N SER B 396 10.33 0.06 -31.43
CA SER B 396 10.83 1.33 -31.92
C SER B 396 11.33 1.16 -33.33
N GLU B 397 11.49 2.28 -34.04
CA GLU B 397 11.89 2.27 -35.43
C GLU B 397 13.08 3.17 -35.73
N GLY B 398 13.20 4.30 -35.03
CA GLY B 398 14.15 5.31 -35.43
C GLY B 398 15.17 5.76 -34.40
N SER B 399 15.74 4.85 -33.62
CA SER B 399 16.80 5.21 -32.69
C SER B 399 18.14 4.63 -33.09
N ASP B 400 18.27 3.31 -33.14
CA ASP B 400 19.49 2.60 -33.57
C ASP B 400 20.76 3.31 -33.11
N LEU B 401 20.87 3.50 -31.79
CA LEU B 401 21.96 4.26 -31.21
C LEU B 401 23.08 3.33 -30.78
N PHE B 402 24.29 3.63 -31.21
CA PHE B 402 25.49 2.92 -30.77
C PHE B 402 26.27 3.82 -29.84
N ILE B 403 26.39 3.42 -28.57
CA ILE B 403 27.02 4.21 -27.54
C ILE B 403 28.28 3.48 -27.08
N PRO B 404 29.45 3.88 -27.58
CA PRO B 404 30.69 3.25 -27.13
C PRO B 404 31.12 3.80 -25.78
N VAL B 405 31.47 2.90 -24.86
CA VAL B 405 31.96 3.26 -23.54
C VAL B 405 33.39 2.75 -23.42
N THR B 406 34.32 3.67 -23.20
CA THR B 406 35.75 3.34 -23.16
C THR B 406 36.28 3.58 -21.77
N PRO B 407 36.42 2.54 -20.94
CA PRO B 407 37.04 2.72 -19.62
C PRO B 407 38.47 3.19 -19.76
N PRO B 408 38.95 4.03 -18.85
CA PRO B 408 40.32 4.54 -18.96
C PRO B 408 41.34 3.43 -18.83
N GLU B 409 42.45 3.59 -19.55
CA GLU B 409 43.54 2.63 -19.45
C GLU B 409 44.17 2.69 -18.07
N GLY B 410 44.47 1.52 -17.52
CA GLY B 410 45.06 1.42 -16.20
C GLY B 410 44.05 1.36 -15.07
N ILE B 411 42.76 1.50 -15.35
CA ILE B 411 41.76 1.37 -14.29
C ILE B 411 41.70 -0.07 -13.81
N GLU B 412 41.25 -0.24 -12.56
CA GLU B 412 41.16 -1.54 -11.93
C GLU B 412 39.70 -1.95 -11.81
N THR B 413 39.37 -3.10 -12.39
CA THR B 413 38.02 -3.67 -12.29
C THR B 413 38.08 -4.83 -11.32
N LYS B 414 37.22 -4.79 -10.30
CA LYS B 414 37.17 -5.81 -9.28
C LYS B 414 35.72 -6.22 -9.04
N GLU B 415 35.52 -7.46 -8.65
CA GLU B 415 34.21 -7.98 -8.32
C GLU B 415 34.16 -8.34 -6.85
N TRP B 416 33.25 -7.69 -6.12
CA TRP B 416 33.06 -7.93 -4.69
C TRP B 416 31.86 -8.84 -4.51
N ILE B 417 32.06 -9.96 -3.82
CA ILE B 417 30.98 -10.89 -3.52
C ILE B 417 30.69 -10.81 -2.02
N ILE B 418 29.42 -10.59 -1.68
CA ILE B 418 28.98 -10.49 -0.30
C ILE B 418 28.14 -11.72 0.01
N VAL B 419 28.58 -12.50 0.99
CA VAL B 419 27.87 -13.69 1.42
C VAL B 419 27.44 -13.50 2.87
N GLY B 420 26.19 -13.85 3.15
CA GLY B 420 25.66 -13.70 4.48
C GLY B 420 24.44 -14.55 4.65
N ARG B 421 23.63 -14.19 5.64
CA ARG B 421 22.37 -14.87 5.92
C ARG B 421 21.29 -13.84 6.19
N LEU B 422 20.12 -14.05 5.61
CA LEU B 422 18.95 -13.20 5.82
C LEU B 422 18.10 -13.79 6.93
N LYS B 423 18.35 -13.35 8.16
CA LYS B 423 17.54 -13.81 9.29
C LYS B 423 16.28 -12.96 9.38
N ALA B 424 15.13 -13.63 9.41
CA ALA B 424 13.86 -12.94 9.49
C ALA B 424 13.59 -12.55 10.94
N ALA B 425 13.67 -11.25 11.23
CA ALA B 425 13.37 -10.76 12.57
C ALA B 425 11.86 -10.74 12.85
N THR B 426 11.04 -10.78 11.82
CA THR B 426 9.59 -10.80 11.91
C THR B 426 9.05 -11.81 10.91
N PRO B 427 7.85 -12.34 11.15
CA PRO B 427 7.28 -13.30 10.20
C PRO B 427 7.09 -12.69 8.82
N PHE B 428 7.81 -13.22 7.85
CA PHE B 428 7.86 -12.64 6.51
C PHE B 428 6.68 -13.13 5.66
N TYR B 429 6.56 -12.53 4.48
CA TYR B 429 5.52 -12.91 3.53
C TYR B 429 5.93 -12.43 2.15
N PHE B 430 6.13 -13.36 1.22
CA PHE B 430 6.38 -13.06 -0.18
C PHE B 430 5.18 -13.55 -0.98
N GLY B 431 4.42 -12.62 -1.54
CA GLY B 431 3.15 -12.97 -2.13
C GLY B 431 3.29 -13.76 -3.42
N VAL B 432 2.25 -14.53 -3.71
CA VAL B 432 2.16 -15.30 -4.95
C VAL B 432 0.69 -15.50 -5.28
N GLN B 433 0.37 -15.53 -6.56
CA GLN B 433 -1.00 -15.71 -6.97
C GLN B 433 -1.48 -17.13 -6.68
N GLN B 434 -2.79 -17.32 -6.77
CA GLN B 434 -3.38 -18.60 -6.40
C GLN B 434 -2.86 -19.69 -7.34
N PRO B 435 -2.55 -20.89 -6.82
CA PRO B 435 -2.06 -21.97 -7.69
C PRO B 435 -3.04 -22.34 -8.79
N SER B 436 -4.34 -22.25 -8.54
CA SER B 436 -5.33 -22.52 -9.58
C SER B 436 -5.32 -21.46 -10.66
N ASP B 437 -4.82 -20.27 -10.37
CA ASP B 437 -4.77 -19.19 -11.34
C ASP B 437 -3.46 -19.10 -12.08
N SER B 438 -2.35 -19.49 -11.47
CA SER B 438 -1.06 -19.44 -12.15
C SER B 438 -1.05 -20.37 -13.35
N ILE B 439 -1.07 -21.68 -13.10
CA ILE B 439 -1.22 -22.72 -14.12
C ILE B 439 -0.47 -22.35 -15.40
N PRO B 440 0.85 -22.43 -15.41
CA PRO B 440 1.60 -22.00 -16.61
C PRO B 440 1.11 -22.74 -17.85
N GLY B 441 0.94 -21.99 -18.93
CA GLY B 441 0.23 -22.51 -20.09
C GLY B 441 -1.16 -21.92 -20.17
N LYS B 442 -2.16 -22.69 -19.77
CA LYS B 442 -3.55 -22.22 -19.73
C LYS B 442 -3.80 -21.35 -18.49
N GLU B 443 -3.06 -20.25 -18.42
CA GLU B 443 -3.17 -19.35 -17.29
C GLU B 443 -4.51 -18.63 -17.29
N LYS B 444 -4.96 -18.26 -16.10
CA LYS B 444 -6.18 -17.47 -15.97
C LYS B 444 -5.98 -16.08 -16.53
N LYS B 445 -6.99 -15.59 -17.25
CA LYS B 445 -6.95 -14.27 -17.86
C LYS B 445 -8.07 -13.41 -17.28
N SER B 446 -7.73 -12.17 -16.90
CA SER B 446 -8.70 -11.23 -16.36
C SER B 446 -9.45 -10.47 -17.45
N GLU B 447 -9.44 -10.97 -18.68
CA GLU B 447 -10.16 -10.32 -19.77
C GLU B 447 -11.67 -10.42 -19.63
N ASP B 448 -12.17 -11.29 -18.75
CA ASP B 448 -13.60 -11.40 -18.55
C ASP B 448 -14.15 -10.15 -17.87
N SER B 449 -15.36 -9.75 -18.27
CA SER B 449 -16.00 -8.60 -17.66
C SER B 449 -16.30 -8.87 -16.20
N LEU B 450 -16.46 -7.79 -15.43
CA LEU B 450 -16.66 -7.86 -13.99
C LEU B 450 -15.48 -8.60 -13.33
N VAL B 451 -14.33 -7.92 -13.36
CA VAL B 451 -13.16 -8.46 -12.69
C VAL B 451 -13.33 -8.17 -11.21
N ILE B 452 -13.97 -9.10 -10.52
CA ILE B 452 -14.31 -8.98 -9.11
C ILE B 452 -13.98 -10.30 -8.44
N ASN B 453 -14.38 -10.45 -7.17
CA ASN B 453 -14.04 -11.63 -6.38
C ASN B 453 -12.53 -11.80 -6.27
N GLU B 454 -11.84 -10.69 -6.02
CA GLU B 454 -10.43 -10.76 -5.71
C GLU B 454 -10.22 -11.67 -4.51
N HIS B 455 -9.22 -12.54 -4.61
CA HIS B 455 -9.07 -13.60 -3.62
C HIS B 455 -8.82 -13.01 -2.24
N THR B 456 -9.55 -13.53 -1.25
CA THR B 456 -9.36 -13.16 0.14
C THR B 456 -8.36 -14.05 0.86
N SER B 457 -7.90 -15.11 0.23
CA SER B 457 -6.87 -15.98 0.78
C SER B 457 -5.61 -15.83 -0.06
N PHE B 458 -4.49 -15.54 0.59
CA PHE B 458 -3.24 -15.29 -0.09
C PHE B 458 -2.21 -16.32 0.36
N ASN B 459 -1.47 -16.86 -0.60
CA ASN B 459 -0.43 -17.84 -0.34
C ASN B 459 0.94 -17.16 -0.33
N ILE B 460 1.91 -17.85 0.24
CA ILE B 460 3.29 -17.38 0.30
C ILE B 460 4.10 -18.13 -0.75
N LEU B 461 5.07 -17.45 -1.35
CA LEU B 461 5.90 -18.08 -2.36
C LEU B 461 6.74 -19.18 -1.73
N LEU B 462 6.73 -20.35 -2.35
CA LEU B 462 7.45 -21.51 -1.83
C LEU B 462 8.18 -22.20 -2.97
N ASP B 463 9.26 -22.89 -2.61
CA ASP B 463 9.98 -23.73 -3.56
C ASP B 463 9.14 -24.96 -3.90
N LYS B 464 9.56 -25.70 -4.93
CA LYS B 464 8.85 -26.90 -5.32
C LYS B 464 8.86 -27.96 -4.21
N GLU B 465 9.82 -27.89 -3.30
CA GLU B 465 9.87 -28.78 -2.15
C GLU B 465 9.28 -28.14 -0.90
N ASN B 466 8.37 -27.18 -1.06
CA ASN B 466 7.72 -26.49 0.05
C ASN B 466 8.71 -25.75 0.94
N ARG B 467 9.83 -25.31 0.36
CA ARG B 467 10.80 -24.52 1.09
C ARG B 467 10.53 -23.04 0.86
N TYR B 468 10.63 -22.26 1.94
CA TYR B 468 10.41 -20.82 1.83
C TYR B 468 11.46 -20.21 0.93
N ARG B 469 11.02 -19.32 0.04
CA ARG B 469 11.86 -18.77 -1.01
C ARG B 469 11.86 -17.26 -0.94
N ILE B 470 13.04 -16.67 -1.06
CA ILE B 470 13.17 -15.22 -1.27
C ILE B 470 13.62 -15.02 -2.72
N PRO B 471 12.73 -14.65 -3.62
CA PRO B 471 13.13 -14.49 -5.02
C PRO B 471 14.07 -13.31 -5.18
N ARG B 472 15.00 -13.45 -6.12
CA ARG B 472 15.89 -12.32 -6.40
C ARG B 472 15.13 -11.14 -6.99
N SER B 473 13.89 -11.36 -7.46
CA SER B 473 13.07 -10.26 -7.89
C SER B 473 12.73 -9.33 -6.74
N ALA B 474 12.20 -9.88 -5.64
CA ALA B 474 11.85 -9.05 -4.49
C ALA B 474 13.09 -8.50 -3.80
N LEU B 475 14.14 -9.32 -3.68
CA LEU B 475 15.37 -8.86 -3.08
C LEU B 475 15.99 -7.72 -3.89
N ARG B 476 15.97 -7.84 -5.21
CA ARG B 476 16.50 -6.79 -6.07
C ARG B 476 15.65 -5.53 -6.01
N GLY B 477 14.32 -5.69 -5.93
CA GLY B 477 13.47 -4.52 -5.78
C GLY B 477 13.73 -3.78 -4.49
N ALA B 478 13.89 -4.52 -3.39
CA ALA B 478 14.22 -3.89 -2.11
C ALA B 478 15.58 -3.22 -2.18
N LEU B 479 16.56 -3.86 -2.81
CA LEU B 479 17.88 -3.26 -2.93
C LEU B 479 17.83 -1.98 -3.77
N ARG B 480 17.03 -1.98 -4.84
CA ARG B 480 16.90 -0.77 -5.65
C ARG B 480 16.24 0.35 -4.87
N ARG B 481 15.20 0.02 -4.09
CA ARG B 481 14.56 1.04 -3.27
C ARG B 481 15.54 1.62 -2.25
N ASP B 482 16.34 0.75 -1.63
CA ASP B 482 17.26 1.22 -0.59
C ASP B 482 18.41 2.02 -1.20
N LEU B 483 18.88 1.66 -2.40
CA LEU B 483 19.89 2.48 -3.06
C LEU B 483 19.31 3.81 -3.49
N ARG B 484 18.06 3.84 -3.94
CA ARG B 484 17.42 5.11 -4.27
C ARG B 484 17.33 6.00 -3.03
N THR B 485 16.99 5.42 -1.88
CA THR B 485 16.95 6.18 -0.64
C THR B 485 18.34 6.68 -0.25
N ALA B 486 19.35 5.81 -0.37
CA ALA B 486 20.70 6.19 0.03
C ALA B 486 21.27 7.30 -0.85
N PHE B 487 21.06 7.19 -2.16
CA PHE B 487 21.55 8.23 -3.07
C PHE B 487 20.80 9.54 -2.86
N GLY B 488 19.54 9.47 -2.47
CA GLY B 488 18.69 10.64 -2.38
C GLY B 488 18.06 11.06 -3.68
N SER B 489 18.38 10.39 -4.78
CA SER B 489 17.82 10.72 -6.08
C SER B 489 17.87 9.48 -6.95
N GLY B 490 16.82 9.28 -7.74
CA GLY B 490 16.73 8.14 -8.62
C GLY B 490 15.48 8.25 -9.46
N CYS B 491 15.35 7.33 -10.40
CA CYS B 491 14.26 7.34 -11.36
C CYS B 491 13.27 6.23 -11.07
N ASN B 492 12.02 6.45 -11.47
CA ASN B 492 11.08 5.36 -11.57
C ASN B 492 11.42 4.53 -12.81
N VAL B 493 11.51 3.22 -12.64
CA VAL B 493 12.04 2.36 -13.69
C VAL B 493 11.15 2.46 -14.93
N SER B 494 11.70 2.97 -16.02
CA SER B 494 10.99 3.09 -17.28
C SER B 494 11.20 1.84 -18.11
N LEU B 495 10.13 1.41 -18.80
CA LEU B 495 10.11 0.15 -19.51
C LEU B 495 10.14 0.41 -21.01
N GLY B 496 10.97 -0.34 -21.73
CA GLY B 496 11.06 -0.23 -23.17
C GLY B 496 11.86 0.95 -23.67
N GLY B 497 12.60 1.64 -22.81
CA GLY B 497 13.36 2.79 -23.24
C GLY B 497 14.45 2.41 -24.22
N GLN B 498 14.73 3.31 -25.16
CA GLN B 498 15.75 3.10 -26.17
C GLN B 498 17.14 3.48 -25.69
N ILE B 499 17.26 4.15 -24.55
CA ILE B 499 18.54 4.60 -24.02
C ILE B 499 18.63 4.14 -22.58
N LEU B 500 19.78 3.60 -22.20
CA LEU B 500 20.00 3.19 -20.82
C LEU B 500 19.86 4.39 -19.90
N CYS B 501 19.13 4.22 -18.80
CA CYS B 501 19.05 5.29 -17.81
C CYS B 501 20.40 5.47 -17.15
N ASN B 502 20.80 6.72 -16.99
CA ASN B 502 22.10 7.06 -16.42
C ASN B 502 21.98 7.65 -15.02
N CYS B 503 20.85 7.42 -14.35
CA CYS B 503 20.74 7.86 -12.97
C CYS B 503 21.68 7.03 -12.10
N LYS B 504 22.04 7.59 -10.95
CA LYS B 504 23.02 6.94 -10.09
C LYS B 504 22.54 5.58 -9.61
N VAL B 505 21.24 5.43 -9.39
CA VAL B 505 20.70 4.14 -8.96
C VAL B 505 20.81 3.10 -10.07
N CYS B 506 20.40 3.48 -11.29
CA CYS B 506 20.41 2.53 -12.39
C CYS B 506 21.82 2.13 -12.79
N ILE B 507 22.80 3.02 -12.60
CA ILE B 507 24.18 2.69 -12.94
C ILE B 507 24.69 1.55 -12.06
N GLU B 508 24.36 1.60 -10.76
CA GLU B 508 24.85 0.57 -9.85
C GLU B 508 24.14 -0.76 -10.06
N MET B 509 22.81 -0.74 -10.26
CA MET B 509 22.10 -2.00 -10.44
C MET B 509 22.48 -2.69 -11.74
N ARG B 510 22.93 -1.94 -12.75
CA ARG B 510 23.40 -2.59 -13.97
C ARG B 510 24.66 -3.42 -13.73
N ARG B 511 25.37 -3.16 -12.64
CA ARG B 511 26.56 -3.93 -12.28
C ARG B 511 26.40 -4.68 -10.97
N ILE B 512 25.17 -4.86 -10.49
CA ILE B 512 24.88 -5.59 -9.26
C ILE B 512 24.02 -6.80 -9.63
N THR B 513 24.47 -7.97 -9.21
CA THR B 513 23.72 -9.21 -9.45
C THR B 513 23.54 -9.96 -8.15
N LEU B 514 22.42 -10.66 -8.03
CA LEU B 514 22.05 -11.34 -6.80
C LEU B 514 21.77 -12.81 -7.07
N LYS B 515 21.24 -13.53 -6.09
CA LYS B 515 20.91 -14.94 -6.27
C LYS B 515 19.59 -15.25 -5.60
N ASP B 516 18.78 -16.07 -6.26
CA ASP B 516 17.56 -16.58 -5.65
C ASP B 516 17.91 -17.56 -4.55
N SER B 517 17.34 -17.37 -3.37
CA SER B 517 17.71 -18.15 -2.20
C SER B 517 16.48 -18.77 -1.55
N VAL B 518 16.60 -20.03 -1.15
CA VAL B 518 15.58 -20.74 -0.42
C VAL B 518 16.16 -21.19 0.92
N SER B 519 15.27 -21.41 1.88
CA SER B 519 15.68 -21.84 3.21
C SER B 519 15.84 -23.36 3.25
N ASP B 520 16.53 -23.82 4.29
CA ASP B 520 16.66 -25.25 4.57
C ASP B 520 15.52 -25.77 5.44
N PHE B 521 14.37 -25.10 5.38
CA PHE B 521 13.25 -25.38 6.26
C PHE B 521 12.00 -25.51 5.39
N SER B 522 11.23 -26.58 5.62
CA SER B 522 10.13 -26.91 4.72
C SER B 522 8.80 -27.12 5.42
N GLU B 523 8.69 -26.78 6.71
CA GLU B 523 7.43 -26.98 7.41
C GLU B 523 6.38 -25.99 6.92
N PRO B 524 5.10 -26.34 7.00
CA PRO B 524 4.06 -25.48 6.43
C PRO B 524 3.99 -24.15 7.17
N PRO B 525 3.56 -23.09 6.49
CA PRO B 525 3.53 -21.78 7.12
C PRO B 525 2.28 -21.56 7.97
N GLU B 526 2.42 -20.69 8.95
CA GLU B 526 1.28 -20.26 9.74
C GLU B 526 0.38 -19.34 8.92
N ILE B 527 -0.92 -19.46 9.14
CA ILE B 527 -1.91 -18.63 8.47
C ILE B 527 -2.36 -17.57 9.46
N ARG B 528 -2.23 -16.31 9.08
CA ARG B 528 -2.54 -15.17 9.95
C ARG B 528 -3.77 -14.44 9.44
N TYR B 529 -4.73 -14.22 10.32
CA TYR B 529 -6.02 -13.67 9.95
C TYR B 529 -6.11 -12.19 10.27
N ARG B 530 -6.83 -11.46 9.45
CA ARG B 530 -7.17 -10.07 9.70
C ARG B 530 -8.65 -9.87 9.42
N ILE B 531 -9.23 -8.90 10.10
CA ILE B 531 -10.63 -8.52 9.92
C ILE B 531 -10.69 -7.01 9.74
N ALA B 532 -11.86 -6.53 9.39
CA ALA B 532 -12.13 -5.09 9.33
C ALA B 532 -13.25 -4.78 10.29
N LYS B 533 -12.96 -3.97 11.30
CA LYS B 533 -13.96 -3.59 12.29
C LYS B 533 -14.79 -2.43 11.73
N ASN B 534 -16.11 -2.56 11.82
CA ASN B 534 -16.99 -1.50 11.37
C ASN B 534 -16.93 -0.36 12.38
N PRO B 535 -16.42 0.82 12.00
CA PRO B 535 -16.28 1.90 13.00
C PRO B 535 -17.59 2.34 13.62
N GLY B 536 -18.70 2.21 12.90
CA GLY B 536 -19.97 2.62 13.45
C GLY B 536 -20.42 1.77 14.63
N THR B 537 -20.17 0.47 14.56
CA THR B 537 -20.60 -0.45 15.61
C THR B 537 -19.43 -1.13 16.32
N ALA B 538 -18.19 -0.88 15.90
CA ALA B 538 -17.01 -1.50 16.51
C ALA B 538 -17.14 -3.02 16.50
N THR B 539 -17.65 -3.55 15.39
CA THR B 539 -17.89 -4.98 15.23
C THR B 539 -17.33 -5.41 13.88
N VAL B 540 -17.02 -6.70 13.76
CA VAL B 540 -16.44 -7.23 12.54
C VAL B 540 -17.37 -6.96 11.36
N GLU B 541 -16.81 -6.42 10.28
CA GLU B 541 -17.57 -6.27 9.05
C GLU B 541 -17.83 -7.65 8.44
N ASP B 542 -19.04 -7.84 7.94
CA ASP B 542 -19.40 -9.11 7.33
C ASP B 542 -18.56 -9.33 6.07
N GLY B 543 -18.01 -10.54 5.95
CA GLY B 543 -17.20 -10.86 4.78
C GLY B 543 -15.89 -10.12 4.70
N SER B 544 -15.41 -9.57 5.80
CA SER B 544 -14.14 -8.85 5.82
C SER B 544 -12.96 -9.75 6.16
N LEU B 545 -13.21 -11.02 6.46
CA LEU B 545 -12.12 -11.93 6.82
C LEU B 545 -11.24 -12.21 5.61
N PHE B 546 -9.93 -12.07 5.80
CA PHE B 546 -8.96 -12.45 4.78
C PHE B 546 -7.70 -12.91 5.48
N ASP B 547 -6.94 -13.77 4.80
CA ASP B 547 -5.82 -14.45 5.43
C ASP B 547 -4.59 -14.42 4.52
N ILE B 548 -3.43 -14.56 5.15
CA ILE B 548 -2.16 -14.69 4.47
C ILE B 548 -1.37 -15.81 5.13
N GLU B 549 -0.39 -16.33 4.41
CA GLU B 549 0.53 -17.34 4.93
C GLU B 549 1.87 -16.68 5.18
N VAL B 550 2.38 -16.84 6.40
CA VAL B 550 3.62 -16.20 6.83
C VAL B 550 4.62 -17.27 7.23
N GLY B 551 5.88 -17.05 6.87
CA GLY B 551 6.95 -17.92 7.30
C GLY B 551 7.31 -17.65 8.75
N PRO B 552 7.89 -18.64 9.42
CA PRO B 552 8.24 -18.46 10.83
C PRO B 552 9.30 -17.41 11.02
N GLU B 553 9.21 -16.71 12.15
CA GLU B 553 10.22 -15.71 12.50
C GLU B 553 11.50 -16.41 12.92
N GLY B 554 12.62 -15.99 12.35
CA GLY B 554 13.91 -16.55 12.69
C GLY B 554 14.57 -17.39 11.62
N LEU B 555 13.90 -17.63 10.49
CA LEU B 555 14.54 -18.34 9.40
C LEU B 555 15.71 -17.53 8.84
N THR B 556 16.76 -18.24 8.45
CA THR B 556 17.92 -17.63 7.81
C THR B 556 17.99 -18.12 6.37
N PHE B 557 17.98 -17.19 5.43
CA PHE B 557 18.15 -17.47 4.01
C PHE B 557 19.55 -17.06 3.58
N PRO B 558 20.19 -17.84 2.72
CA PRO B 558 21.50 -17.43 2.20
C PRO B 558 21.40 -16.12 1.45
N PHE B 559 22.42 -15.28 1.59
CA PHE B 559 22.46 -13.98 0.94
C PHE B 559 23.69 -13.93 0.04
N VAL B 560 23.48 -13.64 -1.23
CA VAL B 560 24.56 -13.48 -2.20
C VAL B 560 24.34 -12.16 -2.92
N LEU B 561 25.38 -11.32 -2.95
CA LEU B 561 25.35 -10.08 -3.71
C LEU B 561 26.73 -9.88 -4.32
N ARG B 562 26.77 -9.66 -5.63
CA ARG B 562 28.01 -9.40 -6.34
C ARG B 562 27.96 -8.01 -6.94
N TYR B 563 29.12 -7.35 -7.00
CA TYR B 563 29.23 -6.02 -7.58
C TYR B 563 30.48 -5.99 -8.43
N ARG B 564 30.31 -5.98 -9.75
CA ARG B 564 31.43 -5.87 -10.68
C ARG B 564 31.59 -4.41 -11.05
N GLY B 565 32.69 -3.80 -10.60
CA GLY B 565 32.92 -2.41 -10.87
C GLY B 565 34.36 -2.04 -10.58
N HIS B 566 34.61 -0.74 -10.53
CA HIS B 566 35.95 -0.23 -10.26
C HIS B 566 36.14 0.26 -8.83
N LYS B 567 35.05 0.53 -8.12
CA LYS B 567 35.13 0.97 -6.73
C LYS B 567 33.82 0.63 -6.04
N PHE B 568 33.91 0.07 -4.85
CA PHE B 568 32.70 -0.27 -4.10
C PHE B 568 32.04 1.03 -3.64
N PRO B 569 30.81 1.30 -4.07
CA PRO B 569 30.21 2.60 -3.76
C PRO B 569 29.89 2.74 -2.29
N GLU B 570 29.91 3.99 -1.82
CA GLU B 570 29.50 4.26 -0.44
C GLU B 570 28.03 3.96 -0.23
N GLN B 571 27.21 4.11 -1.28
CA GLN B 571 25.78 3.88 -1.13
C GLN B 571 25.47 2.40 -0.95
N LEU B 572 26.16 1.53 -1.69
CA LEU B 572 25.93 0.09 -1.52
C LEU B 572 26.38 -0.38 -0.14
N SER B 573 27.53 0.08 0.32
CA SER B 573 27.98 -0.26 1.67
C SER B 573 27.02 0.30 2.72
N SER B 574 26.47 1.49 2.47
CA SER B 574 25.48 2.04 3.39
C SER B 574 24.23 1.16 3.44
N VAL B 575 23.79 0.68 2.28
CA VAL B 575 22.62 -0.20 2.26
C VAL B 575 22.91 -1.51 2.98
N ILE B 576 24.11 -2.06 2.79
CA ILE B 576 24.46 -3.30 3.47
C ILE B 576 24.50 -3.09 4.99
N ARG B 577 25.09 -1.97 5.43
CA ARG B 577 25.13 -1.67 6.86
C ARG B 577 23.74 -1.42 7.42
N TYR B 578 22.85 -0.82 6.61
CA TYR B 578 21.45 -0.67 7.00
C TYR B 578 20.80 -2.03 7.18
N TRP B 579 21.10 -2.98 6.28
CA TRP B 579 20.51 -4.30 6.36
C TRP B 579 21.15 -5.13 7.47
N GLU B 580 22.46 -4.97 7.68
CA GLU B 580 23.16 -5.76 8.66
C GLU B 580 22.69 -5.43 10.07
N GLU B 581 22.58 -6.46 10.90
CA GLU B 581 22.21 -6.29 12.30
C GLU B 581 23.47 -6.35 13.16
N ASN B 582 23.50 -5.54 14.21
CA ASN B 582 24.62 -5.48 15.14
C ASN B 582 24.07 -5.36 16.56
N ASP B 583 24.94 -5.02 17.50
CA ASP B 583 24.53 -4.85 18.89
C ASP B 583 23.45 -3.79 19.03
N GLY B 584 23.49 -2.75 18.20
CA GLY B 584 22.52 -1.68 18.29
C GLY B 584 21.93 -1.25 16.96
N LYS B 585 21.75 -2.19 16.04
CA LYS B 585 21.22 -1.87 14.72
C LYS B 585 19.92 -2.61 14.38
N ASN B 586 19.82 -3.89 14.75
CA ASN B 586 18.62 -4.71 14.60
C ASN B 586 18.32 -5.09 13.16
N GLY B 587 19.05 -4.52 12.20
CA GLY B 587 18.85 -4.87 10.80
C GLY B 587 17.60 -4.24 10.23
N MET B 588 17.67 -3.73 9.00
CA MET B 588 16.55 -3.00 8.41
C MET B 588 16.33 -3.40 6.96
N ALA B 589 16.39 -4.70 6.68
CA ALA B 589 16.13 -5.21 5.33
C ALA B 589 14.64 -5.48 5.22
N TRP B 590 13.90 -4.48 4.75
CA TRP B 590 12.45 -4.59 4.62
C TRP B 590 12.12 -5.29 3.30
N LEU B 591 12.25 -6.61 3.32
CA LEU B 591 11.87 -7.44 2.19
C LEU B 591 10.38 -7.78 2.31
N GLY B 592 9.91 -8.71 1.49
CA GLY B 592 8.56 -9.17 1.61
C GLY B 592 7.55 -8.18 1.03
N GLY B 593 6.30 -8.34 1.46
CA GLY B 593 5.25 -7.53 0.89
C GLY B 593 4.14 -7.08 1.81
N LEU B 594 4.35 -7.13 3.12
CA LEU B 594 3.36 -6.62 4.06
C LEU B 594 4.07 -5.82 5.15
N ASP B 595 4.96 -4.93 4.73
CA ASP B 595 5.76 -4.15 5.68
C ASP B 595 4.91 -3.27 6.58
N SER B 596 3.68 -2.94 6.17
CA SER B 596 2.82 -2.11 7.00
C SER B 596 2.52 -2.80 8.34
N THR B 597 2.29 -4.10 8.31
CA THR B 597 2.12 -4.90 9.51
C THR B 597 3.43 -5.55 9.97
N GLY B 598 4.57 -4.97 9.60
CA GLY B 598 5.86 -5.42 10.07
C GLY B 598 6.21 -6.84 9.68
N LYS B 599 6.05 -7.18 8.40
CA LYS B 599 6.35 -8.51 7.91
C LYS B 599 7.46 -8.42 6.87
N GLY B 600 8.62 -8.97 7.19
CA GLY B 600 9.71 -9.01 6.24
C GLY B 600 10.86 -8.10 6.58
N ARG B 601 11.09 -7.85 7.86
CA ARG B 601 12.27 -7.09 8.29
C ARG B 601 13.39 -8.09 8.54
N PHE B 602 14.21 -8.31 7.53
CA PHE B 602 15.31 -9.24 7.62
C PHE B 602 16.56 -8.53 8.14
N ALA B 603 17.57 -9.32 8.50
CA ALA B 603 18.80 -8.80 9.05
C ALA B 603 19.97 -9.61 8.52
N LEU B 604 20.94 -8.94 7.90
CA LEU B 604 22.10 -9.63 7.38
C LEU B 604 22.98 -10.13 8.53
N LYS B 605 23.39 -11.39 8.45
CA LYS B 605 24.23 -12.00 9.46
C LYS B 605 25.42 -12.67 8.78
N ASP B 606 26.50 -12.82 9.56
CA ASP B 606 27.70 -13.51 9.10
C ASP B 606 28.21 -12.92 7.79
N ILE B 607 28.19 -11.59 7.70
CA ILE B 607 28.60 -10.92 6.47
C ILE B 607 30.09 -11.13 6.26
N LYS B 608 30.44 -11.75 5.15
CA LYS B 608 31.82 -11.86 4.70
C LYS B 608 31.88 -11.32 3.28
N ILE B 609 32.74 -10.32 3.06
CA ILE B 609 32.87 -9.68 1.76
C ILE B 609 34.23 -10.03 1.20
N PHE B 610 34.24 -10.67 0.03
CA PHE B 610 35.45 -11.03 -0.67
C PHE B 610 35.48 -10.30 -2.00
N GLU B 611 36.68 -10.18 -2.58
CA GLU B 611 36.84 -9.47 -3.84
C GLU B 611 37.73 -10.27 -4.79
N TRP B 612 37.43 -10.19 -6.07
CA TRP B 612 38.27 -10.72 -7.13
C TRP B 612 39.04 -9.58 -7.78
N ASP B 613 40.26 -9.87 -8.20
CA ASP B 613 41.08 -8.95 -8.96
C ASP B 613 40.93 -9.32 -10.43
N LEU B 614 39.88 -8.79 -11.06
CA LEU B 614 39.54 -9.19 -12.42
C LEU B 614 40.56 -8.71 -13.45
N ASN B 615 41.49 -7.82 -13.08
CA ASN B 615 42.51 -7.39 -14.02
C ASN B 615 43.73 -8.32 -14.02
N GLN B 616 44.10 -8.85 -12.86
CA GLN B 616 45.28 -9.70 -12.74
C GLN B 616 44.96 -11.14 -12.39
N LYS B 617 43.76 -11.43 -11.89
CA LYS B 617 43.37 -12.76 -11.47
C LYS B 617 42.06 -13.16 -12.13
N ILE B 618 41.97 -12.96 -13.45
CA ILE B 618 40.75 -13.35 -14.17
C ILE B 618 40.78 -14.79 -14.63
N ASN B 619 41.96 -15.37 -14.83
CA ASN B 619 42.03 -16.80 -15.13
C ASN B 619 41.50 -17.61 -13.95
N GLU B 620 41.82 -17.18 -12.72
CA GLU B 620 41.27 -17.83 -11.54
C GLU B 620 39.76 -17.64 -11.45
N TYR B 621 39.27 -16.45 -11.84
CA TYR B 621 37.84 -16.22 -11.83
C TYR B 621 37.12 -17.13 -12.81
N ILE B 622 37.70 -17.34 -13.99
CA ILE B 622 37.10 -18.24 -14.97
C ILE B 622 37.19 -19.68 -14.50
N LYS B 623 38.33 -20.06 -13.90
CA LYS B 623 38.50 -21.44 -13.44
C LYS B 623 37.50 -21.79 -12.36
N GLU B 624 37.29 -20.90 -11.40
CA GLU B 624 36.33 -21.12 -10.33
C GLU B 624 34.91 -20.73 -10.72
N ARG B 625 34.72 -20.22 -11.94
CA ARG B 625 33.42 -19.75 -12.42
C ARG B 625 32.83 -18.69 -11.51
N GLY B 626 33.69 -17.87 -10.91
CA GLY B 626 33.23 -16.82 -10.02
C GLY B 626 32.50 -17.32 -8.79
N MET B 627 32.74 -18.58 -8.41
CA MET B 627 32.05 -19.21 -7.27
C MET B 627 30.54 -19.13 -7.43
N ARG B 628 30.07 -19.28 -8.68
CA ARG B 628 28.64 -19.26 -8.95
C ARG B 628 28.05 -20.62 -8.63
N GLY B 629 27.05 -20.64 -7.74
CA GLY B 629 26.48 -21.88 -7.27
C GLY B 629 27.24 -22.55 -6.16
N LYS B 630 28.35 -21.97 -5.70
CA LYS B 630 29.13 -22.51 -4.59
C LYS B 630 29.34 -21.45 -3.52
N GLU B 631 28.39 -20.54 -3.36
CA GLU B 631 28.55 -19.46 -2.38
C GLU B 631 28.34 -19.96 -0.96
N LYS B 632 27.60 -21.06 -0.78
CA LYS B 632 27.44 -21.62 0.56
C LYS B 632 28.77 -22.10 1.11
N GLU B 633 29.58 -22.77 0.27
CA GLU B 633 30.91 -23.18 0.69
C GLU B 633 31.77 -21.97 1.01
N LEU B 634 31.64 -20.90 0.20
CA LEU B 634 32.38 -19.68 0.45
C LEU B 634 32.04 -19.08 1.80
N LEU B 635 30.74 -19.08 2.15
CA LEU B 635 30.32 -18.57 3.45
C LEU B 635 30.81 -19.47 4.58
N GLU B 636 30.87 -20.78 4.36
CA GLU B 636 31.23 -21.73 5.40
C GLU B 636 32.67 -22.25 5.26
N MET B 637 33.61 -21.40 4.86
CA MET B 637 35.01 -21.80 4.81
C MET B 637 35.88 -20.69 5.42
N GLY B 638 37.03 -21.10 5.93
CA GLY B 638 37.99 -20.14 6.45
C GLY B 638 38.78 -19.48 5.35
N GLU B 639 39.55 -18.46 5.74
CA GLU B 639 40.34 -17.72 4.77
C GLU B 639 41.49 -18.54 4.19
N SER B 640 41.90 -19.61 4.87
CA SER B 640 43.00 -20.43 4.38
C SER B 640 42.58 -21.31 3.21
N SER B 641 41.29 -21.60 3.07
CA SER B 641 40.79 -22.45 2.00
C SER B 641 40.16 -21.65 0.87
N LEU B 642 40.36 -20.34 0.84
CA LEU B 642 39.81 -19.52 -0.22
C LEU B 642 40.42 -19.90 -1.57
N PRO B 643 39.65 -19.85 -2.65
CA PRO B 643 40.24 -20.09 -3.97
C PRO B 643 41.24 -19.00 -4.34
N ASP B 644 42.20 -19.37 -5.17
CA ASP B 644 43.23 -18.43 -5.59
C ASP B 644 42.61 -17.25 -6.32
N GLY B 645 43.14 -16.06 -6.06
CA GLY B 645 42.64 -14.84 -6.64
C GLY B 645 41.49 -14.21 -5.91
N LEU B 646 40.98 -14.84 -4.86
CA LEU B 646 39.89 -14.31 -4.05
C LEU B 646 40.42 -13.99 -2.66
N ILE B 647 40.28 -12.74 -2.24
CA ILE B 647 40.78 -12.30 -0.95
C ILE B 647 39.65 -11.59 -0.20
N PRO B 648 39.67 -11.59 1.13
CA PRO B 648 38.65 -10.84 1.87
C PRO B 648 38.80 -9.34 1.66
N TYR B 649 37.67 -8.65 1.74
CA TYR B 649 37.63 -7.20 1.59
C TYR B 649 37.79 -6.57 2.97
N LYS B 650 38.90 -5.84 3.17
CA LYS B 650 39.22 -5.25 4.45
C LYS B 650 38.93 -3.76 4.51
N PHE B 651 38.23 -3.22 3.52
CA PHE B 651 37.93 -1.79 3.46
C PHE B 651 36.42 -1.55 3.46
N PHE B 652 35.70 -2.37 4.24
CA PHE B 652 34.26 -2.21 4.42
C PHE B 652 34.04 -1.26 5.58
N GLU B 653 33.70 -0.01 5.28
CA GLU B 653 33.60 1.01 6.31
C GLU B 653 32.42 0.74 7.23
N GLU B 654 32.57 1.16 8.49
CA GLU B 654 31.54 0.94 9.49
C GLU B 654 30.41 1.95 9.35
N ARG B 655 29.33 1.70 10.09
CA ARG B 655 28.13 2.52 9.96
C ARG B 655 28.41 3.98 10.29
N GLU B 656 29.21 4.23 11.31
CA GLU B 656 29.50 5.60 11.71
C GLU B 656 30.35 6.35 10.70
N CYS B 657 30.92 5.66 9.71
CA CYS B 657 31.77 6.31 8.71
C CYS B 657 31.06 6.58 7.39
N LEU B 658 29.98 5.86 7.09
CA LEU B 658 29.26 6.08 5.84
C LEU B 658 28.41 7.34 5.93
N PHE B 659 28.53 8.20 4.92
CA PHE B 659 27.73 9.42 4.84
C PHE B 659 26.31 9.12 4.37
N PRO B 660 26.11 8.35 3.29
CA PRO B 660 24.72 8.03 2.88
C PRO B 660 23.93 7.31 3.95
N TYR B 661 24.59 6.47 4.75
CA TYR B 661 23.88 5.77 5.81
C TYR B 661 23.38 6.73 6.88
N LYS B 662 24.26 7.63 7.33
CA LYS B 662 23.91 8.50 8.45
C LYS B 662 22.83 9.51 8.08
N GLU B 663 22.90 10.06 6.87
CA GLU B 663 22.00 11.14 6.49
C GLU B 663 20.72 10.65 5.84
N ASN B 664 20.80 9.61 5.00
CA ASN B 664 19.65 9.17 4.21
C ASN B 664 18.99 7.93 4.76
N LEU B 665 19.76 6.92 5.17
CA LEU B 665 19.18 5.64 5.54
C LEU B 665 18.85 5.55 7.03
N LYS B 666 19.75 6.02 7.90
CA LYS B 666 19.53 5.90 9.33
C LYS B 666 18.25 6.59 9.81
N PRO B 667 17.95 7.85 9.44
CA PRO B 667 16.73 8.47 9.92
C PRO B 667 15.48 8.14 9.13
N GLN B 668 15.54 7.19 8.19
CA GLN B 668 14.38 6.89 7.37
C GLN B 668 13.24 6.31 8.21
N TRP B 669 13.55 5.32 9.04
CA TRP B 669 12.58 4.72 9.94
C TRP B 669 13.13 4.79 11.36
N SER B 670 12.38 5.40 12.26
CA SER B 670 12.76 5.50 13.66
C SER B 670 11.80 4.65 14.49
N GLU B 671 12.34 3.71 15.25
CA GLU B 671 11.51 2.80 16.02
C GLU B 671 11.09 3.42 17.34
N VAL B 672 9.91 3.02 17.80
CA VAL B 672 9.40 3.43 19.11
C VAL B 672 9.05 2.13 19.84
N GLN B 673 10.00 1.63 20.63
CA GLN B 673 9.81 0.40 21.38
C GLN B 673 9.23 0.71 22.76
N TYR B 674 8.31 -0.14 23.21
CA TYR B 674 7.67 0.05 24.50
C TYR B 674 7.11 -1.28 24.97
N THR B 675 6.82 -1.34 26.28
CA THR B 675 6.20 -2.51 26.88
C THR B 675 4.86 -2.12 27.45
N ILE B 676 3.88 -3.00 27.31
CA ILE B 676 2.52 -2.77 27.79
C ILE B 676 2.29 -3.67 28.99
N GLU B 677 1.89 -3.08 30.11
CA GLU B 677 1.55 -3.83 31.31
C GLU B 677 0.04 -4.07 31.33
N VAL B 678 -0.36 -5.30 31.07
CA VAL B 678 -1.76 -5.69 31.05
C VAL B 678 -2.09 -6.33 32.38
N GLY B 679 -2.80 -5.60 33.24
CA GLY B 679 -3.18 -6.13 34.53
C GLY B 679 -4.51 -6.84 34.51
N SER B 680 -4.75 -7.60 33.45
CA SER B 680 -6.01 -8.31 33.26
C SER B 680 -5.75 -9.48 32.32
N PRO B 681 -6.64 -10.48 32.30
CA PRO B 681 -6.48 -11.57 31.35
C PRO B 681 -6.48 -11.04 29.91
N LEU B 682 -5.61 -11.63 29.09
CA LEU B 682 -5.45 -11.22 27.70
C LEU B 682 -5.89 -12.36 26.79
N LEU B 683 -6.86 -12.10 25.93
CA LEU B 683 -7.41 -13.11 25.03
C LEU B 683 -7.40 -12.54 23.62
N THR B 684 -6.41 -12.93 22.82
CA THR B 684 -6.35 -12.54 21.42
C THR B 684 -7.19 -13.45 20.54
N ALA B 685 -7.66 -14.58 21.08
CA ALA B 685 -8.73 -15.38 20.47
C ALA B 685 -8.36 -15.87 19.06
N ASP B 686 -7.36 -16.74 19.01
CA ASP B 686 -7.12 -17.48 17.78
C ASP B 686 -8.32 -18.37 17.48
N THR B 687 -8.82 -18.31 16.24
CA THR B 687 -10.08 -18.96 15.90
C THR B 687 -9.88 -20.39 15.40
N ILE B 688 -9.09 -20.56 14.33
CA ILE B 688 -8.88 -21.89 13.78
C ILE B 688 -8.08 -22.77 14.75
N SER B 689 -7.20 -22.17 15.55
CA SER B 689 -6.46 -22.96 16.53
C SER B 689 -7.39 -23.60 17.54
N ALA B 690 -8.58 -23.01 17.75
CA ALA B 690 -9.58 -23.61 18.61
C ALA B 690 -10.42 -24.66 17.91
N LEU B 691 -10.30 -24.78 16.58
CA LEU B 691 -11.03 -25.77 15.81
C LEU B 691 -10.21 -27.02 15.53
N THR B 692 -8.90 -26.96 15.66
CA THR B 692 -8.02 -28.10 15.35
C THR B 692 -7.30 -28.67 16.56
N GLU B 693 -6.95 -27.84 17.55
CA GLU B 693 -6.24 -28.33 18.71
C GLU B 693 -7.16 -29.22 19.55
N PRO B 694 -6.61 -30.24 20.19
CA PRO B 694 -7.44 -31.21 20.92
C PRO B 694 -7.91 -30.75 22.29
N GLY B 695 -7.75 -29.47 22.64
CA GLY B 695 -8.16 -29.00 23.94
C GLY B 695 -9.65 -29.02 24.16
N ASN B 696 -10.44 -28.97 23.08
CA ASN B 696 -11.90 -28.98 23.15
C ASN B 696 -12.40 -27.82 24.01
N ARG B 697 -12.15 -26.61 23.52
CA ARG B 697 -12.51 -25.41 24.26
C ARG B 697 -12.75 -24.26 23.28
N ASP B 698 -13.53 -23.28 23.73
CA ASP B 698 -14.09 -22.30 22.80
C ASP B 698 -13.03 -21.35 22.26
N ALA B 699 -12.40 -20.57 23.13
CA ALA B 699 -11.45 -19.55 22.72
C ALA B 699 -10.12 -19.77 23.42
N ILE B 700 -9.03 -19.65 22.66
CA ILE B 700 -7.68 -19.78 23.19
C ILE B 700 -6.86 -18.58 22.72
N ALA B 701 -5.82 -18.28 23.48
CA ALA B 701 -4.97 -17.14 23.17
C ALA B 701 -4.14 -17.42 21.92
N TYR B 702 -3.77 -16.35 21.23
CA TYR B 702 -2.98 -16.47 20.01
C TYR B 702 -1.51 -16.71 20.33
N LYS B 703 -0.92 -17.66 19.63
CA LYS B 703 0.50 -17.96 19.75
C LYS B 703 1.07 -18.23 18.37
N LYS B 704 2.36 -17.97 18.21
CA LYS B 704 3.03 -18.12 16.92
C LYS B 704 4.28 -18.98 17.08
N ARG B 705 4.68 -19.61 15.97
CA ARG B 705 5.86 -20.43 15.95
C ARG B 705 7.08 -19.61 15.57
N VAL B 706 8.18 -19.83 16.28
CA VAL B 706 9.42 -19.07 16.08
C VAL B 706 10.53 -20.06 15.77
N TYR B 707 11.26 -19.79 14.69
CA TYR B 707 12.39 -20.62 14.30
C TYR B 707 13.61 -20.26 15.15
N ASN B 708 14.45 -21.24 15.41
CA ASN B 708 15.66 -21.07 16.21
C ASN B 708 16.85 -21.63 15.47
N ASP B 709 17.99 -20.97 15.61
CA ASP B 709 19.23 -21.39 14.98
C ASP B 709 20.14 -22.07 15.98
N GLY B 710 21.19 -22.70 15.46
CA GLY B 710 22.09 -23.50 16.30
C GLY B 710 21.52 -24.87 16.61
N ASN B 711 20.23 -24.93 16.93
CA ASN B 711 19.51 -26.17 17.13
C ASN B 711 18.38 -26.23 16.10
N ASN B 712 18.71 -25.98 14.85
CA ASN B 712 17.76 -25.57 13.81
C ASN B 712 16.49 -26.40 13.83
N ALA B 713 15.38 -25.77 14.24
CA ALA B 713 14.06 -26.36 14.32
C ALA B 713 13.13 -25.28 14.85
N ILE B 714 11.82 -25.54 14.76
CA ILE B 714 10.84 -24.69 15.41
C ILE B 714 10.95 -24.86 16.90
N GLU B 715 10.94 -23.75 17.63
CA GLU B 715 11.01 -23.82 19.08
C GLU B 715 9.81 -24.60 19.62
N PRO B 716 10.03 -25.54 20.54
CA PRO B 716 8.92 -26.40 21.00
C PRO B 716 7.79 -25.64 21.65
N GLU B 717 8.08 -24.56 22.37
CA GLU B 717 6.99 -23.82 22.98
C GLU B 717 6.64 -22.60 22.15
N PRO B 718 5.39 -22.46 21.72
CA PRO B 718 4.99 -21.24 21.00
C PRO B 718 5.00 -20.03 21.90
N ARG B 719 5.19 -18.87 21.30
CA ARG B 719 5.26 -17.61 22.02
C ARG B 719 3.93 -16.87 21.88
N PHE B 720 3.34 -16.52 23.02
CA PHE B 720 2.11 -15.75 23.01
C PHE B 720 2.41 -14.29 22.69
N ALA B 721 1.56 -13.70 21.84
CA ALA B 721 1.76 -12.32 21.44
C ALA B 721 0.44 -11.76 20.93
N VAL B 722 0.40 -10.43 20.83
CA VAL B 722 -0.69 -9.73 20.17
C VAL B 722 -0.23 -9.41 18.76
N LYS B 723 -1.07 -9.72 17.77
CA LYS B 723 -0.67 -9.60 16.37
C LYS B 723 -0.25 -8.17 16.05
N SER B 724 0.70 -8.04 15.13
CA SER B 724 1.03 -6.73 14.61
C SER B 724 -0.17 -6.11 13.92
N GLU B 725 -1.07 -6.93 13.38
CA GLU B 725 -2.30 -6.42 12.80
C GLU B 725 -3.21 -5.82 13.85
N THR B 726 -3.35 -6.49 15.01
CA THR B 726 -4.16 -5.93 16.08
C THR B 726 -3.56 -4.63 16.60
N HIS B 727 -2.24 -4.61 16.79
CA HIS B 727 -1.55 -3.40 17.23
C HIS B 727 -1.76 -2.25 16.25
N ARG B 728 -1.55 -2.52 14.96
CA ARG B 728 -1.72 -1.51 13.94
C ARG B 728 -3.15 -1.00 13.87
N GLY B 729 -4.12 -1.93 13.92
CA GLY B 729 -5.51 -1.52 13.87
C GLY B 729 -5.91 -0.72 15.09
N ILE B 730 -5.35 -1.05 16.25
CA ILE B 730 -5.66 -0.30 17.46
C ILE B 730 -5.17 1.13 17.33
N PHE B 731 -3.92 1.33 16.89
CA PHE B 731 -3.45 2.69 16.74
C PHE B 731 -4.20 3.42 15.63
N ARG B 732 -4.53 2.74 14.54
CA ARG B 732 -5.26 3.38 13.45
C ARG B 732 -6.64 3.82 13.91
N THR B 733 -7.34 2.97 14.68
CA THR B 733 -8.63 3.34 15.22
C THR B 733 -8.52 4.51 16.19
N ALA B 734 -7.49 4.50 17.04
CA ALA B 734 -7.31 5.61 17.99
C ALA B 734 -7.11 6.92 17.24
N VAL B 735 -6.23 6.93 16.25
CA VAL B 735 -5.97 8.15 15.49
C VAL B 735 -7.21 8.59 14.72
N GLY B 736 -7.91 7.64 14.10
CA GLY B 736 -9.09 7.99 13.32
C GLY B 736 -10.22 8.53 14.18
N ARG B 737 -10.37 8.00 15.39
CA ARG B 737 -11.39 8.53 16.30
C ARG B 737 -11.00 9.90 16.83
N ARG B 738 -9.70 10.10 17.13
CA ARG B 738 -9.26 11.39 17.62
C ARG B 738 -9.43 12.48 16.55
N THR B 739 -9.04 12.19 15.32
CA THR B 739 -9.15 13.18 14.25
C THR B 739 -10.53 13.23 13.62
N GLY B 740 -11.37 12.23 13.86
CA GLY B 740 -12.65 12.16 13.20
C GLY B 740 -12.61 11.63 11.78
N ASP B 741 -11.43 11.25 11.29
CA ASP B 741 -11.32 10.71 9.94
C ASP B 741 -11.98 9.34 9.84
N LEU B 742 -11.94 8.55 10.90
CA LEU B 742 -12.59 7.25 10.90
C LEU B 742 -14.09 7.42 10.72
N GLY B 743 -14.68 6.49 9.98
CA GLY B 743 -16.10 6.56 9.69
C GLY B 743 -16.46 7.37 8.48
N LYS B 744 -15.50 7.87 7.72
CA LYS B 744 -15.80 8.51 6.46
C LYS B 744 -16.38 7.49 5.49
N GLU B 745 -17.14 8.00 4.51
CA GLU B 745 -17.83 7.11 3.58
C GLU B 745 -16.85 6.24 2.80
N ASP B 746 -15.74 6.81 2.35
CA ASP B 746 -14.71 6.04 1.69
C ASP B 746 -13.41 6.84 1.69
N HIS B 747 -12.31 6.13 1.49
CA HIS B 747 -10.97 6.72 1.39
C HIS B 747 -10.34 6.41 0.05
N GLU B 748 -11.13 6.50 -1.03
CA GLU B 748 -10.62 6.13 -2.34
C GLU B 748 -9.57 7.10 -2.84
N ASP B 749 -9.71 8.39 -2.50
CA ASP B 749 -8.71 9.40 -2.85
C ASP B 749 -8.46 10.33 -1.68
N CYS B 750 -8.58 9.81 -0.47
CA CYS B 750 -8.50 10.63 0.73
C CYS B 750 -7.08 11.09 0.98
N THR B 751 -6.95 12.31 1.52
CA THR B 751 -5.67 12.84 1.99
C THR B 751 -5.78 13.26 3.44
N CYS B 752 -6.69 12.65 4.18
CA CYS B 752 -6.88 12.97 5.59
C CYS B 752 -5.65 12.55 6.40
N ASP B 753 -5.63 12.93 7.67
CA ASP B 753 -4.51 12.59 8.53
C ASP B 753 -4.36 11.08 8.66
N MET B 754 -5.47 10.38 8.87
CA MET B 754 -5.42 8.93 9.01
C MET B 754 -4.89 8.26 7.74
N CYS B 755 -5.36 8.72 6.58
CA CYS B 755 -4.85 8.18 5.32
C CYS B 755 -3.39 8.58 5.10
N ILE B 756 -2.99 9.76 5.56
CA ILE B 756 -1.61 10.22 5.35
C ILE B 756 -0.64 9.36 6.15
N ILE B 757 -0.94 9.12 7.43
CA ILE B 757 0.00 8.43 8.31
C ILE B 757 -0.34 6.96 8.49
N PHE B 758 -1.33 6.43 7.75
CA PHE B 758 -1.66 5.03 7.82
C PHE B 758 -1.89 4.40 6.45
N GLY B 759 -1.79 5.17 5.37
CA GLY B 759 -1.91 4.63 4.04
C GLY B 759 -3.33 4.32 3.65
N ASN B 760 -3.53 4.14 2.35
CA ASN B 760 -4.82 3.77 1.79
C ASN B 760 -4.58 2.93 0.54
N GLU B 761 -5.60 2.79 -0.28
CA GLU B 761 -5.48 2.01 -1.51
C GLU B 761 -4.41 2.58 -2.44
N HIS B 762 -4.16 3.88 -2.38
CA HIS B 762 -3.27 4.55 -3.33
C HIS B 762 -1.98 5.04 -2.69
N GLU B 763 -1.65 4.57 -1.49
CA GLU B 763 -0.47 5.03 -0.78
C GLU B 763 -0.14 4.04 0.33
N SER B 764 1.14 3.67 0.42
CA SER B 764 1.57 2.82 1.52
C SER B 764 1.67 3.64 2.81
N SER B 765 1.51 2.95 3.94
CA SER B 765 1.52 3.61 5.23
C SER B 765 2.91 4.13 5.57
N LYS B 766 2.94 5.22 6.33
CA LYS B 766 4.19 5.78 6.83
C LYS B 766 4.55 5.28 8.22
N ILE B 767 3.77 4.36 8.78
CA ILE B 767 4.05 3.75 10.07
C ILE B 767 3.90 2.25 9.94
N ARG B 768 4.84 1.51 10.53
CA ARG B 768 4.87 0.06 10.43
C ARG B 768 4.90 -0.54 11.82
N PHE B 769 4.10 -1.58 12.05
CA PHE B 769 3.86 -2.13 13.37
C PHE B 769 4.35 -3.57 13.45
N GLU B 770 4.79 -3.96 14.65
CA GLU B 770 5.25 -5.31 14.91
C GLU B 770 4.45 -5.92 16.05
N ASP B 771 4.67 -7.21 16.27
CA ASP B 771 3.92 -7.94 17.28
C ASP B 771 4.27 -7.45 18.68
N LEU B 772 3.29 -7.55 19.59
CA LEU B 772 3.49 -7.25 21.00
C LEU B 772 3.80 -8.56 21.72
N GLU B 773 5.05 -9.00 21.58
CA GLU B 773 5.46 -10.28 22.14
C GLU B 773 5.48 -10.22 23.66
N LEU B 774 5.01 -11.29 24.29
CA LEU B 774 4.95 -11.39 25.74
C LEU B 774 6.33 -11.80 26.26
N ILE B 775 6.97 -10.92 27.02
CA ILE B 775 8.28 -11.21 27.57
C ILE B 775 8.19 -11.75 29.00
N ASN B 776 7.31 -11.16 29.81
CA ASN B 776 7.06 -11.63 31.17
C ASN B 776 6.08 -12.80 31.11
N GLY B 777 6.61 -13.94 30.65
CA GLY B 777 5.77 -15.10 30.43
C GLY B 777 6.11 -16.29 31.31
N ASN B 778 7.39 -16.42 31.68
CA ASN B 778 7.86 -17.53 32.49
C ASN B 778 7.90 -17.19 33.98
N GLU B 779 7.01 -16.30 34.43
CA GLU B 779 6.93 -15.92 35.83
C GLU B 779 5.58 -16.25 36.44
N PHE B 780 4.87 -17.23 35.88
CA PHE B 780 3.52 -17.56 36.32
C PHE B 780 3.35 -18.99 36.80
N GLU B 781 3.99 -19.95 36.12
CA GLU B 781 3.87 -21.38 36.38
C GLU B 781 2.49 -21.88 35.94
N LYS B 782 1.61 -20.95 35.58
CA LYS B 782 0.38 -21.25 34.85
C LYS B 782 0.06 -20.00 34.03
N LEU B 783 0.55 -19.99 32.79
CA LEU B 783 0.46 -18.78 31.98
C LEU B 783 -0.98 -18.48 31.58
N GLU B 784 -1.75 -19.52 31.26
CA GLU B 784 -3.12 -19.35 30.80
C GLU B 784 -4.09 -19.87 31.85
N LYS B 785 -5.09 -19.06 32.18
CA LYS B 785 -6.12 -19.44 33.13
C LYS B 785 -7.39 -19.80 32.38
N HIS B 786 -8.13 -20.77 32.91
CA HIS B 786 -9.39 -21.20 32.32
C HIS B 786 -10.54 -20.46 33.01
N ILE B 787 -11.14 -19.53 32.29
CA ILE B 787 -12.29 -18.76 32.78
C ILE B 787 -13.49 -19.13 31.93
N ASP B 788 -14.53 -19.65 32.56
CA ASP B 788 -15.74 -20.06 31.87
C ASP B 788 -16.92 -19.19 32.31
N HIS B 789 -17.61 -18.61 31.35
CA HIS B 789 -18.76 -17.76 31.59
C HIS B 789 -20.03 -18.50 31.19
N VAL B 790 -21.18 -17.86 31.46
CA VAL B 790 -22.47 -18.39 31.03
C VAL B 790 -23.44 -17.22 31.04
N ALA B 791 -24.50 -17.33 30.25
CA ALA B 791 -25.54 -16.32 30.15
C ALA B 791 -26.73 -16.73 31.00
N ILE B 792 -27.23 -15.81 31.82
CA ILE B 792 -28.30 -16.10 32.76
C ILE B 792 -29.62 -15.60 32.20
N ASP B 793 -30.63 -16.47 32.21
CA ASP B 793 -31.97 -16.09 31.77
C ASP B 793 -32.52 -15.01 32.69
N ARG B 794 -33.15 -13.99 32.09
CA ARG B 794 -33.71 -12.90 32.88
C ARG B 794 -34.92 -13.34 33.68
N PHE B 795 -35.72 -14.26 33.15
CA PHE B 795 -36.95 -14.68 33.83
C PHE B 795 -36.66 -15.72 34.91
N THR B 796 -36.12 -16.88 34.51
CA THR B 796 -35.88 -17.94 35.47
C THR B 796 -34.74 -17.62 36.43
N GLY B 797 -33.83 -16.73 36.05
CA GLY B 797 -32.72 -16.38 36.91
C GLY B 797 -31.59 -17.37 36.92
N GLY B 798 -31.68 -18.45 36.16
CA GLY B 798 -30.64 -19.45 36.08
C GLY B 798 -29.93 -19.40 34.74
N ALA B 799 -28.79 -20.09 34.69
CA ALA B 799 -27.99 -20.13 33.47
C ALA B 799 -28.74 -20.88 32.37
N LEU B 800 -28.45 -20.49 31.12
CA LEU B 800 -29.09 -21.15 29.98
C LEU B 800 -28.59 -22.58 29.81
N ASP B 801 -27.34 -22.85 30.19
CA ASP B 801 -26.66 -24.14 30.10
C ASP B 801 -26.40 -24.57 28.66
N LYS B 802 -26.86 -23.82 27.67
CA LYS B 802 -26.53 -24.05 26.28
C LYS B 802 -25.69 -22.93 25.69
N ALA B 803 -25.78 -21.73 26.25
CA ALA B 803 -24.94 -20.60 25.87
C ALA B 803 -23.68 -20.52 26.70
N LYS B 804 -23.44 -21.49 27.57
CA LYS B 804 -22.21 -21.51 28.37
C LYS B 804 -21.00 -21.62 27.47
N PHE B 805 -20.00 -20.79 27.72
CA PHE B 805 -18.77 -20.77 26.95
C PHE B 805 -17.59 -20.55 27.89
N ASP B 806 -16.44 -21.06 27.50
CA ASP B 806 -15.22 -20.95 28.30
C ASP B 806 -14.13 -20.28 27.48
N THR B 807 -13.51 -19.26 28.05
CA THR B 807 -12.35 -18.63 27.45
C THR B 807 -11.10 -19.09 28.18
N TYR B 808 -9.98 -19.08 27.47
CA TYR B 808 -8.72 -19.63 27.98
C TYR B 808 -7.61 -18.61 27.74
N PRO B 809 -7.65 -17.47 28.41
CA PRO B 809 -6.70 -16.39 28.14
C PRO B 809 -5.47 -16.47 29.05
N LEU B 810 -4.51 -15.59 28.75
CA LEU B 810 -3.32 -15.47 29.59
C LEU B 810 -3.71 -14.93 30.96
N ALA B 811 -3.06 -15.45 31.99
CA ALA B 811 -3.42 -15.15 33.38
C ALA B 811 -2.70 -13.87 33.81
N GLY B 812 -3.23 -12.74 33.37
CA GLY B 812 -2.72 -11.44 33.78
C GLY B 812 -3.46 -10.93 35.00
N SER B 813 -2.70 -10.43 35.96
CA SER B 813 -3.26 -9.96 37.22
C SER B 813 -2.72 -8.58 37.56
N PRO B 814 -3.46 -7.80 38.36
CA PRO B 814 -2.96 -6.46 38.72
C PRO B 814 -1.62 -6.45 39.42
N LYS B 815 -1.35 -7.46 40.26
CA LYS B 815 -0.07 -7.50 40.95
C LYS B 815 1.02 -8.17 40.12
N LYS B 816 0.65 -9.02 39.18
CA LYS B 816 1.59 -9.68 38.27
C LYS B 816 1.10 -9.47 36.84
N PRO B 817 1.29 -8.27 36.30
CA PRO B 817 0.76 -7.99 34.96
C PRO B 817 1.59 -8.67 33.87
N LEU B 818 0.95 -8.85 32.73
CA LEU B 818 1.64 -9.33 31.54
C LEU B 818 2.35 -8.17 30.86
N LYS B 819 3.60 -8.38 30.50
CA LYS B 819 4.42 -7.36 29.85
C LYS B 819 4.56 -7.71 28.38
N LEU B 820 4.00 -6.87 27.52
CA LEU B 820 4.00 -7.07 26.07
C LEU B 820 4.96 -6.06 25.44
N LYS B 821 6.15 -6.51 25.08
CA LYS B 821 7.18 -5.63 24.52
C LYS B 821 7.04 -5.64 23.01
N GLY B 822 6.43 -4.60 22.46
CA GLY B 822 6.29 -4.43 21.04
C GLY B 822 6.99 -3.15 20.57
N ARG B 823 6.81 -2.87 19.28
CA ARG B 823 7.42 -1.68 18.70
C ARG B 823 6.70 -1.33 17.40
N PHE B 824 6.91 -0.09 16.96
CA PHE B 824 6.46 0.35 15.66
C PHE B 824 7.49 1.33 15.09
N TRP B 825 7.46 1.48 13.77
CA TRP B 825 8.42 2.28 13.05
C TRP B 825 7.73 3.49 12.43
N ILE B 826 8.39 4.63 12.48
CA ILE B 826 7.84 5.89 11.98
C ILE B 826 8.76 6.41 10.88
N LYS B 827 8.17 6.69 9.72
CA LYS B 827 8.94 7.20 8.60
C LYS B 827 9.30 8.66 8.80
N LYS B 828 10.44 9.05 8.25
CA LYS B 828 10.84 10.45 8.28
C LYS B 828 9.91 11.28 7.41
N GLY B 829 9.43 12.39 7.98
CA GLY B 829 8.57 13.28 7.21
C GLY B 829 7.31 13.71 7.92
N PHE B 830 7.02 13.13 9.09
CA PHE B 830 5.88 13.58 9.86
C PHE B 830 6.07 15.01 10.34
N SER B 831 5.01 15.80 10.23
CA SER B 831 5.00 17.14 10.78
C SER B 831 4.79 17.06 12.30
N GLY B 832 4.66 18.23 12.92
CA GLY B 832 4.35 18.25 14.35
C GLY B 832 2.99 17.66 14.64
N ASP B 833 2.01 17.93 13.79
CA ASP B 833 0.65 17.45 14.02
C ASP B 833 0.57 15.93 13.97
N HIS B 834 1.25 15.31 13.00
CA HIS B 834 1.16 13.86 12.88
C HIS B 834 1.87 13.14 14.00
N LYS B 835 3.05 13.63 14.39
CA LYS B 835 3.75 13.04 15.53
C LYS B 835 2.95 13.25 16.80
N LEU B 836 2.29 14.41 16.93
CA LEU B 836 1.41 14.64 18.07
C LEU B 836 0.24 13.66 18.07
N LEU B 837 -0.29 13.35 16.89
CA LEU B 837 -1.38 12.37 16.79
C LEU B 837 -0.91 10.99 17.23
N ILE B 838 0.28 10.58 16.79
CA ILE B 838 0.80 9.28 17.21
C ILE B 838 1.02 9.24 18.71
N THR B 839 1.58 10.33 19.27
CA THR B 839 1.79 10.39 20.72
C THR B 839 0.46 10.37 21.46
N THR B 840 -0.56 11.04 20.93
CA THR B 840 -1.88 11.01 21.55
C THR B 840 -2.47 9.61 21.52
N ALA B 841 -2.28 8.89 20.41
CA ALA B 841 -2.74 7.51 20.36
C ALA B 841 -2.04 6.64 21.41
N LEU B 842 -0.72 6.81 21.54
CA LEU B 842 0.01 6.04 22.55
C LEU B 842 -0.45 6.41 23.95
N SER B 843 -0.73 7.70 24.20
CA SER B 843 -1.22 8.13 25.49
C SER B 843 -2.59 7.55 25.79
N ASP B 844 -3.45 7.48 24.77
CA ASP B 844 -4.76 6.84 24.94
C ASP B 844 -4.61 5.38 25.28
N ILE B 845 -3.66 4.69 24.64
CA ILE B 845 -3.42 3.30 24.95
C ILE B 845 -2.95 3.14 26.40
N ARG B 846 -2.04 4.03 26.82
CA ARG B 846 -1.58 3.99 28.21
C ARG B 846 -2.72 4.22 29.18
N ASP B 847 -3.61 5.17 28.87
CA ASP B 847 -4.72 5.51 29.74
C ASP B 847 -5.80 4.44 29.78
N GLY B 848 -5.73 3.43 28.92
CA GLY B 848 -6.68 2.33 28.97
C GLY B 848 -7.94 2.52 28.16
N LEU B 849 -7.96 3.46 27.22
CA LEU B 849 -9.14 3.63 26.37
C LEU B 849 -9.36 2.42 25.48
N TYR B 850 -8.28 1.83 24.95
CA TYR B 850 -8.38 0.74 24.00
C TYR B 850 -7.74 -0.52 24.58
N PRO B 851 -8.53 -1.43 25.15
CA PRO B 851 -7.97 -2.69 25.63
C PRO B 851 -7.57 -3.60 24.47
N LEU B 852 -6.62 -4.48 24.76
CA LEU B 852 -6.06 -5.37 23.75
C LEU B 852 -6.82 -6.69 23.74
N GLY B 853 -7.14 -7.17 22.55
CA GLY B 853 -7.78 -8.47 22.41
C GLY B 853 -9.28 -8.44 22.58
N SER B 854 -9.83 -9.64 22.70
CA SER B 854 -11.27 -9.85 22.78
C SER B 854 -11.78 -9.65 24.20
N LYS B 855 -13.10 -9.53 24.30
CA LYS B 855 -13.80 -9.44 25.59
C LYS B 855 -13.31 -8.27 26.43
N GLY B 856 -12.88 -7.19 25.78
CA GLY B 856 -12.41 -6.03 26.51
C GLY B 856 -13.49 -5.35 27.33
N GLY B 857 -14.75 -5.59 27.01
CA GLY B 857 -15.84 -4.98 27.75
C GLY B 857 -16.12 -5.59 29.10
N VAL B 858 -15.50 -6.73 29.41
CA VAL B 858 -15.67 -7.36 30.71
C VAL B 858 -14.33 -7.47 31.45
N GLY B 859 -13.37 -6.62 31.10
CA GLY B 859 -12.11 -6.56 31.81
C GLY B 859 -11.01 -7.44 31.28
N TYR B 860 -11.06 -7.81 30.01
CA TYR B 860 -10.01 -8.61 29.38
C TYR B 860 -9.05 -7.70 28.65
N GLY B 861 -7.76 -7.89 28.88
CA GLY B 861 -6.74 -7.11 28.18
C GLY B 861 -6.75 -5.63 28.49
N TRP B 862 -7.08 -5.25 29.71
CA TRP B 862 -7.07 -3.85 30.09
C TRP B 862 -5.64 -3.41 30.38
N VAL B 863 -5.21 -2.36 29.69
CA VAL B 863 -3.85 -1.85 29.85
C VAL B 863 -3.76 -1.08 31.15
N ALA B 864 -2.88 -1.50 32.05
CA ALA B 864 -2.68 -0.86 33.33
C ALA B 864 -1.55 0.17 33.31
N GLY B 865 -0.91 0.36 32.16
CA GLY B 865 0.19 1.30 32.07
C GLY B 865 1.05 0.98 30.87
N ILE B 866 2.08 1.79 30.69
CA ILE B 866 2.99 1.65 29.57
C ILE B 866 4.35 2.17 29.99
N SER B 867 5.40 1.64 29.36
CA SER B 867 6.77 2.05 29.67
C SER B 867 7.53 2.15 28.35
N ILE B 868 7.60 3.36 27.80
CA ILE B 868 8.31 3.58 26.56
C ILE B 868 9.80 3.41 26.80
N ASP B 869 10.44 2.60 25.96
CA ASP B 869 11.89 2.42 26.06
C ASP B 869 12.58 3.75 25.85
N ASP B 870 13.60 4.02 26.66
CA ASP B 870 14.27 5.31 26.67
C ASP B 870 15.43 5.40 25.71
N ASN B 871 15.69 4.35 24.93
CA ASN B 871 16.85 4.35 24.04
C ASN B 871 16.57 5.09 22.74
N VAL B 872 15.63 4.59 21.95
CA VAL B 872 15.40 5.10 20.60
C VAL B 872 14.63 6.43 20.62
N PRO B 873 13.41 6.50 21.17
CA PRO B 873 12.62 7.73 20.99
C PRO B 873 13.08 8.85 21.89
N ASP B 874 13.06 10.07 21.35
CA ASP B 874 13.38 11.28 22.10
C ASP B 874 12.22 12.26 22.13
N ASP B 875 11.61 12.55 20.98
CA ASP B 875 10.46 13.43 20.95
C ASP B 875 9.27 12.82 21.68
N PHE B 876 9.09 11.49 21.55
CA PHE B 876 8.00 10.82 22.25
C PHE B 876 8.19 10.92 23.75
N LYS B 877 9.42 10.73 24.24
CA LYS B 877 9.69 10.92 25.66
C LYS B 877 9.43 12.36 26.09
N GLU B 878 9.85 13.32 25.25
CA GLU B 878 9.58 14.72 25.55
C GLU B 878 8.11 15.06 25.45
N MET B 879 7.35 14.29 24.68
CA MET B 879 5.93 14.56 24.47
C MET B 879 5.05 13.85 25.49
N ILE B 880 5.62 13.16 26.46
CA ILE B 880 4.83 12.53 27.51
C ILE B 880 5.27 13.06 28.88
N ASN B 896 -12.00 17.39 45.22
CA ASN B 896 -11.53 16.04 45.45
C ASN B 896 -11.99 15.52 46.80
N GLY B 897 -13.24 15.08 46.87
CA GLY B 897 -13.81 14.55 48.08
C GLY B 897 -14.60 13.27 47.86
N PRO B 898 -15.02 12.63 48.94
CA PRO B 898 -15.81 11.41 48.81
C PRO B 898 -17.14 11.68 48.12
N ILE B 899 -17.61 10.70 47.36
CA ILE B 899 -18.85 10.79 46.60
C ILE B 899 -19.80 9.72 47.09
N ASN B 900 -21.03 10.11 47.41
CA ASN B 900 -22.04 9.17 47.89
C ASN B 900 -23.42 9.70 47.55
N ASN B 901 -24.38 8.78 47.52
CA ASN B 901 -25.77 9.09 47.24
C ASN B 901 -26.57 8.98 48.54
N ASP B 902 -27.39 9.98 48.82
CA ASP B 902 -28.11 10.07 50.08
C ASP B 902 -29.55 9.58 49.98
N TYR B 903 -29.94 8.96 48.87
CA TYR B 903 -31.30 8.47 48.73
C TYR B 903 -31.57 7.34 49.71
N VAL B 904 -32.77 7.35 50.29
CA VAL B 904 -33.19 6.33 51.24
C VAL B 904 -34.55 5.80 50.81
N HIS B 905 -34.67 4.48 50.68
CA HIS B 905 -35.91 3.84 50.30
C HIS B 905 -36.51 3.13 51.50
N PRO B 906 -37.71 3.51 51.97
CA PRO B 906 -38.25 2.90 53.19
C PRO B 906 -38.47 1.40 53.08
N GLY B 907 -39.34 0.97 52.17
CA GLY B 907 -39.64 -0.43 51.99
C GLY B 907 -40.08 -1.14 53.26
N HIS B 908 -40.74 -0.41 54.17
CA HIS B 908 -41.01 -0.88 55.52
C HIS B 908 -42.44 -1.37 55.70
N GLN B 909 -43.10 -1.79 54.61
CA GLN B 909 -44.48 -2.24 54.73
C GLN B 909 -44.59 -3.49 55.60
N SER B 910 -44.06 -4.61 55.13
CA SER B 910 -44.14 -5.88 55.84
C SER B 910 -43.08 -6.05 56.93
N PRO B 911 -41.79 -5.83 56.64
CA PRO B 911 -40.76 -6.15 57.66
C PRO B 911 -40.88 -5.36 58.95
N LYS B 912 -41.43 -4.14 58.91
CA LYS B 912 -41.54 -3.34 60.13
C LYS B 912 -42.45 -4.02 61.15
N GLN B 913 -43.57 -4.58 60.70
CA GLN B 913 -44.48 -5.26 61.61
C GLN B 913 -43.95 -6.61 62.08
N ASP B 914 -42.86 -7.10 61.50
CA ASP B 914 -42.27 -8.38 61.86
C ASP B 914 -41.16 -8.26 62.90
N HIS B 915 -40.97 -7.08 63.49
CA HIS B 915 -39.90 -6.89 64.47
C HIS B 915 -40.11 -7.72 65.72
N LYS B 916 -41.33 -8.18 65.98
CA LYS B 916 -41.61 -8.92 67.20
C LYS B 916 -41.21 -10.38 67.08
N ASN B 917 -41.81 -11.11 66.15
CA ASN B 917 -41.58 -12.56 66.03
C ASN B 917 -41.16 -12.97 64.62
N LYS B 918 -40.98 -12.02 63.71
CA LYS B 918 -40.51 -12.27 62.34
C LYS B 918 -41.52 -13.05 61.51
N ASN B 919 -41.46 -12.85 60.20
CA ASN B 919 -42.27 -13.60 59.24
C ASN B 919 -41.34 -14.31 58.27
N ILE B 920 -41.93 -14.99 57.28
CA ILE B 920 -41.18 -15.73 56.27
C ILE B 920 -41.52 -15.14 54.90
N TYR B 921 -40.49 -14.82 54.14
CA TYR B 921 -40.64 -14.24 52.81
C TYR B 921 -39.97 -15.14 51.78
N TYR B 922 -40.64 -15.31 50.65
CA TYR B 922 -40.15 -16.22 49.63
C TYR B 922 -38.88 -15.64 48.99
N PRO B 923 -37.86 -16.47 48.74
CA PRO B 923 -36.52 -15.92 48.45
C PRO B 923 -36.45 -15.01 47.24
N HIS B 924 -37.22 -15.27 46.19
CA HIS B 924 -37.12 -14.49 44.96
C HIS B 924 -38.49 -13.98 44.53
N TYR B 925 -38.54 -12.73 44.11
CA TYR B 925 -39.75 -12.11 43.58
C TYR B 925 -39.48 -11.61 42.18
N PHE B 926 -40.56 -11.25 41.48
CA PHE B 926 -40.48 -10.88 40.08
C PHE B 926 -40.91 -9.43 39.89
N LEU B 927 -40.29 -8.78 38.91
CA LEU B 927 -40.53 -7.38 38.59
C LEU B 927 -41.25 -7.30 37.25
N ASP B 928 -42.40 -6.65 37.23
CA ASP B 928 -43.18 -6.45 36.01
C ASP B 928 -43.17 -4.98 35.65
N SER B 929 -42.71 -4.66 34.44
CA SER B 929 -42.61 -3.29 33.99
C SER B 929 -43.46 -3.00 32.75
N GLY B 930 -44.24 -3.97 32.28
CA GLY B 930 -45.10 -3.74 31.14
C GLY B 930 -44.39 -3.90 29.81
N SER B 931 -45.12 -3.55 28.75
CA SER B 931 -44.64 -3.69 27.38
C SER B 931 -43.95 -2.44 26.85
N LYS B 932 -43.87 -1.37 27.65
CA LYS B 932 -43.32 -0.10 27.18
C LYS B 932 -41.82 -0.24 27.04
N VAL B 933 -41.35 -0.45 25.80
CA VAL B 933 -39.94 -0.51 25.47
C VAL B 933 -39.66 0.53 24.41
N TYR B 934 -38.72 1.43 24.69
CA TYR B 934 -38.40 2.54 23.81
C TYR B 934 -37.07 2.26 23.12
N ARG B 935 -37.10 2.06 21.81
CA ARG B 935 -35.93 1.70 21.04
C ARG B 935 -35.49 2.88 20.18
N GLU B 936 -34.20 3.18 20.20
CA GLU B 936 -33.63 4.28 19.46
C GLU B 936 -33.05 3.76 18.15
N LYS B 937 -33.64 4.18 17.03
CA LYS B 937 -33.08 3.83 15.73
C LYS B 937 -31.86 4.67 15.38
N ASP B 938 -31.69 5.83 16.03
CA ASP B 938 -30.51 6.65 15.83
C ASP B 938 -29.49 6.33 16.93
N ILE B 939 -28.87 5.16 16.79
CA ILE B 939 -27.93 4.68 17.80
C ILE B 939 -26.67 5.53 17.78
N ILE B 940 -26.04 5.63 18.94
CA ILE B 940 -24.78 6.37 19.08
C ILE B 940 -23.66 5.46 18.61
N THR B 941 -22.92 5.91 17.60
CA THR B 941 -21.90 5.09 16.96
C THR B 941 -20.53 5.36 17.57
N HIS B 942 -19.52 4.66 17.07
CA HIS B 942 -18.19 4.68 17.65
C HIS B 942 -17.15 5.34 16.73
N GLU B 943 -17.57 6.11 15.73
CA GLU B 943 -16.59 6.64 14.79
C GLU B 943 -15.67 7.64 15.46
N GLU B 944 -16.21 8.55 16.27
CA GLU B 944 -15.42 9.55 16.96
C GLU B 944 -15.94 9.73 18.36
N PHE B 945 -15.30 10.62 19.11
CA PHE B 945 -15.79 11.05 20.42
C PHE B 945 -16.68 12.28 20.21
N THR B 946 -17.98 12.09 20.30
CA THR B 946 -18.91 13.20 20.09
C THR B 946 -18.70 14.27 21.15
N GLU B 947 -18.79 15.53 20.73
CA GLU B 947 -18.44 16.64 21.62
C GLU B 947 -19.37 16.72 22.82
N GLU B 948 -20.66 16.51 22.62
CA GLU B 948 -21.63 16.68 23.70
C GLU B 948 -21.82 15.43 24.54
N LEU B 949 -21.09 14.36 24.23
CA LEU B 949 -21.26 13.09 24.94
C LEU B 949 -20.10 12.86 25.91
N LEU B 950 -20.44 12.37 27.10
CA LEU B 950 -19.46 12.18 28.16
C LEU B 950 -18.61 10.95 27.90
N SER B 951 -17.33 11.05 28.25
CA SER B 951 -16.41 9.92 28.17
C SER B 951 -15.40 10.02 29.30
N GLY B 952 -15.14 8.91 29.97
CA GLY B 952 -14.21 8.92 31.08
C GLY B 952 -14.02 7.57 31.74
N LYS B 953 -13.98 7.58 33.07
CA LYS B 953 -13.79 6.34 33.83
C LYS B 953 -14.35 6.53 35.23
N ILE B 954 -15.13 5.57 35.69
CA ILE B 954 -15.69 5.57 37.04
C ILE B 954 -14.85 4.64 37.90
N ASN B 955 -14.27 5.16 38.96
CA ASN B 955 -13.53 4.37 39.94
C ASN B 955 -14.39 4.22 41.17
N CYS B 956 -14.80 2.99 41.46
CA CYS B 956 -15.72 2.71 42.56
C CYS B 956 -15.23 1.53 43.37
N LYS B 957 -15.66 1.50 44.64
CA LYS B 957 -15.27 0.46 45.57
C LYS B 957 -16.49 -0.38 45.94
N LEU B 958 -16.27 -1.69 46.06
CA LEU B 958 -17.34 -2.64 46.37
C LEU B 958 -17.07 -3.24 47.75
N GLU B 959 -18.08 -3.14 48.62
CA GLU B 959 -18.02 -3.74 49.95
C GLU B 959 -19.20 -4.69 50.10
N THR B 960 -18.92 -5.90 50.60
CA THR B 960 -19.93 -6.92 50.74
C THR B 960 -20.58 -6.86 52.12
N LEU B 961 -21.91 -7.00 52.15
CA LEU B 961 -22.66 -7.02 53.39
C LEU B 961 -22.92 -8.42 53.92
N THR B 962 -22.81 -9.43 53.06
CA THR B 962 -22.94 -10.84 53.42
C THR B 962 -21.76 -11.58 52.79
N PRO B 963 -21.47 -12.78 53.27
CA PRO B 963 -20.37 -13.56 52.67
C PRO B 963 -20.56 -13.72 51.17
N LEU B 964 -19.48 -13.52 50.43
CA LEU B 964 -19.50 -13.50 48.97
C LEU B 964 -18.94 -14.81 48.43
N ILE B 965 -19.63 -15.39 47.46
CA ILE B 965 -19.24 -16.65 46.84
C ILE B 965 -19.04 -16.41 45.36
N ILE B 966 -17.80 -16.48 44.90
CA ILE B 966 -17.48 -16.39 43.48
C ILE B 966 -16.67 -17.62 43.11
N PRO B 967 -17.32 -18.71 42.71
CA PRO B 967 -16.58 -19.96 42.45
C PRO B 967 -15.61 -19.83 41.30
N ASP B 968 -14.48 -20.52 41.44
CA ASP B 968 -13.49 -20.63 40.37
C ASP B 968 -13.74 -21.97 39.69
N THR B 969 -14.60 -21.97 38.69
CA THR B 969 -15.02 -23.19 38.00
C THR B 969 -13.97 -23.71 37.03
N SER B 970 -12.74 -23.19 37.08
CA SER B 970 -11.68 -23.73 36.24
C SER B 970 -11.43 -25.20 36.55
N ASP B 971 -11.39 -25.55 37.83
CA ASP B 971 -11.28 -26.92 38.27
C ASP B 971 -12.47 -27.30 39.14
N GLU B 972 -12.77 -28.60 39.17
CA GLU B 972 -13.93 -29.10 39.88
C GLU B 972 -13.62 -29.57 41.30
N ASN B 973 -12.33 -29.69 41.64
CA ASN B 973 -11.87 -30.18 42.92
C ASN B 973 -10.83 -29.23 43.50
N GLY B 974 -11.15 -27.93 43.50
CA GLY B 974 -10.19 -26.94 43.97
C GLY B 974 -9.81 -27.12 45.43
N LEU B 975 -10.77 -27.56 46.25
CA LEU B 975 -10.53 -27.76 47.67
C LEU B 975 -9.96 -29.14 47.99
N LYS B 976 -9.77 -30.00 46.98
CA LYS B 976 -9.21 -31.34 47.16
C LYS B 976 -10.05 -32.17 48.13
N LEU B 977 -11.36 -31.95 48.15
CA LEU B 977 -12.26 -32.70 49.00
C LEU B 977 -12.98 -33.83 48.27
N GLN B 978 -12.69 -34.03 46.98
CA GLN B 978 -13.41 -35.06 46.23
C GLN B 978 -12.81 -36.44 46.42
N GLY B 979 -11.59 -36.55 46.96
CA GLY B 979 -11.02 -37.86 47.21
C GLY B 979 -11.80 -38.65 48.24
N ASN B 980 -12.14 -38.01 49.36
CA ASN B 980 -12.94 -38.67 50.39
C ASN B 980 -14.42 -38.68 50.02
N LYS B 981 -14.91 -37.63 49.36
CA LYS B 981 -16.32 -37.51 49.01
C LYS B 981 -16.47 -37.58 47.50
N PRO B 982 -17.00 -38.67 46.95
CA PRO B 982 -17.05 -38.80 45.49
C PRO B 982 -18.22 -38.05 44.87
N GLY B 983 -17.93 -37.37 43.76
CA GLY B 983 -18.95 -36.58 43.10
C GLY B 983 -19.30 -35.28 43.80
N HIS B 984 -18.41 -34.78 44.64
CA HIS B 984 -18.66 -33.55 45.40
C HIS B 984 -18.01 -32.38 44.67
N LYS B 985 -18.80 -31.31 44.49
CA LYS B 985 -18.34 -30.13 43.75
C LYS B 985 -17.56 -29.24 44.71
N ASN B 986 -16.24 -29.17 44.53
CA ASN B 986 -15.38 -28.35 45.37
C ASN B 986 -14.85 -27.17 44.55
N TYR B 987 -15.00 -25.96 45.08
CA TYR B 987 -14.62 -24.75 44.38
C TYR B 987 -13.83 -23.85 45.31
N LYS B 988 -13.02 -22.99 44.69
CA LYS B 988 -12.31 -21.93 45.38
C LYS B 988 -12.82 -20.59 44.89
N PHE B 989 -12.54 -19.54 45.65
CA PHE B 989 -12.88 -18.20 45.20
C PHE B 989 -12.09 -17.86 43.96
N PHE B 990 -12.72 -17.14 43.02
CA PHE B 990 -12.07 -16.79 41.78
C PHE B 990 -10.81 -15.99 42.05
N ASN B 991 -9.71 -16.40 41.42
CA ASN B 991 -8.43 -15.76 41.65
C ASN B 991 -7.53 -15.98 40.45
N ILE B 992 -6.74 -14.95 40.13
CA ILE B 992 -5.73 -15.03 39.08
C ILE B 992 -4.37 -14.83 39.74
N ASN B 993 -3.46 -15.78 39.53
CA ASN B 993 -2.15 -15.76 40.15
C ASN B 993 -2.25 -15.70 41.67
N GLY B 994 -3.23 -16.40 42.23
CA GLY B 994 -3.33 -16.56 43.66
C GLY B 994 -3.83 -15.35 44.42
N GLU B 995 -4.48 -14.40 43.76
CA GLU B 995 -5.05 -13.25 44.43
C GLU B 995 -6.53 -13.14 44.09
N LEU B 996 -7.36 -12.96 45.11
CA LEU B 996 -8.80 -12.99 44.93
C LEU B 996 -9.28 -11.76 44.16
N MET B 997 -10.24 -11.98 43.26
CA MET B 997 -10.87 -10.89 42.55
C MET B 997 -12.20 -11.36 41.99
N ILE B 998 -13.07 -10.39 41.72
CA ILE B 998 -14.37 -10.65 41.12
C ILE B 998 -14.26 -10.47 39.61
N PRO B 999 -14.69 -11.44 38.81
CA PRO B 999 -14.59 -11.28 37.35
C PRO B 999 -15.38 -10.07 36.87
N GLY B 1000 -14.83 -9.38 35.86
CA GLY B 1000 -15.53 -8.26 35.28
C GLY B 1000 -16.84 -8.64 34.64
N SER B 1001 -16.94 -9.88 34.17
CA SER B 1001 -18.21 -10.34 33.58
C SER B 1001 -19.31 -10.40 34.62
N GLU B 1002 -18.98 -10.80 35.85
CA GLU B 1002 -19.97 -10.83 36.92
C GLU B 1002 -20.55 -9.45 37.18
N LEU B 1003 -19.69 -8.46 37.40
CA LEU B 1003 -20.15 -7.11 37.69
C LEU B 1003 -20.87 -6.52 36.48
N ARG B 1004 -20.35 -6.77 35.28
CA ARG B 1004 -20.99 -6.25 34.09
C ARG B 1004 -22.38 -6.82 33.91
N GLY B 1005 -22.55 -8.13 34.13
CA GLY B 1005 -23.86 -8.73 34.00
C GLY B 1005 -24.83 -8.26 35.08
N MET B 1006 -24.32 -8.04 36.30
CA MET B 1006 -25.21 -7.60 37.37
C MET B 1006 -25.67 -6.16 37.15
N LEU B 1007 -24.75 -5.27 36.75
CA LEU B 1007 -25.17 -3.93 36.35
C LEU B 1007 -26.06 -3.98 35.11
N ARG B 1008 -25.81 -4.93 34.21
CA ARG B 1008 -26.63 -5.07 33.01
C ARG B 1008 -28.07 -5.37 33.36
N THR B 1009 -28.29 -6.38 34.21
CA THR B 1009 -29.65 -6.72 34.58
C THR B 1009 -30.29 -5.62 35.42
N HIS B 1010 -29.52 -4.97 36.30
CA HIS B 1010 -30.08 -3.87 37.08
C HIS B 1010 -30.52 -2.71 36.19
N PHE B 1011 -29.67 -2.33 35.24
CA PHE B 1011 -30.00 -1.24 34.33
C PHE B 1011 -31.17 -1.60 33.43
N GLU B 1012 -31.21 -2.84 32.93
CA GLU B 1012 -32.31 -3.26 32.08
C GLU B 1012 -33.62 -3.24 32.84
N ALA B 1013 -33.61 -3.67 34.11
CA ALA B 1013 -34.83 -3.61 34.91
C ALA B 1013 -35.21 -2.17 35.23
N LEU B 1014 -34.20 -1.30 35.39
CA LEU B 1014 -34.49 0.10 35.73
C LEU B 1014 -35.07 0.86 34.55
N THR B 1015 -34.52 0.65 33.35
CA THR B 1015 -34.90 1.43 32.18
C THR B 1015 -35.92 0.71 31.31
N LYS B 1016 -36.55 -0.36 31.81
CA LYS B 1016 -37.58 -1.09 31.08
C LYS B 1016 -37.06 -1.61 29.74
N SER B 1017 -35.82 -2.10 29.74
CA SER B 1017 -35.25 -2.70 28.55
C SER B 1017 -35.80 -4.10 28.35
N CYS B 1018 -35.55 -4.66 27.17
CA CYS B 1018 -36.09 -5.98 26.85
C CYS B 1018 -35.32 -7.07 27.59
N PHE B 1019 -35.90 -8.27 27.60
CA PHE B 1019 -35.24 -9.44 28.16
C PHE B 1019 -34.13 -9.85 27.20
N ALA B 1020 -32.91 -9.38 27.46
CA ALA B 1020 -31.81 -9.61 26.54
C ALA B 1020 -31.47 -11.09 26.41
N ILE B 1021 -31.49 -11.81 27.52
CA ILE B 1021 -31.00 -13.19 27.54
C ILE B 1021 -32.13 -14.14 27.93
N PHE B 1022 -33.35 -13.82 27.50
CA PHE B 1022 -34.46 -14.74 27.73
C PHE B 1022 -34.22 -16.05 27.00
N GLY B 1023 -34.49 -17.15 27.68
CA GLY B 1023 -34.38 -18.46 27.08
C GLY B 1023 -35.72 -19.05 26.70
N GLU B 1024 -36.05 -18.99 25.41
CA GLU B 1024 -37.31 -19.50 24.90
C GLU B 1024 -37.13 -20.96 24.47
N ASP B 1025 -38.11 -21.49 23.73
CA ASP B 1025 -38.07 -22.85 23.22
C ASP B 1025 -38.06 -23.87 24.35
N SER B 1026 -38.77 -23.56 25.43
CA SER B 1026 -38.94 -24.46 26.55
C SER B 1026 -40.43 -24.72 26.77
N THR B 1027 -40.79 -25.98 26.93
CA THR B 1027 -42.18 -26.39 27.08
C THR B 1027 -42.55 -26.42 28.56
N LEU B 1028 -43.86 -26.28 28.80
CA LEU B 1028 -44.42 -26.31 30.15
C LEU B 1028 -45.17 -27.61 30.36
N SER B 1029 -44.88 -28.27 31.48
CA SER B 1029 -45.54 -29.53 31.80
C SER B 1029 -45.83 -29.64 33.29
N LYS B 1393 -47.25 -22.43 23.14
CA LYS B 1393 -46.45 -21.22 23.06
C LYS B 1393 -44.98 -21.51 23.26
N THR B 1394 -44.69 -22.45 24.16
CA THR B 1394 -43.32 -22.88 24.48
C THR B 1394 -42.45 -21.68 24.87
N LEU B 1395 -43.01 -20.80 25.69
CA LEU B 1395 -42.35 -19.61 26.20
C LEU B 1395 -41.90 -18.65 25.11
N GLY B 1396 -42.31 -18.88 23.86
CA GLY B 1396 -42.02 -17.95 22.79
C GLY B 1396 -43.10 -16.91 22.66
N GLY B 1397 -44.35 -17.36 22.55
CA GLY B 1397 -45.49 -16.48 22.57
C GLY B 1397 -46.00 -16.13 23.95
N LYS B 1398 -45.43 -16.71 25.00
CA LYS B 1398 -45.86 -16.40 26.36
C LYS B 1398 -45.59 -14.95 26.70
N LEU B 1399 -44.43 -14.43 26.31
CA LEU B 1399 -44.10 -13.04 26.54
C LEU B 1399 -44.42 -12.21 25.30
N ASP B 1400 -44.61 -10.92 25.52
CA ASP B 1400 -44.89 -9.99 24.43
C ASP B 1400 -43.67 -9.83 23.53
N LYS B 1401 -43.93 -9.42 22.28
CA LYS B 1401 -42.87 -9.25 21.31
C LYS B 1401 -41.93 -8.10 21.67
N ALA B 1402 -42.42 -7.11 22.43
CA ALA B 1402 -41.61 -5.95 22.76
C ALA B 1402 -40.40 -6.34 23.62
N LEU B 1403 -40.58 -7.29 24.53
CA LEU B 1403 -39.50 -7.68 25.44
C LEU B 1403 -38.55 -8.71 24.84
N HIS B 1404 -38.79 -9.16 23.61
CA HIS B 1404 -37.86 -10.08 22.96
C HIS B 1404 -36.53 -9.38 22.70
N PRO B 1405 -35.43 -10.14 22.68
CA PRO B 1405 -34.12 -9.52 22.43
C PRO B 1405 -34.08 -8.88 21.04
N CYS B 1406 -33.35 -7.77 20.96
CA CYS B 1406 -33.24 -7.06 19.69
C CYS B 1406 -32.38 -7.84 18.71
N THR B 1407 -32.88 -8.02 17.49
CA THR B 1407 -32.15 -8.77 16.48
C THR B 1407 -31.10 -7.90 15.80
N GLY B 1408 -31.53 -6.80 15.18
CA GLY B 1408 -30.61 -5.92 14.49
C GLY B 1408 -30.75 -4.48 14.89
N LEU B 1409 -30.03 -3.59 14.20
CA LEU B 1409 -30.06 -2.17 14.51
C LEU B 1409 -31.19 -1.43 13.80
N SER B 1410 -31.91 -2.08 12.89
CA SER B 1410 -32.97 -1.40 12.15
C SER B 1410 -34.14 -1.05 13.07
N ASP B 1411 -34.61 -2.01 13.86
CA ASP B 1411 -35.77 -1.79 14.72
C ASP B 1411 -35.46 -0.93 15.93
N GLY B 1412 -34.19 -0.65 16.21
CA GLY B 1412 -33.80 0.12 17.36
C GLY B 1412 -33.22 -0.74 18.47
N LEU B 1413 -32.67 -0.05 19.48
CA LEU B 1413 -32.03 -0.71 20.60
C LEU B 1413 -32.59 -0.19 21.91
N CYS B 1414 -32.81 -1.10 22.86
CA CYS B 1414 -33.27 -0.72 24.18
C CYS B 1414 -32.20 0.08 24.91
N PRO B 1415 -32.58 0.85 25.93
CA PRO B 1415 -31.56 1.57 26.70
C PRO B 1415 -30.47 0.66 27.25
N GLY B 1416 -30.83 -0.52 27.76
CA GLY B 1416 -29.83 -1.48 28.17
C GLY B 1416 -29.03 -2.02 27.00
N CYS B 1417 -29.70 -2.36 25.90
CA CYS B 1417 -29.01 -2.86 24.73
C CYS B 1417 -28.20 -1.77 24.04
N HIS B 1418 -28.64 -0.51 24.15
CA HIS B 1418 -27.88 0.59 23.60
C HIS B 1418 -26.68 0.93 24.46
N LEU B 1419 -26.78 0.76 25.77
CA LEU B 1419 -25.70 1.14 26.68
C LEU B 1419 -24.63 0.06 26.72
N PHE B 1420 -24.99 -1.14 27.17
CA PHE B 1420 -24.04 -2.24 27.31
C PHE B 1420 -23.78 -2.97 26.00
N GLY B 1421 -24.57 -2.71 24.97
CA GLY B 1421 -24.34 -3.31 23.68
C GLY B 1421 -25.00 -4.67 23.54
N THR B 1422 -25.25 -5.03 22.28
CA THR B 1422 -25.78 -6.34 21.92
C THR B 1422 -24.90 -6.92 20.84
N THR B 1423 -25.34 -8.02 20.21
CA THR B 1423 -24.65 -8.51 19.03
C THR B 1423 -24.55 -7.38 18.00
N ASP B 1424 -23.53 -7.46 17.15
CA ASP B 1424 -23.18 -6.53 16.07
C ASP B 1424 -23.38 -5.07 16.46
N TYR B 1425 -23.15 -4.76 17.74
CA TYR B 1425 -23.05 -3.36 18.19
C TYR B 1425 -22.30 -3.38 19.52
N LYS B 1426 -21.06 -2.93 19.51
CA LYS B 1426 -20.26 -2.92 20.74
C LYS B 1426 -20.82 -1.91 21.74
N GLY B 1427 -20.88 -2.32 23.00
CA GLY B 1427 -21.40 -1.45 24.03
C GLY B 1427 -20.47 -0.31 24.36
N ARG B 1428 -21.04 0.70 25.02
CA ARG B 1428 -20.30 1.90 25.38
C ARG B 1428 -19.88 1.93 26.83
N VAL B 1429 -20.07 0.83 27.56
CA VAL B 1429 -19.65 0.72 28.96
C VAL B 1429 -18.83 -0.55 29.12
N LYS B 1430 -17.65 -0.41 29.72
CA LYS B 1430 -16.74 -1.54 29.94
C LYS B 1430 -16.46 -1.67 31.42
N PHE B 1431 -16.49 -2.90 31.91
CA PHE B 1431 -16.23 -3.20 33.31
C PHE B 1431 -14.90 -3.92 33.45
N GLY B 1432 -14.33 -3.87 34.65
CA GLY B 1432 -13.04 -4.46 34.92
C GLY B 1432 -13.09 -5.39 36.12
N PHE B 1433 -12.03 -6.17 36.26
CA PHE B 1433 -11.94 -7.10 37.38
C PHE B 1433 -11.77 -6.34 38.69
N ALA B 1434 -12.47 -6.81 39.73
CA ALA B 1434 -12.49 -6.13 41.02
C ALA B 1434 -11.44 -6.75 41.92
N LYS B 1435 -10.28 -6.09 42.02
CA LYS B 1435 -9.20 -6.60 42.84
C LYS B 1435 -9.54 -6.46 44.33
N TYR B 1436 -8.80 -7.19 45.16
CA TYR B 1436 -9.03 -7.25 46.59
C TYR B 1436 -8.11 -6.26 47.31
N GLU B 1437 -8.67 -5.44 48.19
CA GLU B 1437 -7.89 -4.43 48.90
C GLU B 1437 -7.84 -4.67 50.40
N ASN B 1438 -8.98 -4.74 51.09
CA ASN B 1438 -8.99 -4.80 52.55
C ASN B 1438 -10.06 -5.79 53.00
N GLY B 1439 -10.23 -5.88 54.31
CA GLY B 1439 -11.23 -6.75 54.90
C GLY B 1439 -10.64 -8.06 55.39
N PRO B 1440 -11.40 -8.80 56.20
CA PRO B 1440 -10.94 -10.11 56.64
C PRO B 1440 -10.76 -11.06 55.45
N GLU B 1441 -9.71 -11.88 55.52
CA GLU B 1441 -9.33 -12.68 54.36
C GLU B 1441 -10.43 -13.68 53.98
N TRP B 1442 -11.07 -14.30 54.97
CA TRP B 1442 -12.07 -15.33 54.71
C TRP B 1442 -13.08 -15.34 55.84
N LEU B 1443 -14.05 -16.24 55.72
CA LEU B 1443 -15.00 -16.53 56.79
C LEU B 1443 -14.50 -17.77 57.53
N ILE B 1444 -14.29 -17.63 58.85
CA ILE B 1444 -13.62 -18.67 59.60
C ILE B 1444 -14.48 -19.92 59.70
N THR B 1445 -15.63 -19.81 60.35
CA THR B 1445 -16.54 -20.94 60.57
C THR B 1445 -15.79 -22.13 61.18
N ARG B 1446 -15.34 -21.93 62.41
CA ARG B 1446 -14.64 -22.98 63.14
C ARG B 1446 -15.53 -24.21 63.27
N GLY B 1447 -14.98 -25.36 62.93
CA GLY B 1447 -15.75 -26.60 62.96
C GLY B 1447 -15.16 -27.62 62.00
N ASN B 1448 -16.03 -28.47 61.48
CA ASN B 1448 -15.62 -29.54 60.57
C ASN B 1448 -15.57 -29.02 59.13
N ASN B 1449 -14.81 -27.95 58.96
CA ASN B 1449 -14.58 -27.32 57.67
C ASN B 1449 -13.13 -26.90 57.61
N PRO B 1450 -12.57 -26.75 56.40
CA PRO B 1450 -11.17 -26.29 56.29
C PRO B 1450 -11.04 -24.79 56.50
N GLU B 1451 -11.77 -24.26 57.49
CA GLU B 1451 -11.56 -22.93 58.06
C GLU B 1451 -11.88 -21.77 57.11
N ARG B 1452 -12.18 -22.04 55.83
CA ARG B 1452 -12.65 -20.96 54.98
C ARG B 1452 -13.73 -21.39 53.98
N SER B 1453 -14.33 -22.57 54.14
CA SER B 1453 -15.29 -23.07 53.17
C SER B 1453 -16.58 -23.46 53.85
N LEU B 1454 -17.67 -23.39 53.10
CA LEU B 1454 -18.99 -23.79 53.56
C LEU B 1454 -19.60 -24.76 52.56
N THR B 1455 -20.35 -25.72 53.09
CA THR B 1455 -21.09 -26.68 52.25
C THR B 1455 -22.50 -26.13 52.06
N LEU B 1456 -22.73 -25.52 50.90
CA LEU B 1456 -24.03 -24.94 50.61
C LEU B 1456 -25.08 -26.02 50.43
N GLY B 1457 -26.34 -25.63 50.58
CA GLY B 1457 -27.44 -26.53 50.29
C GLY B 1457 -27.59 -26.77 48.81
N VAL B 1458 -28.50 -27.68 48.47
CA VAL B 1458 -28.75 -27.98 47.06
C VAL B 1458 -29.30 -26.76 46.35
N LEU B 1459 -28.76 -26.46 45.18
CA LEU B 1459 -29.21 -25.36 44.35
C LEU B 1459 -29.90 -25.97 43.14
N GLU B 1460 -31.19 -26.25 43.28
CA GLU B 1460 -31.95 -26.89 42.21
C GLU B 1460 -32.20 -25.91 41.08
N SER B 1461 -32.44 -26.47 39.89
CA SER B 1461 -32.71 -25.64 38.72
C SER B 1461 -34.02 -24.87 38.92
N PRO B 1462 -34.05 -23.59 38.56
CA PRO B 1462 -35.28 -22.81 38.72
C PRO B 1462 -36.39 -23.29 37.78
N ARG B 1463 -37.42 -23.89 38.35
CA ARG B 1463 -38.51 -24.43 37.53
C ARG B 1463 -39.45 -23.30 37.11
N PRO B 1464 -39.61 -23.06 35.81
CA PRO B 1464 -40.51 -22.01 35.32
C PRO B 1464 -41.98 -22.46 35.24
N ALA B 1465 -42.45 -23.12 36.29
CA ALA B 1465 -43.83 -23.55 36.38
C ALA B 1465 -44.56 -22.98 37.58
N PHE B 1466 -43.84 -22.68 38.67
CA PHE B 1466 -44.45 -22.03 39.83
C PHE B 1466 -44.94 -20.63 39.46
N SER B 1467 -44.15 -19.92 38.65
CA SER B 1467 -44.55 -18.57 38.22
C SER B 1467 -45.64 -18.63 37.15
N ILE B 1468 -45.69 -19.70 36.38
CA ILE B 1468 -46.69 -19.85 35.32
C ILE B 1468 -47.43 -21.15 35.54
N PRO B 1469 -48.39 -21.19 36.47
CA PRO B 1469 -49.10 -22.46 36.74
C PRO B 1469 -50.07 -22.85 35.63
N ASP B 1470 -50.63 -21.88 34.91
CA ASP B 1470 -51.61 -22.17 33.88
C ASP B 1470 -51.17 -21.56 32.56
N ASP B 1471 -51.70 -22.12 31.47
CA ASP B 1471 -51.35 -21.62 30.14
C ASP B 1471 -51.84 -20.19 29.93
N GLU B 1472 -52.93 -19.81 30.60
CA GLU B 1472 -53.43 -18.44 30.46
C GLU B 1472 -52.54 -17.44 31.18
N SER B 1473 -51.84 -17.86 32.23
CA SER B 1473 -50.98 -16.96 32.96
C SER B 1473 -49.78 -16.55 32.12
N GLU B 1474 -49.35 -15.30 32.29
CA GLU B 1474 -48.26 -14.73 31.52
C GLU B 1474 -46.97 -14.74 32.33
N ILE B 1475 -45.88 -14.37 31.68
CA ILE B 1475 -44.57 -14.35 32.33
C ILE B 1475 -44.51 -13.18 33.32
N PRO B 1476 -44.14 -13.42 34.57
CA PRO B 1476 -44.11 -12.31 35.54
C PRO B 1476 -43.09 -11.24 35.18
N GLY B 1477 -41.84 -11.61 34.95
CA GLY B 1477 -40.83 -10.65 34.59
C GLY B 1477 -39.48 -11.08 35.15
N ARG B 1478 -38.60 -10.10 35.32
CA ARG B 1478 -37.26 -10.36 35.82
C ARG B 1478 -37.30 -10.85 37.26
N LYS B 1479 -36.45 -11.83 37.57
CA LYS B 1479 -36.36 -12.41 38.89
C LYS B 1479 -35.23 -11.76 39.67
N PHE B 1480 -35.54 -11.30 40.88
CA PHE B 1480 -34.55 -10.69 41.76
C PHE B 1480 -34.57 -11.41 43.10
N TYR B 1481 -33.45 -11.31 43.82
CA TYR B 1481 -33.25 -12.03 45.07
C TYR B 1481 -33.17 -11.04 46.22
N LEU B 1482 -33.90 -11.32 47.29
CA LEU B 1482 -33.93 -10.43 48.44
C LEU B 1482 -32.63 -10.51 49.23
N HIS B 1483 -32.37 -9.44 49.98
CA HIS B 1483 -31.23 -9.41 50.88
C HIS B 1483 -31.68 -9.83 52.28
N HIS B 1484 -30.98 -10.81 52.85
CA HIS B 1484 -31.31 -11.29 54.18
C HIS B 1484 -30.08 -11.97 54.77
N ASN B 1485 -30.19 -12.34 56.04
CA ASN B 1485 -29.11 -13.02 56.77
C ASN B 1485 -29.37 -14.51 56.87
N GLY B 1486 -29.91 -15.11 55.81
CA GLY B 1486 -30.19 -16.54 55.79
C GLY B 1486 -28.97 -17.41 55.68
N TRP B 1487 -27.78 -16.83 55.58
CA TRP B 1487 -26.56 -17.63 55.58
C TRP B 1487 -26.21 -18.14 56.97
N ARG B 1488 -26.79 -17.57 58.02
CA ARG B 1488 -26.50 -18.05 59.38
C ARG B 1488 -26.96 -19.49 59.57
N ILE B 1489 -28.15 -19.83 59.05
CA ILE B 1489 -28.65 -21.18 59.24
C ILE B 1489 -27.79 -22.19 58.47
N ILE B 1490 -27.30 -21.81 57.29
CA ILE B 1490 -26.40 -22.69 56.55
C ILE B 1490 -25.08 -22.83 57.29
N ARG B 1491 -24.57 -21.73 57.84
CA ARG B 1491 -23.30 -21.77 58.56
C ARG B 1491 -23.39 -22.64 59.81
N GLN B 1492 -24.51 -22.57 60.53
CA GLN B 1492 -24.66 -23.33 61.76
C GLN B 1492 -25.07 -24.78 61.51
N LYS B 1493 -25.69 -25.08 60.37
CA LYS B 1493 -26.11 -26.44 60.04
C LYS B 1493 -25.11 -27.15 59.13
N GLN B 1494 -23.82 -26.85 59.29
CA GLN B 1494 -22.81 -27.49 58.47
C GLN B 1494 -22.75 -28.99 58.73
N LEU B 1495 -22.83 -29.39 60.00
CA LEU B 1495 -22.75 -30.81 60.33
C LEU B 1495 -23.99 -31.57 59.89
N GLU B 1496 -25.15 -30.92 59.87
CA GLU B 1496 -26.40 -31.57 59.54
C GLU B 1496 -26.76 -31.46 58.06
N ILE B 1497 -25.90 -30.86 57.24
CA ILE B 1497 -26.19 -30.70 55.83
C ILE B 1497 -25.40 -31.66 54.94
N ARG B 1498 -24.20 -32.08 55.34
CA ARG B 1498 -23.44 -33.07 54.59
C ARG B 1498 -23.66 -34.49 55.09
N GLU B 1499 -24.38 -34.66 56.21
CA GLU B 1499 -24.71 -35.97 56.73
C GLU B 1499 -26.03 -36.50 56.19
N THR B 1500 -26.71 -35.73 55.34
CA THR B 1500 -28.00 -36.14 54.79
C THR B 1500 -27.78 -36.97 53.53
N VAL B 1501 -28.86 -37.27 52.82
CA VAL B 1501 -28.80 -38.06 51.60
C VAL B 1501 -28.31 -37.18 50.45
N GLN B 1502 -27.95 -37.81 49.33
CA GLN B 1502 -27.50 -37.13 48.12
C GLN B 1502 -26.28 -36.26 48.41
N PRO B 1503 -25.11 -36.87 48.65
CA PRO B 1503 -23.92 -36.07 48.93
C PRO B 1503 -23.24 -35.53 47.68
N GLU B 1504 -23.73 -35.87 46.49
CA GLU B 1504 -23.13 -35.41 45.26
C GLU B 1504 -23.67 -34.07 44.78
N ARG B 1505 -24.91 -33.73 45.15
CA ARG B 1505 -25.53 -32.50 44.72
C ARG B 1505 -25.16 -31.31 45.60
N ASN B 1506 -24.50 -31.53 46.73
CA ASN B 1506 -24.03 -30.43 47.57
C ASN B 1506 -22.73 -29.88 47.01
N VAL B 1507 -22.46 -28.61 47.31
CA VAL B 1507 -21.28 -27.91 46.82
C VAL B 1507 -20.55 -27.30 48.01
N THR B 1508 -19.25 -27.55 48.10
CA THR B 1508 -18.40 -26.96 49.12
C THR B 1508 -17.46 -25.98 48.44
N THR B 1509 -17.44 -24.73 48.91
CA THR B 1509 -16.68 -23.69 48.24
C THR B 1509 -16.19 -22.68 49.26
N GLU B 1510 -15.16 -21.94 48.87
CA GLU B 1510 -14.58 -20.92 49.74
C GLU B 1510 -15.45 -19.68 49.76
N VAL B 1511 -15.66 -19.13 50.96
CA VAL B 1511 -16.40 -17.89 51.15
C VAL B 1511 -15.56 -16.97 52.02
N MET B 1512 -15.82 -15.67 51.89
CA MET B 1512 -15.13 -14.66 52.69
C MET B 1512 -16.13 -13.79 53.42
N ASP B 1513 -15.73 -13.31 54.58
CA ASP B 1513 -16.62 -12.59 55.48
C ASP B 1513 -17.04 -11.25 54.90
N LYS B 1514 -18.13 -10.71 55.44
CA LYS B 1514 -18.60 -9.39 55.04
C LYS B 1514 -17.62 -8.32 55.49
N GLY B 1515 -17.63 -7.20 54.76
CA GLY B 1515 -16.71 -6.12 55.03
C GLY B 1515 -15.48 -6.09 54.14
N ASN B 1516 -15.41 -6.93 53.12
CA ASN B 1516 -14.29 -6.93 52.21
C ASN B 1516 -14.45 -5.86 51.14
N VAL B 1517 -13.35 -5.20 50.80
CA VAL B 1517 -13.36 -4.07 49.89
C VAL B 1517 -12.75 -4.51 48.57
N PHE B 1518 -13.54 -4.44 47.50
CA PHE B 1518 -13.09 -4.70 46.15
C PHE B 1518 -13.20 -3.42 45.33
N SER B 1519 -12.14 -3.07 44.63
CA SER B 1519 -12.10 -1.85 43.83
C SER B 1519 -11.97 -2.22 42.35
N PHE B 1520 -12.87 -1.68 41.53
CA PHE B 1520 -12.86 -1.92 40.10
C PHE B 1520 -13.19 -0.63 39.37
N ASP B 1521 -12.91 -0.61 38.07
CA ASP B 1521 -13.15 0.53 37.22
C ASP B 1521 -14.28 0.22 36.25
N VAL B 1522 -15.06 1.25 35.91
CA VAL B 1522 -16.13 1.15 34.93
C VAL B 1522 -15.83 2.20 33.87
N ARG B 1523 -15.11 1.80 32.82
CA ARG B 1523 -14.73 2.73 31.76
C ARG B 1523 -15.90 2.93 30.83
N PHE B 1524 -16.43 4.16 30.79
CA PHE B 1524 -17.51 4.52 29.90
C PHE B 1524 -17.00 5.40 28.79
N GLU B 1525 -17.80 5.54 27.73
CA GLU B 1525 -17.34 6.20 26.52
C GLU B 1525 -18.53 6.65 25.70
N ASN B 1526 -18.53 7.92 25.32
CA ASN B 1526 -19.57 8.50 24.46
C ASN B 1526 -20.96 8.30 25.04
N LEU B 1527 -21.10 8.57 26.34
CA LEU B 1527 -22.42 8.50 26.96
C LEU B 1527 -23.14 9.83 26.87
N ARG B 1528 -24.46 9.76 26.82
CA ARG B 1528 -25.27 10.96 26.87
C ARG B 1528 -25.23 11.55 28.28
N GLU B 1529 -25.81 12.75 28.41
CA GLU B 1529 -25.81 13.43 29.69
C GLU B 1529 -26.57 12.62 30.74
N TRP B 1530 -27.71 12.04 30.36
CA TRP B 1530 -28.52 11.27 31.27
C TRP B 1530 -28.09 9.82 31.40
N GLU B 1531 -27.42 9.26 30.38
CA GLU B 1531 -26.96 7.88 30.46
C GLU B 1531 -25.92 7.72 31.57
N LEU B 1532 -25.00 8.68 31.70
CA LEU B 1532 -24.03 8.62 32.77
C LEU B 1532 -24.69 8.70 34.14
N GLY B 1533 -25.71 9.56 34.27
CA GLY B 1533 -26.43 9.65 35.53
C GLY B 1533 -27.15 8.37 35.87
N LEU B 1534 -27.77 7.74 34.88
CA LEU B 1534 -28.43 6.45 35.12
C LEU B 1534 -27.43 5.37 35.50
N LEU B 1535 -26.26 5.37 34.86
CA LEU B 1535 -25.22 4.42 35.21
C LEU B 1535 -24.74 4.65 36.65
N LEU B 1536 -24.57 5.91 37.04
CA LEU B 1536 -24.15 6.21 38.41
C LEU B 1536 -25.21 5.78 39.41
N GLN B 1537 -26.48 6.00 39.08
CA GLN B 1537 -27.56 5.54 39.96
C GLN B 1537 -27.56 4.03 40.08
N SER B 1538 -27.31 3.33 38.97
CA SER B 1538 -27.22 1.88 39.03
C SER B 1538 -26.06 1.42 39.90
N LEU B 1539 -24.91 2.09 39.79
CA LEU B 1539 -23.75 1.70 40.57
C LEU B 1539 -23.97 1.94 42.06
N ASP B 1540 -24.40 3.15 42.42
CA ASP B 1540 -24.62 3.52 43.82
C ASP B 1540 -26.02 4.10 43.96
N PRO B 1541 -27.03 3.24 44.13
CA PRO B 1541 -28.42 3.72 44.24
C PRO B 1541 -28.77 4.34 45.59
N GLY B 1542 -27.80 4.63 46.44
CA GLY B 1542 -28.05 5.34 47.68
C GLY B 1542 -27.84 4.45 48.90
N LYS B 1543 -28.28 4.96 50.04
CA LYS B 1543 -28.20 4.22 51.29
C LYS B 1543 -29.16 3.03 51.26
N ASN B 1544 -28.91 2.08 52.17
CA ASN B 1544 -29.71 0.89 52.46
C ASN B 1544 -30.25 0.22 51.19
N ILE B 1545 -29.49 0.32 50.09
CA ILE B 1545 -29.82 -0.37 48.84
C ILE B 1545 -28.54 -0.97 48.29
N ALA B 1546 -28.56 -2.27 48.03
CA ALA B 1546 -27.37 -2.99 47.58
C ALA B 1546 -27.77 -4.02 46.55
N HIS B 1547 -26.77 -4.54 45.84
CA HIS B 1547 -26.97 -5.52 44.79
C HIS B 1547 -26.69 -6.93 45.30
N LYS B 1548 -27.09 -7.92 44.50
CA LYS B 1548 -26.81 -9.32 44.76
C LYS B 1548 -25.81 -9.81 43.72
N LEU B 1549 -24.73 -10.43 44.19
CA LEU B 1549 -23.66 -10.89 43.31
C LEU B 1549 -23.13 -12.24 43.77
N GLY B 1550 -22.89 -13.12 42.82
CA GLY B 1550 -22.24 -14.39 43.10
C GLY B 1550 -23.22 -15.51 43.38
N LYS B 1551 -22.64 -16.64 43.78
CA LYS B 1551 -23.40 -17.86 44.04
C LYS B 1551 -24.18 -17.76 45.36
N GLY B 1552 -25.20 -18.59 45.47
CA GLY B 1552 -25.99 -18.66 46.69
C GLY B 1552 -26.80 -17.42 47.01
N LYS B 1553 -27.33 -16.75 45.99
CA LYS B 1553 -28.19 -15.60 46.24
C LYS B 1553 -29.45 -15.96 47.05
N PRO B 1554 -30.17 -17.04 46.74
CA PRO B 1554 -31.37 -17.35 47.56
C PRO B 1554 -31.06 -17.65 49.01
N TYR B 1555 -29.82 -18.01 49.34
CA TYR B 1555 -29.43 -18.25 50.71
C TYR B 1555 -28.93 -17.00 51.41
N GLY B 1556 -29.01 -15.85 50.76
CA GLY B 1556 -28.55 -14.60 51.33
C GLY B 1556 -27.10 -14.28 51.10
N PHE B 1557 -26.35 -15.16 50.45
CA PHE B 1557 -24.95 -14.90 50.16
C PHE B 1557 -24.82 -13.84 49.08
N GLY B 1558 -23.74 -13.06 49.17
CA GLY B 1558 -23.41 -12.10 48.13
C GLY B 1558 -24.32 -10.90 48.06
N SER B 1559 -24.33 -10.08 49.11
CA SER B 1559 -24.99 -8.79 49.10
C SER B 1559 -23.90 -7.73 49.10
N VAL B 1560 -23.69 -7.10 47.95
CA VAL B 1560 -22.57 -6.19 47.75
C VAL B 1560 -23.09 -4.77 47.62
N LYS B 1561 -22.41 -3.84 48.29
CA LYS B 1561 -22.72 -2.42 48.20
C LYS B 1561 -21.58 -1.72 47.47
N ILE B 1562 -21.92 -0.99 46.41
CA ILE B 1562 -20.95 -0.31 45.57
C ILE B 1562 -21.00 1.17 45.87
N LYS B 1563 -19.86 1.75 46.22
CA LYS B 1563 -19.74 3.18 46.47
C LYS B 1563 -18.83 3.79 45.42
N ILE B 1564 -19.32 4.81 44.73
CA ILE B 1564 -18.55 5.46 43.68
C ILE B 1564 -17.43 6.28 44.32
N ASP B 1565 -16.21 5.76 44.30
CA ASP B 1565 -15.09 6.45 44.93
C ASP B 1565 -14.78 7.76 44.22
N SER B 1566 -14.78 7.76 42.89
CA SER B 1566 -14.50 8.96 42.13
C SER B 1566 -15.00 8.77 40.71
N LEU B 1567 -15.10 9.88 39.98
CA LEU B 1567 -15.44 9.86 38.57
C LEU B 1567 -14.50 10.79 37.83
N HIS B 1568 -14.11 10.41 36.62
CA HIS B 1568 -13.24 11.21 35.78
C HIS B 1568 -13.83 11.31 34.38
N THR B 1569 -13.50 12.41 33.70
CA THR B 1569 -14.02 12.66 32.37
C THR B 1569 -12.97 13.42 31.56
N PHE B 1570 -12.75 12.97 30.34
CA PHE B 1570 -11.81 13.59 29.42
C PHE B 1570 -12.54 14.06 28.17
N LYS B 1571 -11.97 15.07 27.51
CA LYS B 1571 -12.57 15.64 26.30
C LYS B 1571 -11.45 15.96 25.32
N ILE B 1572 -11.83 16.56 24.20
CA ILE B 1572 -10.88 16.98 23.17
C ILE B 1572 -10.88 18.51 23.13
N ASN B 1573 -9.70 19.10 23.31
CA ASN B 1573 -9.54 20.54 23.30
C ASN B 1573 -8.29 20.91 22.51
N SER B 1574 -8.28 22.16 22.02
CA SER B 1574 -7.12 22.64 21.29
C SER B 1574 -5.87 22.72 22.16
N ASN B 1575 -6.04 22.84 23.48
CA ASN B 1575 -4.92 22.87 24.41
C ASN B 1575 -4.54 21.49 24.92
N ASN B 1576 -5.15 20.43 24.40
CA ASN B 1576 -4.89 19.06 24.80
C ASN B 1576 -5.18 18.86 26.29
N ASP B 1577 -6.43 19.11 26.66
CA ASP B 1577 -6.85 18.93 28.04
C ASP B 1577 -6.78 17.46 28.43
N LYS B 1578 -6.23 17.20 29.62
CA LYS B 1578 -6.05 15.85 30.11
C LYS B 1578 -7.28 15.39 30.87
N ILE B 1579 -7.17 14.26 31.57
CA ILE B 1579 -8.28 13.74 32.35
C ILE B 1579 -8.55 14.67 33.53
N LYS B 1580 -9.82 14.96 33.77
CA LYS B 1580 -10.23 15.79 34.89
C LYS B 1580 -11.41 15.13 35.60
N ARG B 1581 -11.42 15.23 36.93
CA ARG B 1581 -12.47 14.61 37.73
C ARG B 1581 -13.59 15.60 38.00
N VAL B 1582 -14.82 15.14 37.83
CA VAL B 1582 -16.00 16.00 38.00
C VAL B 1582 -16.26 16.21 39.48
N PRO B 1583 -16.80 17.35 39.88
CA PRO B 1583 -17.18 17.56 41.28
C PRO B 1583 -18.50 16.88 41.59
N GLN B 1584 -18.92 16.99 42.85
CA GLN B 1584 -20.18 16.40 43.29
C GLN B 1584 -21.37 17.03 42.57
N SER B 1585 -21.29 18.33 42.27
CA SER B 1585 -22.41 19.02 41.63
C SER B 1585 -22.71 18.44 40.26
N ASP B 1586 -21.66 18.15 39.46
CA ASP B 1586 -21.88 17.58 38.14
C ASP B 1586 -22.50 16.19 38.23
N ILE B 1587 -22.05 15.38 39.19
CA ILE B 1587 -22.63 14.05 39.37
C ILE B 1587 -24.10 14.16 39.75
N ARG B 1588 -24.42 15.09 40.66
CA ARG B 1588 -25.81 15.30 41.04
C ARG B 1588 -26.64 15.74 39.84
N GLU B 1589 -26.09 16.62 39.00
CA GLU B 1589 -26.80 17.06 37.81
C GLU B 1589 -27.05 15.90 36.85
N TYR B 1590 -26.05 15.05 36.65
CA TYR B 1590 -26.22 13.88 35.79
C TYR B 1590 -27.31 12.96 36.32
N ILE B 1591 -27.30 12.70 37.62
CA ILE B 1591 -28.31 11.83 38.22
C ILE B 1591 -29.70 12.44 38.08
N ASN B 1592 -29.81 13.76 38.31
CA ASN B 1592 -31.09 14.43 38.18
C ASN B 1592 -31.60 14.35 36.75
N LYS B 1593 -30.71 14.56 35.76
CA LYS B 1593 -31.14 14.52 34.38
C LYS B 1593 -31.53 13.11 33.95
N GLY B 1594 -30.85 12.10 34.47
CA GLY B 1594 -31.31 10.73 34.26
C GLY B 1594 -32.68 10.49 34.87
N TYR B 1595 -32.94 11.09 36.03
CA TYR B 1595 -34.26 10.99 36.63
C TYR B 1595 -35.32 11.63 35.74
N GLN B 1596 -35.03 12.81 35.19
CA GLN B 1596 -36.00 13.43 34.28
C GLN B 1596 -36.19 12.61 33.01
N LYS B 1597 -35.13 11.97 32.52
CA LYS B 1597 -35.28 11.06 31.38
C LYS B 1597 -36.20 9.90 31.72
N LEU B 1598 -36.04 9.33 32.92
CA LEU B 1598 -36.93 8.26 33.35
C LEU B 1598 -38.37 8.75 33.45
N ILE B 1599 -38.57 9.97 33.95
CA ILE B 1599 -39.91 10.55 34.01
C ILE B 1599 -40.48 10.69 32.60
N GLU B 1600 -39.67 11.18 31.66
CA GLU B 1600 -40.13 11.35 30.29
C GLU B 1600 -40.55 10.01 29.69
N TRP B 1601 -39.76 8.96 29.93
CA TRP B 1601 -40.14 7.63 29.45
C TRP B 1601 -41.43 7.16 30.11
N SER B 1602 -41.59 7.44 31.41
CA SER B 1602 -42.82 7.04 32.10
C SER B 1602 -44.03 7.75 31.53
N GLY B 1603 -43.90 9.04 31.22
CA GLY B 1603 -45.01 9.80 30.67
C GLY B 1603 -44.71 11.29 30.53
N VAL B 1612 -35.44 19.19 44.97
CA VAL B 1612 -34.32 19.06 44.05
C VAL B 1612 -33.77 17.63 44.11
N LEU B 1613 -33.79 17.04 45.30
CA LEU B 1613 -33.30 15.67 45.45
C LEU B 1613 -34.26 14.71 44.76
N PRO B 1614 -33.77 13.86 43.87
CA PRO B 1614 -34.67 12.94 43.16
C PRO B 1614 -35.28 11.91 44.10
N GLN B 1615 -36.51 11.50 43.78
CA GLN B 1615 -37.24 10.50 44.54
C GLN B 1615 -37.62 9.38 43.58
N TRP B 1616 -36.84 8.29 43.61
CA TRP B 1616 -37.02 7.21 42.64
C TRP B 1616 -38.24 6.35 42.91
N HIS B 1617 -38.74 6.34 44.15
CA HIS B 1617 -39.88 5.48 44.48
C HIS B 1617 -41.18 5.96 43.86
N VAL B 1618 -41.21 7.16 43.28
CA VAL B 1618 -42.43 7.65 42.66
C VAL B 1618 -42.78 6.83 41.42
N ILE B 1619 -41.79 6.26 40.75
CA ILE B 1619 -42.05 5.43 39.58
C ILE B 1619 -42.63 4.09 40.04
N PRO B 1620 -43.71 3.60 39.41
CA PRO B 1620 -44.31 2.34 39.86
C PRO B 1620 -43.35 1.16 39.86
N HIS B 1621 -42.46 1.07 38.88
CA HIS B 1621 -41.58 -0.09 38.79
C HIS B 1621 -40.24 0.11 39.49
N ILE B 1622 -39.73 1.34 39.51
CA ILE B 1622 -38.50 1.60 40.26
C ILE B 1622 -38.72 1.39 41.75
N ASP B 1623 -39.94 1.68 42.23
CA ASP B 1623 -40.26 1.41 43.63
C ASP B 1623 -40.14 -0.08 43.93
N LYS B 1624 -40.69 -0.92 43.06
CA LYS B 1624 -40.59 -2.36 43.26
C LYS B 1624 -39.15 -2.84 43.16
N LEU B 1625 -38.39 -2.28 42.21
CA LEU B 1625 -36.98 -2.63 42.08
C LEU B 1625 -36.21 -2.33 43.36
N TYR B 1626 -36.42 -1.13 43.91
CA TYR B 1626 -35.68 -0.72 45.09
C TYR B 1626 -36.17 -1.46 46.34
N LYS B 1627 -37.44 -1.87 46.36
CA LYS B 1627 -37.89 -2.78 47.40
C LYS B 1627 -37.17 -4.11 47.32
N LEU B 1628 -36.99 -4.62 46.10
CA LEU B 1628 -36.28 -5.87 45.90
C LEU B 1628 -34.82 -5.75 46.35
N LEU B 1629 -34.18 -4.63 46.05
CA LEU B 1629 -32.78 -4.43 46.39
C LEU B 1629 -32.60 -3.61 47.66
N TRP B 1630 -33.51 -3.72 48.62
CA TRP B 1630 -33.42 -2.98 49.88
C TRP B 1630 -32.89 -3.89 50.97
N VAL B 1631 -31.79 -3.49 51.60
CA VAL B 1631 -31.22 -4.24 52.71
C VAL B 1631 -31.85 -3.76 54.01
N PRO B 1632 -32.46 -4.65 54.80
CA PRO B 1632 -33.12 -4.21 56.03
C PRO B 1632 -32.18 -4.17 57.23
N PHE B 1633 -31.03 -4.84 57.11
CA PHE B 1633 -30.09 -4.97 58.21
C PHE B 1633 -28.90 -4.01 58.11
N LEU B 1634 -28.99 -3.01 57.23
CA LEU B 1634 -27.88 -2.08 57.08
C LEU B 1634 -27.64 -1.29 58.37
N ASN B 1635 -28.72 -0.79 58.97
CA ASN B 1635 -28.61 -0.05 60.22
C ASN B 1635 -29.61 -0.47 61.29
N ASP B 1636 -30.72 -1.12 60.93
CA ASP B 1636 -31.74 -1.52 61.88
C ASP B 1636 -31.30 -2.81 62.55
N SER B 1637 -30.77 -2.70 63.77
CA SER B 1637 -30.31 -3.88 64.49
C SER B 1637 -31.48 -4.81 64.83
N LYS B 1638 -32.63 -4.23 65.18
CA LYS B 1638 -33.79 -5.05 65.53
C LYS B 1638 -34.28 -5.86 64.33
N LEU B 1639 -34.22 -5.28 63.14
CA LEU B 1639 -34.72 -5.96 61.95
C LEU B 1639 -33.81 -7.12 61.57
N GLU B 1640 -34.41 -8.29 61.34
CA GLU B 1640 -33.69 -9.48 60.91
C GLU B 1640 -34.67 -10.46 60.28
N PRO B 1641 -35.17 -10.17 59.08
CA PRO B 1641 -36.18 -11.03 58.47
C PRO B 1641 -35.62 -12.41 58.15
N ASP B 1642 -36.50 -13.41 58.22
CA ASP B 1642 -36.16 -14.79 57.93
C ASP B 1642 -36.69 -15.15 56.55
N VAL B 1643 -35.79 -15.52 55.65
CA VAL B 1643 -36.13 -15.86 54.27
C VAL B 1643 -35.69 -17.30 54.03
N ARG B 1644 -36.64 -18.16 53.67
CA ARG B 1644 -36.36 -19.56 53.41
C ARG B 1644 -37.21 -20.05 52.27
N TYR B 1645 -36.72 -21.08 51.58
CA TYR B 1645 -37.52 -21.76 50.57
C TYR B 1645 -38.50 -22.71 51.24
N PRO B 1646 -39.78 -22.67 50.90
CA PRO B 1646 -40.75 -23.57 51.53
C PRO B 1646 -40.40 -25.02 51.29
N VAL B 1647 -40.64 -25.84 52.31
CA VAL B 1647 -40.29 -27.25 52.28
C VAL B 1647 -41.27 -28.01 51.41
N LEU B 1648 -40.76 -28.91 50.56
CA LEU B 1648 -41.62 -29.76 49.75
C LEU B 1648 -42.47 -30.65 50.64
N ASN B 1649 -41.83 -31.54 51.40
CA ASN B 1649 -42.54 -32.38 52.36
C ASN B 1649 -41.57 -33.03 53.34
N GLU B 1650 -41.74 -32.73 54.63
CA GLU B 1650 -40.99 -33.36 55.72
C GLU B 1650 -39.48 -33.34 55.46
N GLU B 1651 -38.94 -32.13 55.36
CA GLU B 1651 -37.49 -31.93 55.27
C GLU B 1651 -36.96 -31.16 56.48
N SER B 1652 -37.52 -29.97 56.75
CA SER B 1652 -37.14 -29.21 57.94
C SER B 1652 -38.31 -28.29 58.27
N LYS B 1653 -39.11 -28.68 59.25
CA LYS B 1653 -40.30 -27.95 59.66
C LYS B 1653 -40.11 -27.29 61.03
N GLY B 1654 -38.89 -26.84 61.31
CA GLY B 1654 -38.60 -26.20 62.58
C GLY B 1654 -38.58 -24.68 62.49
N ASP B 1660 -47.59 -25.13 58.49
CA ASP B 1660 -47.84 -24.67 57.13
C ASP B 1660 -46.53 -24.46 56.37
N TYR B 1661 -46.57 -23.57 55.37
CA TYR B 1661 -45.40 -23.24 54.55
C TYR B 1661 -44.81 -24.49 53.90
N THR B 1662 -45.67 -25.23 53.20
CA THR B 1662 -45.30 -26.50 52.61
C THR B 1662 -45.92 -26.63 51.23
N TYR B 1663 -45.16 -27.17 50.28
CA TYR B 1663 -45.67 -27.44 48.95
C TYR B 1663 -46.73 -28.54 48.91
N LYS B 1664 -46.92 -29.27 50.02
CA LYS B 1664 -47.98 -30.27 50.06
C LYS B 1664 -49.33 -29.63 49.80
N LYS B 1665 -49.59 -28.47 50.40
CA LYS B 1665 -50.77 -27.66 50.10
C LYS B 1665 -50.32 -26.22 49.83
N LEU B 1666 -49.86 -25.97 48.60
CA LEU B 1666 -49.64 -24.61 48.12
C LEU B 1666 -50.13 -24.36 46.71
N GLY B 1667 -50.28 -25.39 45.87
CA GLY B 1667 -50.79 -25.20 44.53
C GLY B 1667 -52.26 -25.53 44.42
N ASP B 1668 -52.83 -26.06 45.49
CA ASP B 1668 -54.25 -26.39 45.51
C ASP B 1668 -55.10 -25.13 45.44
N LYS B 1669 -56.18 -25.18 44.65
CA LYS B 1669 -57.05 -24.03 44.53
C LYS B 1669 -57.70 -23.68 45.87
N ASP B 1670 -58.10 -24.70 46.63
CA ASP B 1670 -58.68 -24.44 47.95
C ASP B 1670 -57.66 -23.82 48.89
N ASN B 1671 -56.41 -24.30 48.85
CA ASN B 1671 -55.39 -23.77 49.74
C ASN B 1671 -54.92 -22.39 49.29
N LEU B 1672 -54.50 -22.28 48.03
CA LEU B 1672 -54.03 -21.01 47.50
C LEU B 1672 -54.26 -20.94 45.99
N PRO B 1673 -55.17 -20.08 45.53
CA PRO B 1673 -55.44 -19.99 44.09
C PRO B 1673 -54.23 -19.45 43.33
N TYR B 1674 -54.17 -19.82 42.05
CA TYR B 1674 -53.03 -19.44 41.21
C TYR B 1674 -52.93 -17.93 41.05
N LYS B 1675 -54.07 -17.25 40.87
CA LYS B 1675 -54.06 -15.82 40.63
C LYS B 1675 -53.55 -15.03 41.83
N THR B 1676 -53.65 -15.59 43.04
CA THR B 1676 -53.09 -14.91 44.20
C THR B 1676 -51.61 -15.20 44.37
N ARG B 1677 -51.18 -16.43 44.05
CA ARG B 1677 -49.78 -16.77 44.21
C ARG B 1677 -48.92 -16.12 43.14
N VAL B 1678 -49.47 -15.88 41.95
CA VAL B 1678 -48.72 -15.14 40.93
C VAL B 1678 -48.58 -13.67 41.34
N LYS B 1679 -49.62 -13.09 41.92
CA LYS B 1679 -49.54 -11.71 42.40
C LYS B 1679 -48.57 -11.59 43.56
N GLY B 1680 -48.56 -12.57 44.47
CA GLY B 1680 -47.62 -12.54 45.58
C GLY B 1680 -46.18 -12.66 45.14
N LEU B 1681 -45.94 -13.34 44.02
CA LEU B 1681 -44.59 -13.45 43.48
C LEU B 1681 -44.12 -12.15 42.85
N THR B 1682 -45.04 -11.30 42.39
CA THR B 1682 -44.68 -10.05 41.75
C THR B 1682 -44.60 -8.87 42.71
N THR B 1683 -45.00 -9.06 43.96
CA THR B 1683 -44.93 -7.99 44.96
C THR B 1683 -43.74 -8.23 45.88
N PRO B 1684 -42.72 -7.37 45.83
CA PRO B 1684 -41.52 -7.61 46.65
C PRO B 1684 -41.83 -7.63 48.13
N TRP B 1685 -41.12 -8.49 48.86
CA TRP B 1685 -41.20 -8.60 50.32
C TRP B 1685 -42.61 -8.92 50.79
N SER B 1686 -43.36 -9.66 50.00
CA SER B 1686 -44.68 -10.11 50.43
C SER B 1686 -44.54 -11.29 51.36
N PRO B 1687 -45.10 -11.23 52.57
CA PRO B 1687 -44.99 -12.37 53.49
C PRO B 1687 -45.67 -13.61 52.94
N TRP B 1688 -45.06 -14.76 53.20
CA TRP B 1688 -45.62 -16.06 52.82
C TRP B 1688 -46.00 -16.93 54.01
N ASN B 1689 -45.66 -16.52 55.23
CA ASN B 1689 -45.99 -17.27 56.44
C ASN B 1689 -45.47 -18.70 56.40
ZN ZN D . 17.48 5.13 -13.52
ZN ZN E . 38.71 -7.46 -35.62
ZN ZN F . -8.82 9.41 4.88
ZN ZN G . -33.36 -4.78 23.72
#